data_3RAD
#
_entry.id   3RAD
#
_cell.length_a   157.128
_cell.length_b   157.128
_cell.length_c   211.091
_cell.angle_alpha   90.00
_cell.angle_beta   90.00
_cell.angle_gamma   120.00
#
_symmetry.space_group_name_H-M   'P 31 2 1'
#
loop_
_entity.id
_entity.type
_entity.pdbx_description
1 polymer 'DNA topoisomerase 4 subunit A'
2 polymer 'DNA topoisomerase 4 subunit B'
3 polymer "5'-D(*CP*AP*TP*GP*AP*AP*T)-3'"
4 polymer "5'-D(P*AP*GP*TP*CP*AP*TP*TP*CP*AP*TP*G)-3'"
5 polymer "5'-D(*CP*GP*TP*GP*CP*AP*T)-3'"
6 polymer "5'-D(P*GP*AP*CP*TP*AP*TP*GP*CP*AP*CP*G)-3'"
7 non-polymer 'MAGNESIUM ION'
8 non-polymer '7-[(3R)-3-aminopyrrolidin-1-yl]-8-chloro-1-cyclopropyl-6-fluoro-4-oxo-1,4-dihydroquinoline-3-carboxylic acid'
9 water water
#
loop_
_entity_poly.entity_id
_entity_poly.type
_entity_poly.pdbx_seq_one_letter_code
_entity_poly.pdbx_strand_id
1 'polypeptide(L)'
;MSNIQNMSLEDIMGERFGRYSKYIIQDRALPDIRDGLKPVQRRILYSMNKDSNTFDKSYRKSAKSVGNIMGNFHPHGDSS
IYDAMVRMSQNWKNREILVEMHGNNGSMDGDPPAAMRYTEARLSEIAGYLLQDIEKKTVPFAWNFDDTEKEPTVLPAAFP
NLLVNGSTGISAGYATDIPPHNLAEVIDAAVYMIDHPTAKIDKLMEFLPGPDFPTGAIIQGRDEIKKAYETGKGRVVVRS
KTEIEKLKGGKEQIVITEIPYEINKANLVKKIDDVRVNNKVAGIAEVRDESDRDGLRIAIELKKDANTELVLNYLFKYTD
LQINYNFNMVAIDNFTPRQVGIVPILSSYIAHRREVILARSRFDKEKAEKRLHIVEGLIRVISILDEVIALIRASENKAD
AKENLKVSYDFTEEQAEAIVTLQLYRLTNTDVVVLQEEEAELREKIAMLAAIIGDERTMYNLMKKELREVKKKFATPRLS
SLEDTAKALEHHHHHH
;
A,B
2 'polypeptide(L)'
;MGHHHHHHHHHHSSGHIDDDDKHMKNKKDKGLLSGKLTPAQSKNPAKNELYLVEGDSAGGSAKQGRDRKFQAILPLRGKV
INTAKAKMADILKNEEINTMIYTIGAGVGADFSIEDANYDKIIIMTDADTDGAHIQTLLLTFFYRYMRPLVEAGHVYIAL
PPLYKMSKGKGKKEEVAYAWTDGELEELRKQFGKGATLQRYKGLGEMNADQLWETTMNPETRTLIRVTIEDLARAERRVN
VLMGDKVEPRRKWIEDNVKFTLEEATVF
;
C,D
3 'polydeoxyribonucleotide' (DC)(DA)(DT)(DG)(DA)(DA)(DT) E
4 'polydeoxyribonucleotide' (DA)(DG)(DT)(DC)(DA)(DT)(DT)(DC)(DA)(DT)(DG) F
5 'polydeoxyribonucleotide' (DC)(DG)(DT)(DG)(DC)(DA)(DT) G
6 'polydeoxyribonucleotide' (DG)(DA)(DC)(DT)(DA)(DT)(DG)(DC)(DA)(DC)(DG) H
#
# COMPACT_ATOMS: atom_id res chain seq x y z
N ASN A 3 -35.17 -19.84 -0.83
CA ASN A 3 -34.61 -20.85 -1.73
C ASN A 3 -34.39 -20.34 -3.17
N ILE A 4 -34.61 -21.22 -4.16
CA ILE A 4 -34.15 -21.00 -5.53
C ILE A 4 -35.02 -20.14 -6.46
N GLN A 5 -34.39 -19.60 -7.49
CA GLN A 5 -35.05 -18.90 -8.59
C GLN A 5 -34.32 -19.21 -9.89
N ASN A 6 -35.05 -19.63 -10.91
CA ASN A 6 -34.43 -20.11 -12.15
C ASN A 6 -34.24 -18.98 -13.18
N MET A 7 -33.18 -19.09 -14.00
CA MET A 7 -32.95 -18.16 -15.11
C MET A 7 -32.42 -18.95 -16.32
N SER A 8 -32.67 -18.43 -17.53
CA SER A 8 -32.22 -19.09 -18.76
C SER A 8 -30.69 -19.02 -18.88
N LEU A 9 -30.07 -20.02 -19.49
CA LEU A 9 -28.67 -19.86 -19.89
C LEU A 9 -28.52 -18.70 -20.86
N GLU A 10 -29.57 -18.43 -21.65
CA GLU A 10 -29.58 -17.33 -22.60
C GLU A 10 -29.72 -15.95 -21.94
N ASP A 11 -30.10 -15.94 -20.66
CA ASP A 11 -30.29 -14.70 -19.91
C ASP A 11 -29.13 -14.39 -18.96
N ILE A 12 -28.70 -15.38 -18.19
CA ILE A 12 -27.61 -15.17 -17.23
C ILE A 12 -26.30 -14.85 -17.96
N MET A 13 -26.21 -15.18 -19.24
CA MET A 13 -25.05 -14.78 -20.05
C MET A 13 -25.30 -13.42 -20.65
N GLY A 14 -26.47 -12.85 -20.37
CA GLY A 14 -26.85 -11.58 -20.95
C GLY A 14 -26.61 -10.42 -20.01
N GLU A 15 -27.09 -10.53 -18.78
CA GLU A 15 -26.89 -9.50 -17.74
C GLU A 15 -25.51 -9.62 -17.11
N ARG A 16 -24.70 -10.51 -17.66
CA ARG A 16 -23.33 -10.66 -17.21
C ARG A 16 -22.40 -10.05 -18.24
N PHE A 17 -22.25 -10.73 -19.38
CA PHE A 17 -21.27 -10.30 -20.37
C PHE A 17 -21.54 -8.89 -20.88
N GLY A 18 -22.79 -8.48 -20.81
CA GLY A 18 -23.15 -7.13 -21.17
C GLY A 18 -22.81 -6.17 -20.05
N ARG A 19 -22.75 -6.70 -18.83
CA ARG A 19 -22.38 -5.91 -17.65
C ARG A 19 -20.88 -5.67 -17.70
N TYR A 20 -20.13 -6.75 -17.93
CA TYR A 20 -18.68 -6.69 -18.05
C TYR A 20 -18.30 -5.76 -19.18
N SER A 21 -18.75 -6.13 -20.39
CA SER A 21 -18.49 -5.36 -21.61
C SER A 21 -18.50 -3.83 -21.38
N LYS A 22 -19.67 -3.32 -21.00
CA LYS A 22 -19.83 -1.88 -20.78
C LYS A 22 -18.75 -1.27 -19.89
N TYR A 23 -18.48 -1.91 -18.74
CA TYR A 23 -17.56 -1.39 -17.74
C TYR A 23 -16.13 -1.40 -18.26
N ILE A 24 -15.74 -2.51 -18.85
CA ILE A 24 -14.40 -2.69 -19.37
C ILE A 24 -14.16 -1.69 -20.49
N ILE A 25 -15.23 -1.37 -21.22
CA ILE A 25 -15.16 -0.41 -22.31
C ILE A 25 -15.25 1.06 -21.87
N GLN A 26 -16.21 1.39 -21.02
CA GLN A 26 -16.38 2.79 -20.59
C GLN A 26 -15.38 3.22 -19.53
N ASP A 27 -14.95 2.24 -18.73
CA ASP A 27 -14.28 2.47 -17.46
C ASP A 27 -13.00 1.66 -17.25
N ARG A 28 -12.31 1.28 -18.32
CA ARG A 28 -11.10 0.50 -18.12
C ARG A 28 -10.03 0.68 -19.17
N ALA A 29 -10.19 0.00 -20.30
CA ALA A 29 -9.08 -0.15 -21.23
C ALA A 29 -9.01 0.91 -22.31
N LEU A 30 -9.99 1.80 -22.37
CA LEU A 30 -10.01 2.84 -23.40
C LEU A 30 -9.90 4.24 -22.81
N PRO A 31 -9.04 5.05 -23.42
CA PRO A 31 -8.80 6.43 -22.94
C PRO A 31 -9.96 7.33 -23.26
N ASP A 32 -10.17 8.35 -22.44
CA ASP A 32 -11.12 9.39 -22.78
C ASP A 32 -10.44 10.26 -23.83
N ILE A 33 -11.15 10.47 -24.92
CA ILE A 33 -10.67 11.21 -26.06
C ILE A 33 -10.17 12.63 -25.72
N ARG A 34 -10.82 13.32 -24.78
CA ARG A 34 -10.37 14.66 -24.42
C ARG A 34 -9.03 14.71 -23.67
N ASP A 35 -8.89 13.95 -22.58
CA ASP A 35 -7.65 14.02 -21.78
C ASP A 35 -6.70 12.83 -21.96
N GLY A 36 -7.13 11.86 -22.77
CA GLY A 36 -6.28 10.76 -23.16
C GLY A 36 -5.90 9.78 -22.06
N LEU A 37 -6.73 9.72 -21.01
CA LEU A 37 -6.45 8.87 -19.85
C LEU A 37 -7.50 7.80 -19.60
N LYS A 38 -7.04 6.57 -19.35
CA LYS A 38 -7.89 5.53 -18.78
C LYS A 38 -8.07 5.83 -17.30
N PRO A 39 -9.23 5.45 -16.74
CA PRO A 39 -9.57 5.79 -15.34
C PRO A 39 -8.45 5.54 -14.30
N VAL A 40 -7.81 4.38 -14.30
CA VAL A 40 -6.70 4.13 -13.37
C VAL A 40 -5.69 5.27 -13.39
N GLN A 41 -5.28 5.69 -14.58
CA GLN A 41 -4.28 6.74 -14.72
C GLN A 41 -4.79 8.09 -14.21
N ARG A 42 -6.01 8.45 -14.60
CA ARG A 42 -6.62 9.69 -14.17
C ARG A 42 -6.74 9.71 -12.65
N ARG A 43 -7.05 8.57 -12.06
CA ARG A 43 -7.11 8.49 -10.62
C ARG A 43 -5.74 8.62 -9.99
N ILE A 44 -4.79 7.83 -10.44
CA ILE A 44 -3.41 8.04 -10.05
C ILE A 44 -3.04 9.54 -10.00
N LEU A 45 -3.18 10.25 -11.12
CA LEU A 45 -2.78 11.65 -11.20
C LEU A 45 -3.59 12.56 -10.29
N TYR A 46 -4.89 12.32 -10.22
CA TYR A 46 -5.73 13.17 -9.38
C TYR A 46 -5.29 13.06 -7.94
N SER A 47 -5.18 11.81 -7.48
CA SER A 47 -4.73 11.48 -6.13
C SER A 47 -3.36 12.08 -5.79
N MET A 48 -2.33 11.75 -6.56
CA MET A 48 -1.01 12.25 -6.21
C MET A 48 -1.08 13.78 -6.08
N ASN A 49 -1.85 14.39 -6.96
CA ASN A 49 -2.00 15.83 -6.94
C ASN A 49 -2.79 16.30 -5.69
N LYS A 50 -3.75 15.50 -5.26
CA LYS A 50 -4.61 15.91 -4.15
C LYS A 50 -3.77 15.94 -2.89
N ASP A 51 -2.65 15.23 -2.95
CA ASP A 51 -1.78 15.04 -1.79
C ASP A 51 -0.50 15.84 -1.88
N SER A 52 -0.52 16.88 -2.71
CA SER A 52 0.62 17.78 -2.88
C SER A 52 1.88 17.01 -3.28
N ASN A 53 1.70 15.83 -3.86
CA ASN A 53 2.81 14.99 -4.26
C ASN A 53 3.23 15.35 -5.67
N THR A 54 3.79 16.55 -5.81
CA THR A 54 4.06 17.13 -7.12
C THR A 54 5.53 17.45 -7.42
N PHE A 55 5.78 17.93 -8.62
CA PHE A 55 7.14 18.01 -9.16
C PHE A 55 8.10 18.85 -8.32
N ASP A 56 7.56 19.76 -7.51
CA ASP A 56 8.35 20.77 -6.79
C ASP A 56 8.57 20.44 -5.28
N LYS A 57 7.95 19.35 -4.85
CA LYS A 57 8.00 18.92 -3.48
C LYS A 57 8.74 17.58 -3.49
N SER A 58 9.04 17.02 -2.32
CA SER A 58 9.91 15.84 -2.29
C SER A 58 9.22 14.61 -2.81
N TYR A 59 10.01 13.62 -3.21
CA TYR A 59 9.44 12.36 -3.63
C TYR A 59 8.76 11.69 -2.45
N ARG A 60 7.69 10.94 -2.71
CA ARG A 60 6.90 10.27 -1.67
C ARG A 60 6.87 8.74 -1.93
N LYS A 61 6.98 7.92 -0.88
CA LYS A 61 7.13 6.47 -1.11
C LYS A 61 5.98 5.96 -1.97
N SER A 62 6.31 5.28 -3.06
CA SER A 62 5.29 4.79 -3.99
C SER A 62 4.11 4.11 -3.28
N ALA A 63 4.40 3.33 -2.23
CA ALA A 63 3.33 2.56 -1.61
C ALA A 63 2.34 3.49 -0.90
N LYS A 64 2.84 4.61 -0.38
CA LYS A 64 1.98 5.54 0.33
C LYS A 64 0.95 6.01 -0.62
N SER A 65 1.42 6.50 -1.77
CA SER A 65 0.60 6.90 -2.91
C SER A 65 -0.38 5.81 -3.31
N VAL A 66 0.14 4.67 -3.74
CA VAL A 66 -0.67 3.57 -4.26
C VAL A 66 -1.87 3.24 -3.40
N GLY A 67 -1.63 3.03 -2.11
CA GLY A 67 -2.69 2.71 -1.17
C GLY A 67 -3.71 3.83 -1.07
N ASN A 68 -3.26 5.08 -1.09
CA ASN A 68 -4.19 6.20 -1.02
C ASN A 68 -5.15 6.19 -2.17
N ILE A 69 -4.65 5.84 -3.36
CA ILE A 69 -5.46 5.71 -4.56
C ILE A 69 -6.49 4.60 -4.38
N MET A 70 -6.02 3.47 -3.88
CA MET A 70 -6.83 2.27 -3.65
C MET A 70 -7.93 2.41 -2.57
N GLY A 71 -7.74 3.29 -1.61
CA GLY A 71 -8.76 3.48 -0.59
C GLY A 71 -9.66 4.67 -0.89
N ASN A 72 -9.20 5.52 -1.80
CA ASN A 72 -9.96 6.71 -2.16
C ASN A 72 -10.73 6.61 -3.47
N PHE A 73 -10.15 5.97 -4.49
CA PHE A 73 -10.73 6.00 -5.84
C PHE A 73 -10.74 4.71 -6.65
N HIS A 74 -9.62 4.01 -6.69
CA HIS A 74 -9.50 2.83 -7.53
C HIS A 74 -9.58 1.55 -6.72
N PRO A 75 -10.78 1.02 -6.54
CA PRO A 75 -11.00 -0.23 -5.79
C PRO A 75 -10.50 -1.47 -6.55
N HIS A 76 -9.18 -1.64 -6.65
CA HIS A 76 -8.61 -2.74 -7.43
C HIS A 76 -7.25 -3.22 -6.94
N GLY A 77 -6.56 -3.95 -7.80
CA GLY A 77 -5.24 -4.45 -7.46
C GLY A 77 -4.29 -3.32 -7.12
N ASP A 78 -3.41 -3.51 -6.14
CA ASP A 78 -2.37 -2.51 -5.96
C ASP A 78 -1.26 -2.76 -6.99
N SER A 79 -1.06 -4.03 -7.34
CA SER A 79 -0.16 -4.36 -8.44
C SER A 79 -0.58 -3.57 -9.68
N SER A 80 -1.84 -3.74 -10.09
CA SER A 80 -2.40 -3.04 -11.25
C SER A 80 -2.15 -1.54 -11.14
N ILE A 81 -2.46 -0.94 -10.00
CA ILE A 81 -2.21 0.47 -9.80
C ILE A 81 -0.74 0.86 -9.93
N TYR A 82 0.15 0.07 -9.32
CA TYR A 82 1.57 0.41 -9.37
C TYR A 82 2.15 0.22 -10.78
N ASP A 83 1.88 -0.92 -11.39
CA ASP A 83 2.32 -1.18 -12.74
C ASP A 83 1.92 -0.04 -13.69
N ALA A 84 0.77 0.55 -13.42
CA ALA A 84 0.30 1.70 -14.18
C ALA A 84 1.09 2.97 -13.84
N MET A 85 1.21 3.27 -12.55
CA MET A 85 2.04 4.36 -12.07
C MET A 85 3.46 4.21 -12.63
N VAL A 86 3.99 2.99 -12.64
CA VAL A 86 5.35 2.81 -13.11
C VAL A 86 5.43 3.21 -14.57
N ARG A 87 4.48 2.75 -15.37
CA ARG A 87 4.47 3.06 -16.81
C ARG A 87 4.50 4.57 -17.05
N MET A 88 3.55 5.29 -16.47
CA MET A 88 3.50 6.75 -16.61
C MET A 88 4.84 7.44 -16.33
N SER A 89 5.82 6.67 -15.88
CA SER A 89 7.09 7.22 -15.42
C SER A 89 8.25 6.78 -16.27
N GLN A 90 8.00 5.82 -17.16
CA GLN A 90 9.07 5.33 -18.02
C GLN A 90 9.07 6.07 -19.33
N ASN A 91 10.24 6.55 -19.72
CA ASN A 91 10.32 7.47 -20.85
C ASN A 91 10.64 6.83 -22.19
N TRP A 92 10.45 5.51 -22.27
CA TRP A 92 10.59 4.79 -23.53
C TRP A 92 9.22 4.24 -23.90
N LYS A 93 8.22 4.66 -23.13
CA LYS A 93 6.84 4.28 -23.39
C LYS A 93 6.03 5.57 -23.44
N ASN A 94 6.44 6.55 -22.66
CA ASN A 94 5.77 7.85 -22.69
C ASN A 94 6.62 8.96 -23.31
N ARG A 95 6.02 9.69 -24.25
CA ARG A 95 6.73 10.72 -24.99
C ARG A 95 6.98 11.87 -24.06
N GLU A 96 6.00 12.10 -23.20
CA GLU A 96 6.04 13.18 -22.23
C GLU A 96 5.62 12.61 -20.86
N ILE A 97 6.57 12.07 -20.08
CA ILE A 97 6.19 11.31 -18.88
C ILE A 97 5.52 12.14 -17.81
N LEU A 98 4.49 11.52 -17.24
CA LEU A 98 3.57 12.14 -16.31
C LEU A 98 3.98 11.93 -14.87
N VAL A 99 4.93 11.03 -14.68
CA VAL A 99 5.30 10.63 -13.34
C VAL A 99 6.80 10.55 -13.27
N GLU A 100 7.34 11.07 -12.17
CA GLU A 100 8.76 10.94 -11.88
C GLU A 100 8.98 9.95 -10.72
N MET A 101 9.79 8.92 -10.97
CA MET A 101 10.00 7.84 -10.01
C MET A 101 11.50 7.64 -9.75
N HIS A 102 11.93 7.98 -8.53
CA HIS A 102 13.26 7.69 -8.05
C HIS A 102 13.36 6.19 -7.78
N GLY A 103 14.37 5.54 -8.36
CA GLY A 103 14.58 4.12 -8.13
C GLY A 103 14.63 3.29 -9.40
N ASN A 104 14.52 1.98 -9.25
CA ASN A 104 14.53 1.08 -10.39
C ASN A 104 13.12 0.94 -10.95
N ASN A 105 12.80 1.78 -11.92
CA ASN A 105 11.48 1.71 -12.55
C ASN A 105 11.49 0.95 -13.86
N GLY A 106 12.62 0.32 -14.18
CA GLY A 106 12.71 -0.55 -15.34
C GLY A 106 13.73 -0.10 -16.37
N SER A 107 13.86 -0.91 -17.43
CA SER A 107 14.73 -0.60 -18.55
C SER A 107 14.07 -0.95 -19.89
N MET A 108 14.67 -0.50 -20.98
CA MET A 108 14.22 -0.96 -22.29
C MET A 108 14.47 -2.45 -22.49
N ASP A 109 15.35 -3.04 -21.67
CA ASP A 109 15.56 -4.49 -21.65
C ASP A 109 14.37 -5.11 -20.94
N GLY A 110 13.52 -4.25 -20.39
CA GLY A 110 12.26 -4.66 -19.79
C GLY A 110 12.41 -5.55 -18.56
N ASP A 111 13.51 -5.38 -17.83
CA ASP A 111 13.61 -6.05 -16.55
C ASP A 111 12.66 -5.37 -15.55
N PRO A 112 12.15 -6.14 -14.57
CA PRO A 112 11.11 -5.67 -13.67
C PRO A 112 11.55 -4.42 -12.93
N PRO A 113 10.61 -3.47 -12.77
CA PRO A 113 10.78 -2.32 -11.86
C PRO A 113 10.86 -2.82 -10.40
N ALA A 114 11.65 -2.16 -9.57
CA ALA A 114 11.68 -2.46 -8.14
C ALA A 114 10.25 -2.49 -7.57
N ALA A 115 10.00 -3.33 -6.58
CA ALA A 115 8.66 -3.43 -6.00
C ALA A 115 8.28 -2.13 -5.28
N MET A 116 6.98 -1.90 -5.12
CA MET A 116 6.53 -0.57 -4.70
C MET A 116 7.07 -0.11 -3.33
N ARG A 117 7.66 -1.05 -2.58
CA ARG A 117 8.22 -0.71 -1.28
C ARG A 117 9.59 -0.01 -1.39
N TYR A 118 10.23 -0.10 -2.55
CA TYR A 118 11.54 0.52 -2.76
C TYR A 118 11.52 1.90 -3.42
N THR A 119 10.49 2.18 -4.22
CA THR A 119 10.53 3.37 -5.06
C THR A 119 9.82 4.57 -4.44
N GLU A 120 10.23 5.77 -4.82
CA GLU A 120 9.40 6.95 -4.55
C GLU A 120 9.12 7.75 -5.84
N ALA A 121 8.25 8.75 -5.75
CA ALA A 121 7.59 9.23 -6.93
C ALA A 121 6.83 10.50 -6.67
N ARG A 122 6.53 11.19 -7.75
CA ARG A 122 5.82 12.45 -7.72
C ARG A 122 5.38 12.75 -9.16
N LEU A 123 4.45 13.69 -9.33
CA LEU A 123 4.01 14.06 -10.65
C LEU A 123 5.16 14.82 -11.31
N SER A 124 5.22 14.78 -12.64
CA SER A 124 6.19 15.57 -13.41
C SER A 124 5.63 16.96 -13.56
N GLU A 125 6.46 17.93 -13.93
CA GLU A 125 5.93 19.28 -14.05
C GLU A 125 4.73 19.35 -15.01
N ILE A 126 4.85 18.66 -16.14
CA ILE A 126 3.86 18.72 -17.20
C ILE A 126 2.54 18.05 -16.84
N ALA A 127 2.61 17.11 -15.89
CA ALA A 127 1.40 16.49 -15.36
C ALA A 127 0.63 17.55 -14.61
N GLY A 128 1.36 18.54 -14.11
CA GLY A 128 0.70 19.66 -13.48
C GLY A 128 -0.26 20.21 -14.51
N TYR A 129 0.23 20.33 -15.73
CA TYR A 129 -0.56 20.93 -16.76
C TYR A 129 -1.81 20.15 -17.10
N LEU A 130 -1.76 18.83 -16.98
CA LEU A 130 -2.97 18.03 -17.11
C LEU A 130 -4.03 18.36 -16.04
N LEU A 131 -3.59 18.77 -14.85
CA LEU A 131 -4.51 19.03 -13.74
C LEU A 131 -4.82 20.51 -13.58
N GLN A 132 -4.26 21.32 -14.47
CA GLN A 132 -4.32 22.75 -14.29
C GLN A 132 -5.77 23.25 -14.15
N ASP A 133 -6.04 23.88 -13.02
CA ASP A 133 -7.32 24.55 -12.78
C ASP A 133 -8.46 23.64 -12.33
N ILE A 134 -8.12 22.42 -11.93
CA ILE A 134 -9.09 21.46 -11.42
C ILE A 134 -9.84 22.00 -10.21
N GLU A 135 -9.15 22.80 -9.40
CA GLU A 135 -9.73 23.32 -8.18
C GLU A 135 -10.80 24.37 -8.44
N LYS A 136 -11.07 24.64 -9.73
CA LYS A 136 -11.91 25.76 -10.13
C LYS A 136 -13.24 25.33 -10.75
N LYS A 137 -13.65 24.09 -10.50
CA LYS A 137 -14.90 23.55 -11.02
C LYS A 137 -14.92 23.59 -12.56
N THR A 138 -13.80 23.24 -13.18
CA THR A 138 -13.68 23.21 -14.64
C THR A 138 -14.21 21.92 -15.25
N VAL A 139 -13.98 20.81 -14.56
CA VAL A 139 -14.40 19.51 -15.04
C VAL A 139 -15.49 18.98 -14.11
N PRO A 140 -16.32 18.05 -14.61
CA PRO A 140 -17.40 17.37 -13.88
C PRO A 140 -16.91 16.29 -12.92
N PHE A 141 -17.40 16.28 -11.68
CA PHE A 141 -17.03 15.21 -10.74
C PHE A 141 -18.18 14.24 -10.48
N ALA A 142 -17.83 13.11 -9.90
CA ALA A 142 -18.81 12.13 -9.43
C ALA A 142 -18.37 11.41 -8.15
N TRP A 143 -19.30 10.74 -7.49
CA TRP A 143 -18.96 10.04 -6.29
C TRP A 143 -17.97 8.93 -6.56
N ASN A 144 -17.17 8.63 -5.55
CA ASN A 144 -16.28 7.48 -5.62
C ASN A 144 -17.06 6.22 -5.28
N PHE A 145 -16.53 5.08 -5.68
CA PHE A 145 -17.14 3.77 -5.40
C PHE A 145 -17.70 3.63 -3.97
N ASP A 146 -17.48 4.65 -3.16
CA ASP A 146 -17.54 4.52 -1.73
C ASP A 146 -18.47 5.59 -1.16
N ASP A 147 -18.74 6.62 -1.98
CA ASP A 147 -19.55 7.76 -1.58
C ASP A 147 -18.94 8.63 -0.47
N THR A 148 -17.63 8.57 -0.32
CA THR A 148 -16.95 9.44 0.63
C THR A 148 -16.34 10.68 -0.05
N GLU A 149 -15.99 10.53 -1.33
CA GLU A 149 -15.29 11.59 -2.05
C GLU A 149 -15.68 11.67 -3.53
N LYS A 150 -15.80 12.88 -4.05
CA LYS A 150 -15.97 13.09 -5.49
C LYS A 150 -14.62 13.05 -6.24
N GLU A 151 -14.61 12.45 -7.43
CA GLU A 151 -13.41 12.38 -8.28
C GLU A 151 -13.70 12.93 -9.67
N PRO A 152 -12.69 13.48 -10.35
CA PRO A 152 -13.03 14.04 -11.64
C PRO A 152 -13.25 12.91 -12.64
N THR A 153 -14.11 13.12 -13.63
CA THR A 153 -14.36 12.16 -14.71
C THR A 153 -13.43 12.41 -15.88
N VAL A 154 -12.79 13.58 -15.90
CA VAL A 154 -11.89 13.96 -16.97
C VAL A 154 -11.06 15.15 -16.52
N LEU A 155 -9.77 15.15 -16.82
CA LEU A 155 -8.95 16.28 -16.39
C LEU A 155 -9.06 17.47 -17.32
N PRO A 156 -8.82 18.68 -16.80
CA PRO A 156 -8.78 19.89 -17.63
C PRO A 156 -7.89 19.80 -18.87
N ALA A 157 -6.79 19.06 -18.80
CA ALA A 157 -5.92 18.80 -19.96
C ALA A 157 -5.41 20.03 -20.75
N ALA A 158 -4.62 20.85 -20.08
CA ALA A 158 -3.95 22.01 -20.68
C ALA A 158 -3.07 21.72 -21.88
N PHE A 159 -2.70 20.46 -22.11
CA PHE A 159 -2.09 20.04 -23.38
C PHE A 159 -2.80 18.77 -23.90
N PRO A 160 -2.80 18.55 -25.23
CA PRO A 160 -3.57 17.44 -25.86
C PRO A 160 -2.88 16.08 -25.71
N ASN A 161 -3.08 15.50 -24.53
CA ASN A 161 -2.38 14.32 -24.09
C ASN A 161 -2.64 13.06 -24.94
N LEU A 162 -3.90 12.81 -25.30
CA LEU A 162 -4.30 11.59 -26.00
C LEU A 162 -3.50 11.37 -27.29
N LEU A 163 -3.08 12.44 -27.93
CA LEU A 163 -2.22 12.28 -29.09
C LEU A 163 -0.77 12.37 -28.71
N VAL A 164 -0.45 13.26 -27.77
CA VAL A 164 0.94 13.44 -27.37
C VAL A 164 1.57 12.19 -26.76
N ASN A 165 0.87 11.56 -25.81
CA ASN A 165 1.41 10.38 -25.15
C ASN A 165 1.00 9.04 -25.74
N GLY A 166 -0.20 9.01 -26.28
CA GLY A 166 -0.71 7.79 -26.87
C GLY A 166 -1.57 7.03 -25.89
N SER A 167 -1.95 5.83 -26.29
CA SER A 167 -2.85 4.98 -25.52
C SER A 167 -2.86 3.59 -26.12
N THR A 168 -3.29 2.62 -25.32
CA THR A 168 -3.29 1.21 -25.67
C THR A 168 -3.70 0.46 -24.40
N GLY A 169 -4.68 -0.44 -24.47
CA GLY A 169 -5.50 -0.65 -25.63
C GLY A 169 -5.92 -2.10 -25.82
N ILE A 170 -6.74 -2.65 -24.92
CA ILE A 170 -7.48 -3.90 -25.19
C ILE A 170 -8.69 -4.13 -24.29
N SER A 171 -9.88 -3.84 -24.77
CA SER A 171 -11.06 -4.18 -23.99
C SER A 171 -11.81 -5.38 -24.62
N ALA A 172 -13.14 -5.32 -24.67
CA ALA A 172 -13.93 -6.37 -25.32
C ALA A 172 -14.80 -5.77 -26.41
N GLY A 173 -14.69 -6.28 -27.63
CA GLY A 173 -15.41 -5.71 -28.74
C GLY A 173 -14.63 -4.59 -29.41
N TYR A 174 -13.73 -3.96 -28.67
CA TYR A 174 -12.83 -2.94 -29.24
C TYR A 174 -11.43 -3.02 -28.64
N ALA A 175 -10.44 -2.57 -29.38
CA ALA A 175 -9.10 -2.37 -28.83
C ALA A 175 -8.64 -0.98 -29.30
N THR A 176 -7.50 -0.50 -28.80
CA THR A 176 -6.98 0.78 -29.27
C THR A 176 -5.47 0.79 -29.32
N ASP A 177 -4.94 1.42 -30.35
CA ASP A 177 -3.52 1.73 -30.40
C ASP A 177 -3.39 3.10 -31.01
N ILE A 178 -2.78 4.01 -30.26
CA ILE A 178 -2.59 5.38 -30.71
C ILE A 178 -1.14 5.76 -30.45
N PRO A 179 -0.36 6.03 -31.50
CA PRO A 179 1.03 6.25 -31.11
C PRO A 179 1.20 7.63 -30.51
N PRO A 180 2.37 7.88 -29.89
CA PRO A 180 2.70 9.18 -29.33
C PRO A 180 3.00 10.16 -30.45
N HIS A 181 2.98 11.43 -30.10
CA HIS A 181 3.24 12.46 -31.06
C HIS A 181 4.03 13.56 -30.42
N ASN A 182 4.85 14.23 -31.21
CA ASN A 182 5.56 15.42 -30.76
C ASN A 182 4.63 16.56 -30.31
N LEU A 183 4.92 17.09 -29.11
CA LEU A 183 4.05 18.04 -28.40
C LEU A 183 3.86 19.33 -29.19
N ALA A 184 4.97 19.94 -29.60
CA ALA A 184 4.90 21.16 -30.40
C ALA A 184 3.99 20.97 -31.60
N GLU A 185 4.20 19.89 -32.33
CA GLU A 185 3.44 19.61 -33.54
C GLU A 185 1.94 19.48 -33.28
N VAL A 186 1.56 18.74 -32.23
CA VAL A 186 0.15 18.52 -31.99
C VAL A 186 -0.50 19.83 -31.61
N ILE A 187 0.27 20.69 -30.98
CA ILE A 187 -0.22 22.02 -30.64
C ILE A 187 -0.38 22.90 -31.89
N ASP A 188 0.68 23.07 -32.67
CA ASP A 188 0.53 23.69 -33.97
C ASP A 188 -0.78 23.26 -34.61
N ALA A 189 -0.93 21.97 -34.86
CA ALA A 189 -2.16 21.42 -35.39
C ALA A 189 -3.44 22.00 -34.78
N ALA A 190 -3.58 21.85 -33.46
CA ALA A 190 -4.76 22.35 -32.78
C ALA A 190 -4.87 23.88 -32.89
N VAL A 191 -3.75 24.58 -32.78
CA VAL A 191 -3.74 26.03 -32.97
C VAL A 191 -4.38 26.40 -34.31
N TYR A 192 -3.92 25.74 -35.37
CA TYR A 192 -4.44 26.00 -36.71
C TYR A 192 -5.94 25.79 -36.76
N MET A 193 -6.37 24.65 -36.24
CA MET A 193 -7.74 24.24 -36.36
C MET A 193 -8.65 25.06 -35.44
N ILE A 194 -8.04 25.77 -34.51
CA ILE A 194 -8.85 26.60 -33.66
C ILE A 194 -9.35 27.71 -34.56
N ASP A 195 -8.49 28.14 -35.47
CA ASP A 195 -8.82 29.18 -36.48
C ASP A 195 -9.64 28.63 -37.64
N HIS A 196 -9.23 27.47 -38.15
CA HIS A 196 -9.91 26.90 -39.30
C HIS A 196 -10.58 25.58 -38.96
N PRO A 197 -11.79 25.65 -38.35
CA PRO A 197 -12.62 24.53 -37.88
C PRO A 197 -12.76 23.43 -38.90
N THR A 198 -12.63 23.83 -40.15
CA THR A 198 -13.01 23.01 -41.28
C THR A 198 -11.76 22.57 -42.04
N ALA A 199 -10.73 22.17 -41.31
CA ALA A 199 -9.45 21.94 -41.95
C ALA A 199 -9.27 20.53 -42.55
N LYS A 200 -8.58 20.47 -43.68
CA LYS A 200 -8.31 19.23 -44.38
C LYS A 200 -7.13 18.50 -43.74
N ILE A 201 -7.15 17.16 -43.74
CA ILE A 201 -6.04 16.40 -43.17
C ILE A 201 -4.71 16.77 -43.83
N ASP A 202 -4.73 16.96 -45.14
CA ASP A 202 -3.55 17.33 -45.91
C ASP A 202 -2.86 18.57 -45.36
N LYS A 203 -3.67 19.53 -44.93
CA LYS A 203 -3.16 20.80 -44.41
C LYS A 203 -2.72 20.64 -42.97
N LEU A 204 -3.56 20.00 -42.17
CA LEU A 204 -3.18 19.65 -40.81
C LEU A 204 -1.83 18.95 -40.80
N MET A 205 -1.65 17.99 -41.71
CA MET A 205 -0.39 17.26 -41.79
C MET A 205 0.86 18.09 -42.11
N GLU A 206 0.68 19.36 -42.48
CA GLU A 206 1.83 20.25 -42.66
C GLU A 206 2.38 20.62 -41.29
N PHE A 207 1.50 20.52 -40.30
CA PHE A 207 1.87 20.83 -38.94
C PHE A 207 2.19 19.56 -38.15
N LEU A 208 1.41 18.50 -38.40
CA LEU A 208 1.50 17.19 -37.74
C LEU A 208 1.90 16.11 -38.74
N PRO A 209 3.19 16.03 -39.06
CA PRO A 209 3.68 15.17 -40.15
C PRO A 209 3.57 13.68 -39.86
N GLY A 210 3.19 13.31 -38.66
CA GLY A 210 3.14 11.91 -38.28
C GLY A 210 3.65 11.71 -36.87
N PRO A 211 3.55 10.47 -36.37
CA PRO A 211 3.91 10.10 -35.00
C PRO A 211 5.37 10.38 -34.69
N ASP A 212 5.65 10.62 -33.41
CA ASP A 212 7.01 10.83 -32.93
C ASP A 212 7.18 9.97 -31.69
N PHE A 213 7.65 8.73 -31.86
CA PHE A 213 7.86 7.81 -30.74
C PHE A 213 9.00 8.32 -29.85
N PRO A 214 8.95 8.02 -28.53
CA PRO A 214 9.99 8.53 -27.64
C PRO A 214 11.31 7.80 -27.88
N THR A 215 11.22 6.62 -28.49
CA THR A 215 12.37 5.80 -28.82
C THR A 215 12.96 6.16 -30.19
N GLY A 216 12.39 7.19 -30.79
CA GLY A 216 12.77 7.64 -32.11
C GLY A 216 12.60 6.61 -33.21
N ALA A 217 13.66 6.45 -34.00
CA ALA A 217 13.69 5.53 -35.12
C ALA A 217 13.16 6.18 -36.40
N ILE A 218 12.82 5.34 -37.36
CA ILE A 218 12.35 5.83 -38.64
C ILE A 218 10.93 5.33 -38.92
N ILE A 219 10.03 6.28 -39.15
CA ILE A 219 8.67 5.94 -39.49
C ILE A 219 8.47 6.10 -40.99
N GLN A 220 8.26 4.97 -41.68
CA GLN A 220 8.04 4.94 -43.12
C GLN A 220 6.58 4.71 -43.51
N GLY A 221 6.03 5.60 -44.34
CA GLY A 221 4.73 5.35 -44.93
C GLY A 221 3.78 6.54 -44.93
N ARG A 222 4.10 7.55 -45.76
CA ARG A 222 3.29 8.77 -45.83
C ARG A 222 1.81 8.50 -46.11
N ASP A 223 1.55 7.74 -47.16
CA ASP A 223 0.16 7.48 -47.57
C ASP A 223 -0.59 6.72 -46.48
N GLU A 224 0.12 5.81 -45.81
CA GLU A 224 -0.47 5.03 -44.72
C GLU A 224 -0.70 5.84 -43.42
N ILE A 225 0.09 6.88 -43.19
CA ILE A 225 -0.20 7.79 -42.08
C ILE A 225 -1.50 8.55 -42.34
N LYS A 226 -1.57 9.18 -43.51
CA LYS A 226 -2.78 9.84 -43.98
C LYS A 226 -4.00 8.93 -43.75
N LYS A 227 -3.90 7.69 -44.23
CA LYS A 227 -5.02 6.75 -44.12
C LYS A 227 -5.48 6.70 -42.68
N ALA A 228 -4.50 6.68 -41.79
CA ALA A 228 -4.78 6.55 -40.35
C ALA A 228 -5.35 7.85 -39.77
N TYR A 229 -4.71 8.96 -40.11
CA TYR A 229 -5.16 10.25 -39.64
C TYR A 229 -6.59 10.54 -40.12
N GLU A 230 -7.03 9.74 -41.08
CA GLU A 230 -8.30 10.01 -41.73
C GLU A 230 -9.39 9.04 -41.27
N THR A 231 -9.09 7.75 -41.24
CA THR A 231 -10.06 6.78 -40.77
C THR A 231 -9.74 6.24 -39.39
N GLY A 232 -8.54 6.54 -38.89
CA GLY A 232 -8.13 6.07 -37.58
C GLY A 232 -7.47 4.70 -37.60
N LYS A 233 -7.64 3.96 -38.69
CA LYS A 233 -6.90 2.71 -38.88
C LYS A 233 -5.85 2.95 -39.95
N GLY A 234 -4.68 2.33 -39.80
CA GLY A 234 -3.62 2.47 -40.76
C GLY A 234 -2.41 1.67 -40.32
N ARG A 235 -1.61 1.18 -41.27
CA ARG A 235 -0.39 0.43 -40.96
C ARG A 235 0.81 1.20 -41.49
N VAL A 236 1.74 1.51 -40.60
CA VAL A 236 2.96 2.23 -40.95
C VAL A 236 4.11 1.28 -40.69
N VAL A 237 5.27 1.56 -41.26
CA VAL A 237 6.44 0.77 -40.90
C VAL A 237 7.35 1.55 -39.95
N VAL A 238 7.85 0.87 -38.93
CA VAL A 238 8.82 1.48 -38.03
C VAL A 238 10.14 0.74 -38.10
N ARG A 239 11.20 1.46 -38.46
CA ARG A 239 12.49 0.81 -38.69
C ARG A 239 13.63 1.51 -37.96
N SER A 240 14.59 0.72 -37.51
CA SER A 240 15.66 1.19 -36.64
C SER A 240 16.66 2.14 -37.31
N LYS A 241 17.20 3.10 -36.55
CA LYS A 241 18.27 3.94 -37.04
C LYS A 241 19.54 3.10 -37.14
N THR A 242 20.11 3.03 -38.33
CA THR A 242 21.27 2.19 -38.57
C THR A 242 22.46 2.99 -39.09
N GLU A 243 23.65 2.48 -38.82
CA GLU A 243 24.89 3.13 -39.23
C GLU A 243 25.90 2.02 -39.42
N ILE A 244 26.86 2.23 -40.33
CA ILE A 244 27.86 1.21 -40.64
C ILE A 244 29.28 1.69 -40.36
N GLU A 245 30.11 0.83 -39.78
CA GLU A 245 31.46 1.21 -39.39
C GLU A 245 32.51 0.27 -39.97
N LYS A 246 33.33 0.77 -40.89
CA LYS A 246 34.34 -0.06 -41.54
C LYS A 246 35.47 -0.38 -40.55
N LEU A 247 35.48 -1.60 -40.02
CA LEU A 247 36.52 -2.03 -39.09
C LEU A 247 37.77 -2.54 -39.82
N LYS A 248 38.90 -2.52 -39.11
CA LYS A 248 40.18 -2.94 -39.67
C LYS A 248 40.25 -4.46 -39.86
N GLY A 249 40.24 -4.88 -41.12
CA GLY A 249 40.26 -6.30 -41.45
C GLY A 249 39.38 -6.55 -42.65
N GLY A 250 38.83 -5.47 -43.20
CA GLY A 250 37.90 -5.53 -44.31
C GLY A 250 36.49 -5.89 -43.87
N LYS A 251 36.32 -6.15 -42.58
CA LYS A 251 35.02 -6.52 -42.00
C LYS A 251 34.18 -5.28 -41.64
N GLU A 252 32.89 -5.32 -42.01
CA GLU A 252 31.98 -4.22 -41.68
C GLU A 252 31.18 -4.49 -40.40
N GLN A 253 30.69 -3.41 -39.78
CA GLN A 253 29.92 -3.53 -38.55
C GLN A 253 28.66 -2.67 -38.62
N ILE A 254 27.50 -3.29 -38.42
CA ILE A 254 26.24 -2.56 -38.34
C ILE A 254 25.95 -2.06 -36.93
N VAL A 255 25.86 -0.75 -36.75
CA VAL A 255 25.57 -0.20 -35.43
C VAL A 255 24.17 0.36 -35.30
N ILE A 256 23.36 -0.34 -34.50
CA ILE A 256 22.02 0.12 -34.22
C ILE A 256 22.07 1.16 -33.11
N THR A 257 21.28 2.23 -33.23
CA THR A 257 21.29 3.27 -32.20
C THR A 257 19.89 3.72 -31.76
N GLU A 258 18.86 3.30 -32.49
CA GLU A 258 17.49 3.47 -32.03
C GLU A 258 16.66 2.30 -32.54
N ILE A 259 15.72 1.85 -31.73
CA ILE A 259 14.88 0.76 -32.16
C ILE A 259 13.41 1.14 -32.05
N PRO A 260 12.54 0.29 -32.59
CA PRO A 260 11.11 0.57 -32.73
C PRO A 260 10.36 0.62 -31.41
N TYR A 261 9.51 1.62 -31.26
CA TYR A 261 8.58 1.71 -30.14
C TYR A 261 8.03 0.36 -29.69
N GLU A 262 7.93 0.20 -28.36
CA GLU A 262 7.31 -0.96 -27.73
C GLU A 262 8.15 -2.21 -27.89
N ILE A 263 9.41 -2.06 -28.29
CA ILE A 263 10.22 -3.23 -28.59
C ILE A 263 11.33 -3.51 -27.60
N ASN A 264 11.36 -4.73 -27.10
CA ASN A 264 12.28 -5.16 -26.05
C ASN A 264 13.76 -5.33 -26.46
N LYS A 265 14.62 -4.41 -26.05
CA LYS A 265 16.03 -4.42 -26.49
C LYS A 265 16.71 -5.74 -26.19
N ALA A 266 16.35 -6.34 -25.06
CA ALA A 266 16.96 -7.61 -24.64
C ALA A 266 16.57 -8.76 -25.56
N ASN A 267 15.26 -8.92 -25.79
CA ASN A 267 14.74 -9.89 -26.75
C ASN A 267 15.30 -9.64 -28.13
N LEU A 268 15.34 -8.37 -28.53
CA LEU A 268 15.81 -8.03 -29.86
C LEU A 268 17.24 -8.52 -30.03
N VAL A 269 18.07 -8.28 -29.04
CA VAL A 269 19.44 -8.75 -29.15
C VAL A 269 19.45 -10.26 -29.25
N LYS A 270 18.72 -10.91 -28.33
CA LYS A 270 18.58 -12.38 -28.36
C LYS A 270 18.21 -12.86 -29.76
N LYS A 271 16.98 -12.60 -30.22
CA LYS A 271 16.54 -12.99 -31.58
C LYS A 271 17.59 -12.76 -32.66
N ILE A 272 18.27 -11.61 -32.65
CA ILE A 272 19.35 -11.34 -33.61
C ILE A 272 20.50 -12.31 -33.48
N ASP A 273 20.98 -12.55 -32.26
CA ASP A 273 22.05 -13.52 -32.05
C ASP A 273 21.59 -14.94 -32.41
N ASP A 274 20.29 -15.20 -32.24
CA ASP A 274 19.73 -16.53 -32.52
C ASP A 274 19.72 -16.79 -34.03
N VAL A 275 19.85 -15.71 -34.79
CA VAL A 275 20.11 -15.77 -36.22
C VAL A 275 21.55 -16.22 -36.46
N ARG A 276 22.46 -15.52 -35.79
CA ARG A 276 23.88 -15.77 -35.88
C ARG A 276 24.18 -17.25 -35.60
N VAL A 277 23.46 -17.82 -34.65
CA VAL A 277 23.72 -19.15 -34.13
C VAL A 277 23.05 -20.24 -34.99
N ASN A 278 22.01 -19.88 -35.71
CA ASN A 278 21.39 -20.85 -36.60
C ASN A 278 21.83 -20.68 -38.06
N ASN A 279 22.58 -19.62 -38.35
CA ASN A 279 22.99 -19.31 -39.72
C ASN A 279 21.85 -19.36 -40.76
N LYS A 280 20.80 -18.58 -40.51
CA LYS A 280 19.63 -18.52 -41.37
C LYS A 280 19.94 -17.67 -42.59
N VAL A 281 20.53 -16.51 -42.32
CA VAL A 281 21.24 -15.72 -43.31
C VAL A 281 22.70 -15.92 -42.91
N ALA A 282 23.64 -15.67 -43.82
CA ALA A 282 25.04 -15.92 -43.48
C ALA A 282 25.83 -14.64 -43.33
N GLY A 283 26.78 -14.63 -42.40
CA GLY A 283 27.72 -13.54 -42.29
C GLY A 283 27.86 -12.87 -40.93
N ILE A 284 26.92 -13.13 -40.03
CA ILE A 284 26.98 -12.52 -38.72
C ILE A 284 28.07 -13.19 -37.83
N ALA A 285 28.99 -12.38 -37.30
CA ALA A 285 30.16 -12.86 -36.53
C ALA A 285 30.01 -12.79 -35.01
N GLU A 286 29.62 -11.62 -34.49
CA GLU A 286 29.33 -11.44 -33.07
C GLU A 286 28.15 -10.48 -32.94
N VAL A 287 27.24 -10.74 -31.99
CA VAL A 287 26.14 -9.82 -31.71
C VAL A 287 26.30 -9.29 -30.29
N ARG A 288 26.60 -8.01 -30.15
CA ARG A 288 27.07 -7.53 -28.86
C ARG A 288 26.44 -6.19 -28.45
N ASP A 289 25.65 -6.24 -27.38
CA ASP A 289 24.93 -5.09 -26.86
C ASP A 289 25.93 -4.22 -26.12
N GLU A 290 25.97 -2.93 -26.45
CA GLU A 290 26.91 -2.03 -25.82
C GLU A 290 26.21 -0.83 -25.20
N SER A 291 24.92 -0.99 -24.96
CA SER A 291 24.11 0.03 -24.30
C SER A 291 24.62 0.31 -22.89
N ASP A 292 25.10 1.52 -22.67
CA ASP A 292 25.45 1.95 -21.31
C ASP A 292 24.38 2.88 -20.76
N ARG A 293 24.67 3.54 -19.65
CA ARG A 293 23.67 4.37 -18.97
C ARG A 293 23.29 5.64 -19.76
N ASP A 294 24.06 5.95 -20.80
CA ASP A 294 23.81 7.18 -21.56
C ASP A 294 23.83 6.97 -23.08
N GLY A 295 23.25 5.87 -23.54
CA GLY A 295 23.13 5.63 -24.97
C GLY A 295 22.74 4.21 -25.38
N LEU A 296 22.11 4.12 -26.54
CA LEU A 296 21.79 2.83 -27.14
C LEU A 296 22.83 2.48 -28.21
N ARG A 297 23.35 1.26 -28.15
CA ARG A 297 24.34 0.83 -29.12
C ARG A 297 24.46 -0.68 -29.21
N ILE A 298 23.92 -1.24 -30.28
CA ILE A 298 24.11 -2.65 -30.56
C ILE A 298 25.07 -2.79 -31.72
N ALA A 299 26.13 -3.56 -31.54
CA ALA A 299 27.06 -3.83 -32.62
C ALA A 299 26.73 -5.18 -33.24
N ILE A 300 26.60 -5.23 -34.56
CA ILE A 300 26.51 -6.50 -35.27
C ILE A 300 27.74 -6.68 -36.16
N GLU A 301 28.74 -7.38 -35.65
CA GLU A 301 30.01 -7.56 -36.35
C GLU A 301 29.89 -8.65 -37.39
N LEU A 302 29.91 -8.26 -38.66
CA LEU A 302 29.83 -9.23 -39.74
C LEU A 302 31.20 -9.80 -40.06
N LYS A 303 31.21 -11.01 -40.61
CA LYS A 303 32.44 -11.65 -41.03
C LYS A 303 33.03 -10.90 -42.22
N LYS A 304 34.34 -11.10 -42.46
CA LYS A 304 35.01 -10.50 -43.62
C LYS A 304 34.30 -10.92 -44.89
N ASP A 305 34.19 -10.00 -45.85
CA ASP A 305 33.49 -10.26 -47.10
C ASP A 305 32.18 -11.03 -46.85
N ALA A 306 31.09 -10.27 -46.72
CA ALA A 306 29.76 -10.81 -46.48
C ALA A 306 28.77 -9.71 -46.79
N ASN A 307 27.76 -10.02 -47.61
CA ASN A 307 26.84 -9.01 -48.15
C ASN A 307 26.02 -8.27 -47.08
N THR A 308 26.50 -7.10 -46.65
CA THR A 308 25.90 -6.45 -45.49
C THR A 308 24.49 -5.96 -45.77
N GLU A 309 24.13 -5.86 -47.05
CA GLU A 309 22.76 -5.51 -47.36
C GLU A 309 21.87 -6.73 -47.16
N LEU A 310 22.33 -7.90 -47.58
CA LEU A 310 21.54 -9.13 -47.45
C LEU A 310 21.31 -9.44 -45.96
N VAL A 311 22.35 -9.24 -45.16
CA VAL A 311 22.19 -9.43 -43.72
C VAL A 311 21.23 -8.39 -43.14
N LEU A 312 21.45 -7.11 -43.44
CA LEU A 312 20.64 -6.09 -42.80
C LEU A 312 19.17 -6.24 -43.13
N ASN A 313 18.90 -6.55 -44.39
CA ASN A 313 17.53 -6.71 -44.84
C ASN A 313 16.93 -7.98 -44.23
N TYR A 314 17.75 -9.01 -44.08
CA TYR A 314 17.21 -10.26 -43.54
C TYR A 314 16.66 -9.97 -42.16
N LEU A 315 17.46 -9.26 -41.36
CA LEU A 315 17.08 -8.88 -40.00
C LEU A 315 15.87 -7.98 -39.97
N PHE A 316 15.71 -7.10 -40.96
CA PHE A 316 14.55 -6.23 -40.96
C PHE A 316 13.30 -7.05 -41.13
N LYS A 317 13.35 -8.07 -41.98
CA LYS A 317 12.12 -8.82 -42.29
C LYS A 317 11.84 -9.78 -41.15
N TYR A 318 12.89 -10.48 -40.70
CA TYR A 318 12.72 -11.62 -39.80
C TYR A 318 12.91 -11.34 -38.30
N THR A 319 13.16 -10.08 -37.96
CA THR A 319 13.18 -9.67 -36.57
C THR A 319 12.33 -8.42 -36.35
N ASP A 320 12.55 -7.83 -35.18
CA ASP A 320 11.87 -6.61 -34.77
C ASP A 320 12.81 -5.44 -34.94
N LEU A 321 13.96 -5.71 -35.53
CA LEU A 321 14.82 -4.63 -35.95
C LEU A 321 13.94 -3.69 -36.78
N GLN A 322 12.92 -4.26 -37.41
CA GLN A 322 11.89 -3.50 -38.15
C GLN A 322 10.52 -4.15 -38.02
N ILE A 323 9.52 -3.32 -37.70
CA ILE A 323 8.16 -3.80 -37.45
C ILE A 323 7.11 -2.97 -38.16
N ASN A 324 5.91 -3.52 -38.22
CA ASN A 324 4.75 -2.78 -38.69
C ASN A 324 3.99 -2.25 -37.47
N TYR A 325 3.78 -0.94 -37.41
CA TYR A 325 2.97 -0.35 -36.34
C TYR A 325 1.57 -0.05 -36.87
N ASN A 326 0.55 -0.66 -36.27
CA ASN A 326 -0.84 -0.44 -36.70
C ASN A 326 -1.56 0.55 -35.80
N PHE A 327 -1.96 1.68 -36.38
CA PHE A 327 -2.94 2.57 -35.77
C PHE A 327 -4.23 1.79 -35.58
N ASN A 328 -4.96 2.10 -34.52
CA ASN A 328 -6.33 1.61 -34.34
C ASN A 328 -6.97 2.54 -33.32
N MET A 329 -6.91 3.82 -33.65
CA MET A 329 -7.27 4.89 -32.75
C MET A 329 -8.74 4.88 -32.33
N VAL A 330 -8.99 4.37 -31.13
CA VAL A 330 -10.30 4.41 -30.51
C VAL A 330 -10.23 5.16 -29.18
N ALA A 331 -11.32 5.82 -28.82
CA ALA A 331 -11.37 6.61 -27.61
C ALA A 331 -12.81 6.72 -27.20
N ILE A 332 -13.05 7.30 -26.03
CA ILE A 332 -14.42 7.45 -25.57
C ILE A 332 -14.90 8.87 -25.80
N ASP A 333 -15.59 9.08 -26.91
CA ASP A 333 -16.34 10.31 -27.10
C ASP A 333 -17.74 10.01 -26.53
N ASN A 334 -18.32 11.00 -25.85
CA ASN A 334 -19.67 10.88 -25.30
C ASN A 334 -20.01 9.51 -24.72
N PHE A 335 -19.19 9.06 -23.77
CA PHE A 335 -19.54 7.89 -22.99
C PHE A 335 -19.47 6.60 -23.76
N THR A 336 -18.93 6.67 -24.97
CA THR A 336 -18.95 5.51 -25.84
C THR A 336 -17.73 5.44 -26.75
N PRO A 337 -17.33 4.20 -27.13
CA PRO A 337 -16.11 3.95 -27.91
C PRO A 337 -16.31 4.37 -29.35
N ARG A 338 -15.32 5.03 -29.94
CA ARG A 338 -15.49 5.63 -31.26
C ARG A 338 -14.17 5.54 -32.04
N GLN A 339 -14.18 4.88 -33.18
CA GLN A 339 -12.99 4.92 -34.02
C GLN A 339 -12.90 6.33 -34.55
N VAL A 340 -11.74 6.95 -34.39
CA VAL A 340 -11.60 8.35 -34.76
C VAL A 340 -10.23 8.62 -35.31
N GLY A 341 -10.14 9.68 -36.11
CA GLY A 341 -8.91 10.11 -36.71
C GLY A 341 -8.55 11.49 -36.18
N ILE A 342 -7.55 12.11 -36.82
CA ILE A 342 -6.99 13.36 -36.32
C ILE A 342 -8.03 14.46 -36.10
N VAL A 343 -9.14 14.41 -36.84
CA VAL A 343 -10.08 15.53 -36.78
C VAL A 343 -11.00 15.52 -35.55
N PRO A 344 -11.76 14.43 -35.39
CA PRO A 344 -12.57 14.20 -34.18
C PRO A 344 -11.73 14.36 -32.91
N ILE A 345 -10.48 13.94 -32.96
CA ILE A 345 -9.56 14.06 -31.84
C ILE A 345 -9.28 15.52 -31.48
N LEU A 346 -8.62 16.24 -32.37
CA LEU A 346 -8.34 17.65 -32.15
C LEU A 346 -9.60 18.48 -31.88
N SER A 347 -10.67 18.19 -32.61
CA SER A 347 -11.91 18.92 -32.37
C SER A 347 -12.49 18.65 -30.99
N SER A 348 -12.40 17.40 -30.54
CA SER A 348 -12.95 16.99 -29.25
C SER A 348 -12.17 17.65 -28.15
N TYR A 349 -10.86 17.75 -28.36
CA TYR A 349 -9.97 18.39 -27.42
C TYR A 349 -10.30 19.86 -27.36
N ILE A 350 -10.43 20.47 -28.53
CA ILE A 350 -10.76 21.88 -28.61
C ILE A 350 -12.10 22.15 -27.94
N ALA A 351 -13.09 21.30 -28.22
CA ALA A 351 -14.41 21.42 -27.61
C ALA A 351 -14.29 21.50 -26.09
N HIS A 352 -13.39 20.66 -25.58
CA HIS A 352 -13.13 20.48 -24.17
C HIS A 352 -12.45 21.71 -23.56
N ARG A 353 -11.23 22.01 -23.98
CA ARG A 353 -10.62 23.27 -23.57
C ARG A 353 -11.65 24.37 -23.48
N ARG A 354 -12.46 24.55 -24.53
CA ARG A 354 -13.53 25.54 -24.52
C ARG A 354 -14.39 25.42 -23.27
N GLU A 355 -15.12 24.32 -23.15
CA GLU A 355 -15.84 23.96 -21.93
C GLU A 355 -15.08 24.37 -20.67
N VAL A 356 -13.82 23.94 -20.63
CA VAL A 356 -12.96 24.19 -19.48
C VAL A 356 -12.76 25.67 -19.25
N ILE A 357 -12.29 26.38 -20.28
CA ILE A 357 -11.99 27.79 -20.14
C ILE A 357 -13.23 28.60 -19.74
N LEU A 358 -14.40 28.19 -20.22
CA LEU A 358 -15.61 28.87 -19.82
C LEU A 358 -15.86 28.67 -18.34
N ALA A 359 -16.00 27.41 -17.92
CA ALA A 359 -16.13 27.10 -16.49
C ALA A 359 -15.14 27.88 -15.64
N ARG A 360 -13.86 27.72 -15.97
CA ARG A 360 -12.81 28.36 -15.23
C ARG A 360 -13.15 29.84 -15.06
N SER A 361 -13.67 30.44 -16.11
CA SER A 361 -13.87 31.87 -16.10
C SER A 361 -15.13 32.25 -15.32
N ARG A 362 -16.18 31.44 -15.43
CA ARG A 362 -17.36 31.62 -14.59
C ARG A 362 -16.92 31.57 -13.14
N PHE A 363 -15.98 30.69 -12.85
CA PHE A 363 -15.49 30.48 -11.50
C PHE A 363 -14.77 31.67 -10.86
N ASP A 364 -13.71 32.16 -11.49
CA ASP A 364 -12.98 33.30 -10.94
C ASP A 364 -13.89 34.51 -10.86
N LYS A 365 -14.84 34.61 -11.81
CA LYS A 365 -15.72 35.76 -11.90
C LYS A 365 -16.70 35.74 -10.75
N GLU A 366 -17.27 34.57 -10.50
CA GLU A 366 -18.05 34.34 -9.29
C GLU A 366 -17.30 34.88 -8.08
N LYS A 367 -16.09 34.38 -7.86
CA LYS A 367 -15.29 34.77 -6.70
C LYS A 367 -15.11 36.29 -6.72
N ALA A 368 -14.59 36.80 -7.83
CA ALA A 368 -14.37 38.24 -7.96
C ALA A 368 -15.65 39.07 -7.71
N GLU A 369 -16.81 38.55 -8.12
CA GLU A 369 -18.09 39.20 -7.83
C GLU A 369 -18.35 39.24 -6.34
N LYS A 370 -18.41 38.06 -5.71
CA LYS A 370 -18.68 37.93 -4.28
C LYS A 370 -17.85 38.89 -3.43
N ARG A 371 -16.58 39.07 -3.76
CA ARG A 371 -15.76 40.02 -3.00
C ARG A 371 -16.05 41.46 -3.31
N LEU A 372 -16.25 41.77 -4.60
CA LEU A 372 -16.52 43.13 -5.03
C LEU A 372 -17.76 43.58 -4.27
N HIS A 373 -18.71 42.67 -4.13
CA HIS A 373 -19.95 42.93 -3.41
C HIS A 373 -19.68 43.29 -1.95
N ILE A 374 -18.75 42.59 -1.33
CA ILE A 374 -18.40 42.86 0.06
C ILE A 374 -17.66 44.19 0.18
N VAL A 375 -16.73 44.42 -0.74
CA VAL A 375 -15.97 45.66 -0.70
C VAL A 375 -16.92 46.83 -0.83
N GLU A 376 -17.92 46.68 -1.69
CA GLU A 376 -18.96 47.70 -1.80
C GLU A 376 -19.63 47.93 -0.47
N GLY A 377 -20.09 46.86 0.16
CA GLY A 377 -20.55 46.90 1.53
C GLY A 377 -19.62 47.63 2.52
N LEU A 378 -18.33 47.27 2.53
CA LEU A 378 -17.41 47.84 3.52
C LEU A 378 -17.20 49.32 3.29
N ILE A 379 -17.07 49.69 2.02
CA ILE A 379 -16.81 51.08 1.66
C ILE A 379 -17.92 51.96 2.23
N ARG A 380 -19.10 51.35 2.33
CA ARG A 380 -20.29 52.05 2.78
C ARG A 380 -20.33 52.20 4.28
N VAL A 381 -20.02 51.12 4.98
CA VAL A 381 -19.99 51.09 6.44
C VAL A 381 -19.12 52.21 6.98
N ILE A 382 -17.96 52.42 6.36
CA ILE A 382 -17.04 53.45 6.81
C ILE A 382 -17.73 54.80 6.97
N SER A 383 -18.65 55.11 6.07
CA SER A 383 -19.38 56.38 6.12
C SER A 383 -20.38 56.42 7.28
N ILE A 384 -20.68 55.25 7.85
CA ILE A 384 -21.69 55.09 8.88
C ILE A 384 -21.22 54.18 10.01
N LEU A 385 -19.91 54.03 10.11
CA LEU A 385 -19.25 53.22 11.13
C LEU A 385 -19.89 53.38 12.51
N ASP A 386 -20.02 54.62 12.96
CA ASP A 386 -20.45 54.87 14.32
C ASP A 386 -21.82 54.28 14.63
N GLU A 387 -22.80 54.59 13.79
CA GLU A 387 -24.13 54.06 14.02
C GLU A 387 -24.24 52.56 13.73
N VAL A 388 -23.27 52.01 13.00
CA VAL A 388 -23.27 50.57 12.73
C VAL A 388 -22.76 49.78 13.93
N ILE A 389 -21.66 50.23 14.52
CA ILE A 389 -21.19 49.64 15.77
C ILE A 389 -22.31 49.78 16.76
N ALA A 390 -22.83 51.00 16.84
CA ALA A 390 -24.03 51.34 17.61
C ALA A 390 -25.14 50.29 17.47
N LEU A 391 -25.53 50.02 16.24
CA LEU A 391 -26.59 49.04 15.94
C LEU A 391 -26.19 47.60 16.34
N ILE A 392 -24.99 47.17 15.95
CA ILE A 392 -24.54 45.83 16.30
C ILE A 392 -24.56 45.73 17.81
N ARG A 393 -24.34 46.87 18.45
CA ARG A 393 -24.38 46.97 19.89
C ARG A 393 -25.77 46.62 20.43
N ALA A 394 -26.78 47.30 19.90
CA ALA A 394 -28.16 47.13 20.37
C ALA A 394 -28.76 45.83 19.88
N SER A 395 -28.03 45.12 19.03
CA SER A 395 -28.48 43.84 18.52
C SER A 395 -28.47 42.76 19.63
N GLU A 396 -29.28 41.73 19.44
CA GLU A 396 -29.43 40.66 20.44
C GLU A 396 -28.34 39.61 20.27
N ASN A 397 -28.04 39.27 19.02
CA ASN A 397 -27.02 38.27 18.70
C ASN A 397 -26.64 38.34 17.24
N LYS A 398 -25.64 37.56 16.85
CA LYS A 398 -25.11 37.64 15.48
C LYS A 398 -26.28 37.65 14.51
N ALA A 399 -27.10 36.60 14.60
CA ALA A 399 -28.29 36.48 13.77
C ALA A 399 -29.11 37.77 13.70
N ASP A 400 -29.41 38.39 14.84
CA ASP A 400 -30.19 39.64 14.86
C ASP A 400 -29.42 40.84 14.28
N ALA A 401 -28.09 40.76 14.28
CA ALA A 401 -27.28 41.89 13.83
C ALA A 401 -27.31 41.96 12.30
N LYS A 402 -27.18 40.80 11.66
CA LYS A 402 -27.30 40.73 10.22
C LYS A 402 -28.67 41.27 9.82
N GLU A 403 -29.72 40.67 10.36
CA GLU A 403 -31.09 41.11 10.12
C GLU A 403 -31.24 42.62 10.29
N ASN A 404 -30.79 43.13 11.44
CA ASN A 404 -30.85 44.56 11.72
C ASN A 404 -30.10 45.39 10.69
N LEU A 405 -28.87 44.99 10.41
CA LEU A 405 -28.05 45.60 9.38
C LEU A 405 -28.81 45.73 8.05
N LYS A 406 -29.41 44.64 7.60
CA LYS A 406 -30.22 44.61 6.39
C LYS A 406 -31.33 45.64 6.43
N VAL A 407 -32.25 45.43 7.37
CA VAL A 407 -33.47 46.21 7.46
C VAL A 407 -33.22 47.70 7.72
N SER A 408 -32.11 48.02 8.36
CA SER A 408 -31.84 49.41 8.74
C SER A 408 -31.15 50.18 7.64
N TYR A 409 -30.35 49.48 6.83
CA TYR A 409 -29.41 50.13 5.92
C TYR A 409 -29.24 49.40 4.57
N ASP A 410 -30.15 48.49 4.24
CA ASP A 410 -30.16 47.86 2.91
C ASP A 410 -29.00 46.90 2.60
N PHE A 411 -28.12 46.64 3.56
CA PHE A 411 -27.08 45.64 3.34
C PHE A 411 -27.73 44.30 3.00
N THR A 412 -26.94 43.42 2.38
CA THR A 412 -27.41 42.08 2.04
C THR A 412 -26.77 41.02 2.93
N GLU A 413 -27.45 39.89 3.08
CA GLU A 413 -26.90 38.78 3.83
C GLU A 413 -25.38 38.71 3.67
N GLU A 414 -24.93 38.44 2.44
CA GLU A 414 -23.50 38.29 2.16
C GLU A 414 -22.65 39.37 2.84
N GLN A 415 -23.15 40.61 2.78
CA GLN A 415 -22.44 41.75 3.35
C GLN A 415 -22.65 41.81 4.85
N ALA A 416 -23.91 41.73 5.27
CA ALA A 416 -24.23 41.73 6.69
C ALA A 416 -23.30 40.75 7.41
N GLU A 417 -23.06 39.60 6.79
CA GLU A 417 -22.16 38.62 7.38
C GLU A 417 -20.73 39.18 7.43
N ALA A 418 -20.25 39.72 6.32
CA ALA A 418 -18.86 40.17 6.32
C ALA A 418 -18.62 41.24 7.38
N ILE A 419 -19.60 42.12 7.52
CA ILE A 419 -19.51 43.25 8.44
C ILE A 419 -19.49 42.78 9.86
N VAL A 420 -20.40 41.87 10.15
CA VAL A 420 -20.63 41.39 11.50
C VAL A 420 -19.55 40.41 12.00
N THR A 421 -18.60 40.05 11.16
CA THR A 421 -17.54 39.11 11.54
C THR A 421 -16.15 39.72 11.39
N LEU A 422 -16.10 41.06 11.35
CA LEU A 422 -14.85 41.80 11.31
C LEU A 422 -14.29 41.92 12.72
N GLN A 423 -12.99 41.76 12.86
CA GLN A 423 -12.36 41.87 14.16
C GLN A 423 -12.29 43.32 14.64
N LEU A 424 -12.49 43.52 15.95
CA LEU A 424 -12.63 44.85 16.52
C LEU A 424 -11.60 45.80 15.98
N TYR A 425 -10.40 45.29 15.72
CA TYR A 425 -9.33 46.17 15.32
C TYR A 425 -9.50 46.72 13.90
N ARG A 426 -10.35 46.10 13.10
CA ARG A 426 -10.66 46.69 11.81
C ARG A 426 -11.18 48.10 12.03
N LEU A 427 -11.86 48.35 13.14
CA LEU A 427 -12.38 49.69 13.40
C LEU A 427 -11.33 50.80 13.41
N THR A 428 -10.05 50.43 13.37
CA THR A 428 -8.99 51.46 13.34
C THR A 428 -8.94 52.15 11.99
N ASN A 429 -8.99 51.33 10.94
CA ASN A 429 -8.93 51.77 9.55
C ASN A 429 -10.14 52.56 9.04
N THR A 430 -9.88 53.57 8.21
CA THR A 430 -10.94 54.44 7.71
C THR A 430 -10.61 54.92 6.28
N ASP A 431 -9.63 54.23 5.70
CA ASP A 431 -9.05 54.56 4.41
C ASP A 431 -9.85 53.93 3.28
N VAL A 432 -10.83 54.67 2.78
CA VAL A 432 -11.63 54.21 1.66
C VAL A 432 -10.80 54.09 0.39
N VAL A 433 -9.68 54.81 0.31
CA VAL A 433 -8.89 54.87 -0.92
C VAL A 433 -8.23 53.55 -1.33
N VAL A 434 -7.82 52.76 -0.35
CA VAL A 434 -7.25 51.46 -0.65
C VAL A 434 -8.35 50.52 -1.12
N LEU A 435 -9.50 50.60 -0.45
CA LEU A 435 -10.65 49.79 -0.84
C LEU A 435 -11.10 50.10 -2.26
N GLN A 436 -11.09 51.39 -2.62
CA GLN A 436 -11.50 51.82 -3.96
C GLN A 436 -10.56 51.36 -5.06
N GLU A 437 -9.26 51.35 -4.79
CA GLU A 437 -8.31 50.72 -5.71
C GLU A 437 -8.70 49.26 -5.97
N GLU A 438 -9.27 48.59 -4.99
CA GLU A 438 -9.63 47.17 -5.15
C GLU A 438 -10.93 47.00 -5.90
N GLU A 439 -11.89 47.88 -5.65
CA GLU A 439 -13.17 47.85 -6.32
C GLU A 439 -12.88 47.99 -7.82
N ALA A 440 -11.91 48.85 -8.13
CA ALA A 440 -11.50 49.05 -9.52
C ALA A 440 -10.89 47.78 -10.12
N GLU A 441 -9.84 47.29 -9.49
CA GLU A 441 -9.18 46.05 -9.90
C GLU A 441 -10.20 44.94 -10.18
N LEU A 442 -11.22 44.87 -9.35
CA LEU A 442 -12.17 43.77 -9.41
C LEU A 442 -13.16 43.95 -10.56
N ARG A 443 -13.54 45.20 -10.80
CA ARG A 443 -14.38 45.55 -11.94
C ARG A 443 -13.68 45.15 -13.21
N GLU A 444 -12.39 45.49 -13.31
CA GLU A 444 -11.59 45.15 -14.48
C GLU A 444 -11.49 43.65 -14.66
N LYS A 445 -11.10 42.95 -13.62
CA LYS A 445 -11.00 41.50 -13.69
C LYS A 445 -12.32 40.90 -14.21
N ILE A 446 -13.45 41.44 -13.75
CA ILE A 446 -14.73 40.85 -14.10
C ILE A 446 -15.05 41.06 -15.57
N ALA A 447 -14.81 42.27 -16.06
CA ALA A 447 -14.99 42.56 -17.47
C ALA A 447 -14.25 41.53 -18.30
N MET A 448 -12.92 41.51 -18.15
CA MET A 448 -12.08 40.58 -18.90
C MET A 448 -12.64 39.17 -18.93
N LEU A 449 -13.12 38.70 -17.79
CA LEU A 449 -13.67 37.36 -17.71
C LEU A 449 -15.01 37.30 -18.45
N ALA A 450 -15.85 38.28 -18.20
CA ALA A 450 -17.19 38.27 -18.74
C ALA A 450 -17.06 38.22 -20.26
N ALA A 451 -16.22 39.10 -20.80
CA ALA A 451 -15.84 39.08 -22.20
C ALA A 451 -15.63 37.65 -22.65
N ILE A 452 -14.58 37.04 -22.15
CA ILE A 452 -14.29 35.65 -22.46
C ILE A 452 -15.55 34.81 -22.51
N ILE A 453 -16.46 35.01 -21.57
CA ILE A 453 -17.59 34.12 -21.45
C ILE A 453 -18.56 34.31 -22.57
N GLY A 454 -18.65 35.54 -23.06
CA GLY A 454 -19.65 35.92 -24.07
C GLY A 454 -19.16 36.29 -25.45
N ASP A 455 -17.85 36.19 -25.67
CA ASP A 455 -17.29 36.33 -27.01
C ASP A 455 -16.53 35.07 -27.47
N GLU A 456 -17.22 34.27 -28.29
CA GLU A 456 -16.65 33.04 -28.79
C GLU A 456 -15.21 33.27 -29.27
N ARG A 457 -14.97 34.35 -30.01
CA ARG A 457 -13.63 34.62 -30.52
C ARG A 457 -12.64 34.90 -29.39
N THR A 458 -12.92 35.91 -28.58
CA THR A 458 -12.15 36.19 -27.37
C THR A 458 -11.74 34.90 -26.63
N MET A 459 -12.71 34.02 -26.40
CA MET A 459 -12.45 32.72 -25.77
C MET A 459 -11.32 31.95 -26.47
N TYR A 460 -11.39 31.82 -27.79
CA TYR A 460 -10.39 31.05 -28.53
C TYR A 460 -8.98 31.66 -28.54
N ASN A 461 -8.85 32.98 -28.63
CA ASN A 461 -7.51 33.51 -28.67
C ASN A 461 -6.82 33.25 -27.36
N LEU A 462 -7.60 33.25 -26.29
CA LEU A 462 -7.13 32.85 -24.97
C LEU A 462 -6.60 31.42 -25.05
N MET A 463 -7.50 30.51 -25.39
CA MET A 463 -7.15 29.11 -25.60
C MET A 463 -5.89 28.91 -26.45
N LYS A 464 -5.67 29.79 -27.41
CA LYS A 464 -4.50 29.68 -28.26
C LYS A 464 -3.28 30.18 -27.50
N LYS A 465 -3.47 31.34 -26.84
CA LYS A 465 -2.47 32.00 -26.02
C LYS A 465 -1.87 30.98 -25.09
N GLU A 466 -2.75 30.21 -24.44
CA GLU A 466 -2.36 29.20 -23.47
C GLU A 466 -1.66 27.99 -24.12
N LEU A 467 -2.22 27.50 -25.21
CA LEU A 467 -1.61 26.39 -25.91
C LEU A 467 -0.19 26.72 -26.34
N ARG A 468 0.05 27.97 -26.68
CA ARG A 468 1.36 28.37 -27.16
C ARG A 468 2.32 28.41 -25.99
N GLU A 469 1.86 28.90 -24.84
CA GLU A 469 2.69 28.91 -23.64
C GLU A 469 3.12 27.48 -23.28
N VAL A 470 2.15 26.56 -23.26
CA VAL A 470 2.46 25.17 -23.06
C VAL A 470 3.54 24.72 -24.04
N LYS A 471 3.35 25.05 -25.31
CA LYS A 471 4.33 24.73 -26.35
C LYS A 471 5.70 25.31 -26.02
N LYS A 472 5.74 26.61 -25.72
CA LYS A 472 7.01 27.26 -25.51
C LYS A 472 7.81 26.61 -24.41
N LYS A 473 7.10 26.12 -23.39
CA LYS A 473 7.73 25.63 -22.16
C LYS A 473 8.17 24.17 -22.23
N PHE A 474 7.42 23.35 -22.99
CA PHE A 474 7.64 21.89 -22.99
C PHE A 474 8.06 21.33 -24.34
N ALA A 475 8.04 22.18 -25.36
CA ALA A 475 8.36 21.74 -26.70
C ALA A 475 9.72 21.09 -26.75
N THR A 476 9.82 19.97 -27.46
CA THR A 476 11.12 19.36 -27.71
C THR A 476 11.18 18.84 -29.15
N PRO A 477 12.39 18.54 -29.64
CA PRO A 477 12.66 18.13 -31.02
C PRO A 477 12.20 16.71 -31.35
N ARG A 478 11.91 16.45 -32.62
CA ARG A 478 11.56 15.12 -33.08
C ARG A 478 12.68 14.13 -32.78
N LEU A 479 12.30 12.88 -32.62
CA LEU A 479 13.27 11.83 -32.37
C LEU A 479 13.17 10.86 -33.52
N SER A 480 11.94 10.68 -33.98
CA SER A 480 11.64 9.78 -35.07
C SER A 480 11.62 10.53 -36.40
N SER A 481 12.43 10.08 -37.36
CA SER A 481 12.44 10.64 -38.69
C SER A 481 11.29 10.09 -39.53
N LEU A 482 10.87 10.85 -40.52
CA LEU A 482 9.83 10.39 -41.45
C LEU A 482 10.36 10.21 -42.89
N GLU A 483 9.80 9.24 -43.58
CA GLU A 483 10.24 8.88 -44.92
C GLU A 483 9.07 8.33 -45.74
N ASP A 484 8.84 8.95 -46.91
CA ASP A 484 7.67 8.67 -47.72
C ASP A 484 7.51 7.19 -48.10
N ASN B 3 40.09 5.21 -4.89
CA ASN B 3 41.02 4.73 -3.86
C ASN B 3 40.34 3.93 -2.75
N ILE B 4 41.08 2.99 -2.16
CA ILE B 4 40.52 2.03 -1.21
C ILE B 4 41.13 2.09 0.20
N GLN B 5 40.27 2.05 1.22
CA GLN B 5 40.67 1.98 2.62
C GLN B 5 40.67 0.52 3.10
N ASN B 6 41.58 0.19 4.02
CA ASN B 6 41.70 -1.18 4.51
C ASN B 6 41.22 -1.35 5.95
N MET B 7 40.09 -2.04 6.14
CA MET B 7 39.62 -2.41 7.48
C MET B 7 40.12 -3.82 7.81
N SER B 8 40.22 -4.14 9.09
CA SER B 8 40.56 -5.49 9.53
C SER B 8 39.29 -6.35 9.50
N LEU B 9 39.40 -7.63 9.11
CA LEU B 9 38.24 -8.50 9.19
C LEU B 9 37.72 -8.51 10.62
N GLU B 10 38.63 -8.65 11.58
CA GLU B 10 38.26 -8.62 12.99
C GLU B 10 37.43 -7.37 13.33
N ASP B 11 37.81 -6.23 12.77
CA ASP B 11 37.12 -4.98 13.06
C ASP B 11 35.86 -4.73 12.20
N ILE B 12 35.90 -5.06 10.91
CA ILE B 12 34.68 -4.91 10.10
C ILE B 12 33.55 -5.75 10.72
N MET B 13 33.82 -7.02 11.01
CA MET B 13 32.82 -7.88 11.64
C MET B 13 32.33 -7.34 12.99
N GLY B 14 33.24 -6.75 13.74
CA GLY B 14 32.87 -6.15 15.01
C GLY B 14 31.88 -5.02 14.82
N GLU B 15 32.22 -4.05 13.97
CA GLU B 15 31.37 -2.89 13.78
C GLU B 15 30.01 -3.31 13.25
N ARG B 16 30.01 -4.14 12.21
CA ARG B 16 28.76 -4.51 11.54
C ARG B 16 27.81 -5.31 12.43
N PHE B 17 28.29 -6.35 13.10
CA PHE B 17 27.40 -7.13 13.96
C PHE B 17 26.91 -6.31 15.15
N GLY B 18 27.76 -5.39 15.61
CA GLY B 18 27.39 -4.51 16.71
C GLY B 18 26.18 -3.67 16.34
N ARG B 19 26.24 -3.03 15.18
CA ARG B 19 25.13 -2.25 14.67
C ARG B 19 23.85 -3.08 14.64
N TYR B 20 23.89 -4.21 13.94
CA TYR B 20 22.73 -5.08 13.80
C TYR B 20 22.22 -5.47 15.18
N SER B 21 23.08 -6.14 15.94
CA SER B 21 22.81 -6.46 17.34
C SER B 21 22.00 -5.37 18.08
N LYS B 22 22.61 -4.21 18.27
CA LYS B 22 21.97 -3.13 19.01
C LYS B 22 20.59 -2.78 18.49
N TYR B 23 20.52 -2.44 17.19
CA TYR B 23 19.27 -2.07 16.53
C TYR B 23 18.18 -3.13 16.69
N ILE B 24 18.49 -4.36 16.27
CA ILE B 24 17.52 -5.43 16.28
C ILE B 24 17.05 -5.77 17.71
N ILE B 25 17.86 -5.41 18.70
CA ILE B 25 17.45 -5.54 20.11
C ILE B 25 16.48 -4.46 20.59
N GLN B 26 16.91 -3.20 20.59
CA GLN B 26 16.05 -2.13 21.07
C GLN B 26 14.96 -1.69 20.12
N ASP B 27 15.04 -2.07 18.84
CA ASP B 27 14.13 -1.54 17.83
C ASP B 27 13.42 -2.54 16.91
N ARG B 28 13.43 -3.82 17.24
CA ARG B 28 12.72 -4.82 16.42
C ARG B 28 11.97 -5.88 17.22
N ALA B 29 12.70 -6.83 17.80
CA ALA B 29 12.10 -8.05 18.32
C ALA B 29 11.61 -7.98 19.77
N LEU B 30 11.92 -6.90 20.48
CA LEU B 30 11.56 -6.82 21.89
C LEU B 30 10.66 -5.66 22.21
N PRO B 31 9.67 -5.87 23.10
CA PRO B 31 8.71 -4.82 23.49
C PRO B 31 9.24 -3.84 24.52
N ASP B 32 8.72 -2.61 24.51
CA ASP B 32 9.00 -1.66 25.58
C ASP B 32 8.26 -2.16 26.80
N ILE B 33 8.96 -2.22 27.92
CA ILE B 33 8.42 -2.73 29.15
C ILE B 33 7.16 -1.99 29.63
N ARG B 34 6.96 -0.74 29.19
CA ARG B 34 5.78 0.02 29.63
C ARG B 34 4.51 -0.17 28.78
N ASP B 35 4.63 -0.06 27.45
CA ASP B 35 3.44 -0.25 26.62
C ASP B 35 3.40 -1.63 25.96
N GLY B 36 4.47 -2.39 26.15
CA GLY B 36 4.48 -3.77 25.72
C GLY B 36 4.33 -3.87 24.22
N LEU B 37 4.97 -2.95 23.52
CA LEU B 37 4.87 -2.87 22.07
C LEU B 37 6.23 -2.90 21.39
N LYS B 38 6.36 -3.71 20.34
CA LYS B 38 7.51 -3.60 19.46
C LYS B 38 7.31 -2.35 18.60
N PRO B 39 8.40 -1.76 18.10
CA PRO B 39 8.28 -0.47 17.42
C PRO B 39 7.31 -0.48 16.24
N VAL B 40 7.26 -1.55 15.45
CA VAL B 40 6.36 -1.57 14.33
C VAL B 40 4.93 -1.55 14.82
N GLN B 41 4.59 -2.44 15.73
CA GLN B 41 3.29 -2.39 16.39
C GLN B 41 2.90 -0.96 16.83
N ARG B 42 3.83 -0.26 17.50
CA ARG B 42 3.59 1.09 18.01
C ARG B 42 3.28 2.04 16.87
N ARG B 43 4.11 1.97 15.83
CA ARG B 43 3.91 2.79 14.66
C ARG B 43 2.54 2.56 14.04
N ILE B 44 2.20 1.30 13.75
CA ILE B 44 0.88 0.96 13.23
C ILE B 44 -0.18 1.72 14.00
N LEU B 45 -0.29 1.42 15.30
CA LEU B 45 -1.27 2.07 16.13
C LEU B 45 -1.21 3.58 16.01
N TYR B 46 -0.04 4.14 16.20
CA TYR B 46 0.05 5.59 16.19
C TYR B 46 -0.48 6.16 14.87
N SER B 47 -0.06 5.56 13.75
CA SER B 47 -0.43 6.07 12.44
C SER B 47 -1.92 5.99 12.26
N MET B 48 -2.47 4.80 12.48
CA MET B 48 -3.90 4.60 12.35
C MET B 48 -4.63 5.68 13.15
N ASN B 49 -4.17 5.94 14.35
CA ASN B 49 -4.78 6.97 15.18
C ASN B 49 -4.72 8.38 14.56
N LYS B 50 -3.57 8.71 13.97
CA LYS B 50 -3.34 10.05 13.42
C LYS B 50 -4.30 10.23 12.27
N ASP B 51 -4.74 9.11 11.70
CA ASP B 51 -5.59 9.11 10.52
C ASP B 51 -7.08 9.05 10.87
N SER B 52 -7.41 9.02 12.15
CA SER B 52 -8.80 8.93 12.59
C SER B 52 -9.45 7.61 12.16
N ASN B 53 -8.62 6.59 12.03
CA ASN B 53 -9.04 5.28 11.59
C ASN B 53 -9.29 4.45 12.84
N THR B 54 -10.35 4.86 13.55
CA THR B 54 -10.57 4.43 14.92
C THR B 54 -11.86 3.63 15.06
N PHE B 55 -12.11 3.12 16.26
CA PHE B 55 -13.17 2.13 16.49
C PHE B 55 -14.57 2.67 16.18
N ASP B 56 -14.68 3.99 16.17
CA ASP B 56 -15.95 4.68 16.14
C ASP B 56 -16.27 5.15 14.71
N LYS B 57 -15.22 5.28 13.90
CA LYS B 57 -15.36 5.72 12.54
C LYS B 57 -15.23 4.52 11.61
N SER B 58 -15.51 4.72 10.33
CA SER B 58 -15.56 3.65 9.33
C SER B 58 -14.35 2.73 9.29
N TYR B 59 -14.47 1.61 8.59
CA TYR B 59 -13.29 0.79 8.29
C TYR B 59 -12.50 1.47 7.17
N ARG B 60 -11.40 0.87 6.75
CA ARG B 60 -10.48 1.56 5.88
C ARG B 60 -9.59 0.53 5.18
N LYS B 61 -9.56 0.56 3.86
CA LYS B 61 -8.80 -0.43 3.15
C LYS B 61 -7.45 -0.53 3.84
N SER B 62 -7.04 -1.74 4.15
CA SER B 62 -5.79 -1.97 4.87
C SER B 62 -4.61 -1.32 4.15
N ALA B 63 -4.49 -1.59 2.85
CA ALA B 63 -3.38 -1.07 2.08
C ALA B 63 -3.22 0.44 2.27
N LYS B 64 -4.32 1.15 2.43
CA LYS B 64 -4.24 2.60 2.61
C LYS B 64 -3.41 2.88 3.83
N SER B 65 -3.86 2.30 4.94
CA SER B 65 -3.13 2.34 6.20
C SER B 65 -1.67 1.90 6.05
N VAL B 66 -1.45 0.71 5.49
CA VAL B 66 -0.10 0.18 5.38
C VAL B 66 0.88 1.10 4.68
N GLY B 67 0.45 1.70 3.58
CA GLY B 67 1.30 2.62 2.84
C GLY B 67 1.58 3.86 3.67
N ASN B 68 0.53 4.45 4.22
CA ASN B 68 0.72 5.59 5.09
C ASN B 68 1.72 5.30 6.20
N ILE B 69 1.72 4.08 6.72
CA ILE B 69 2.64 3.68 7.80
C ILE B 69 4.06 3.58 7.30
N MET B 70 4.19 3.03 6.10
CA MET B 70 5.47 2.75 5.51
C MET B 70 6.16 4.01 4.99
N GLY B 71 5.39 5.09 4.82
CA GLY B 71 5.91 6.32 4.24
C GLY B 71 6.15 7.41 5.26
N ASN B 72 5.43 7.34 6.35
CA ASN B 72 5.64 8.30 7.41
C ASN B 72 6.47 7.79 8.58
N PHE B 73 6.45 6.48 8.85
CA PHE B 73 7.07 5.96 10.09
C PHE B 73 7.96 4.72 10.01
N HIS B 74 7.53 3.68 9.29
CA HIS B 74 8.21 2.41 9.33
C HIS B 74 8.78 2.02 7.98
N PRO B 75 10.05 2.37 7.74
CA PRO B 75 10.71 2.15 6.45
C PRO B 75 11.10 0.70 6.22
N HIS B 76 10.11 -0.16 6.09
CA HIS B 76 10.37 -1.56 5.84
C HIS B 76 9.26 -2.16 4.99
N GLY B 77 9.37 -3.46 4.70
CA GLY B 77 8.46 -4.14 3.80
C GLY B 77 7.00 -3.93 4.13
N ASP B 78 6.17 -3.80 3.12
CA ASP B 78 4.73 -3.66 3.36
C ASP B 78 4.13 -4.97 3.90
N SER B 79 4.80 -6.09 3.63
CA SER B 79 4.35 -7.38 4.14
C SER B 79 4.61 -7.56 5.64
N SER B 80 5.75 -7.09 6.14
CA SER B 80 5.95 -7.06 7.58
C SER B 80 4.84 -6.24 8.25
N ILE B 81 4.77 -4.95 7.92
CA ILE B 81 3.71 -4.11 8.45
C ILE B 81 2.33 -4.79 8.47
N TYR B 82 1.84 -5.25 7.32
CA TYR B 82 0.51 -5.87 7.27
C TYR B 82 0.42 -7.11 8.16
N ASP B 83 1.44 -7.96 8.10
CA ASP B 83 1.46 -9.18 8.89
C ASP B 83 1.25 -8.86 10.36
N ALA B 84 1.92 -7.82 10.83
CA ALA B 84 1.85 -7.41 12.22
C ALA B 84 0.50 -6.80 12.50
N MET B 85 0.02 -6.02 11.53
CA MET B 85 -1.26 -5.34 11.65
C MET B 85 -2.33 -6.41 11.77
N VAL B 86 -2.15 -7.49 11.01
CA VAL B 86 -3.09 -8.61 10.98
C VAL B 86 -3.15 -9.31 12.31
N ARG B 87 -1.99 -9.74 12.80
CA ARG B 87 -1.84 -10.38 14.10
C ARG B 87 -2.56 -9.62 15.22
N MET B 88 -2.33 -8.32 15.32
CA MET B 88 -2.97 -7.53 16.36
C MET B 88 -4.48 -7.59 16.30
N SER B 89 -5.01 -8.20 15.25
CA SER B 89 -6.44 -8.21 14.98
C SER B 89 -7.05 -9.60 15.11
N GLN B 90 -6.22 -10.57 15.47
CA GLN B 90 -6.66 -11.96 15.56
C GLN B 90 -6.88 -12.36 17.00
N ASN B 91 -8.14 -12.59 17.34
CA ASN B 91 -8.49 -12.77 18.73
C ASN B 91 -8.06 -14.10 19.32
N TRP B 92 -7.31 -14.90 18.57
CA TRP B 92 -6.76 -16.15 19.11
C TRP B 92 -5.24 -16.06 19.35
N LYS B 93 -4.63 -14.94 18.99
CA LYS B 93 -3.22 -14.70 19.33
C LYS B 93 -3.16 -13.62 20.40
N ASN B 94 -4.01 -12.60 20.27
CA ASN B 94 -4.03 -11.54 21.27
C ASN B 94 -5.18 -11.72 22.24
N ARG B 95 -4.92 -11.47 23.53
CA ARG B 95 -5.93 -11.66 24.56
C ARG B 95 -6.96 -10.56 24.45
N GLU B 96 -6.52 -9.43 23.93
CA GLU B 96 -7.37 -8.25 23.90
C GLU B 96 -7.06 -7.46 22.60
N ILE B 97 -7.71 -7.81 21.49
CA ILE B 97 -7.23 -7.39 20.13
C ILE B 97 -7.10 -5.90 19.93
N LEU B 98 -5.98 -5.50 19.32
CA LEU B 98 -5.65 -4.10 19.12
C LEU B 98 -6.15 -3.53 17.80
N VAL B 99 -6.40 -4.41 16.84
CA VAL B 99 -6.96 -4.00 15.55
C VAL B 99 -8.18 -4.85 15.21
N GLU B 100 -9.23 -4.20 14.70
CA GLU B 100 -10.37 -4.91 14.14
C GLU B 100 -10.25 -4.91 12.60
N MET B 101 -10.50 -6.08 12.00
CA MET B 101 -10.32 -6.23 10.57
C MET B 101 -11.55 -6.91 9.96
N HIS B 102 -12.13 -6.28 8.93
CA HIS B 102 -13.18 -6.90 8.15
C HIS B 102 -12.60 -7.81 7.05
N GLY B 103 -13.06 -9.06 7.05
CA GLY B 103 -12.63 -10.04 6.07
C GLY B 103 -11.86 -11.24 6.61
N ASN B 104 -10.87 -11.67 5.84
CA ASN B 104 -10.15 -12.89 6.14
C ASN B 104 -8.84 -12.61 6.85
N ASN B 105 -8.85 -12.63 8.18
CA ASN B 105 -7.61 -12.46 8.96
C ASN B 105 -6.94 -13.79 9.31
N GLY B 106 -7.55 -14.88 8.88
CA GLY B 106 -6.98 -16.19 9.09
C GLY B 106 -7.88 -16.95 10.03
N SER B 107 -7.38 -18.09 10.54
CA SER B 107 -8.08 -18.83 11.58
C SER B 107 -7.03 -19.44 12.45
N MET B 108 -7.49 -20.20 13.46
CA MET B 108 -6.60 -21.00 14.28
C MET B 108 -6.00 -22.12 13.45
N ASP B 109 -6.66 -22.44 12.33
CA ASP B 109 -6.15 -23.45 11.40
C ASP B 109 -4.86 -22.98 10.75
N GLY B 110 -4.51 -21.71 10.94
CA GLY B 110 -3.22 -21.22 10.51
C GLY B 110 -3.16 -20.86 9.04
N ASP B 111 -4.28 -21.02 8.35
CA ASP B 111 -4.32 -20.63 6.94
C ASP B 111 -4.10 -19.13 6.85
N PRO B 112 -3.66 -18.65 5.67
CA PRO B 112 -3.20 -17.27 5.49
C PRO B 112 -4.37 -16.32 5.37
N PRO B 113 -4.13 -15.07 5.74
CA PRO B 113 -5.12 -14.01 5.62
C PRO B 113 -5.30 -13.55 4.17
N ALA B 114 -6.33 -12.76 3.95
CA ALA B 114 -6.53 -12.11 2.68
C ALA B 114 -5.39 -11.12 2.49
N ALA B 115 -4.92 -10.98 1.25
CA ALA B 115 -3.91 -9.98 0.94
C ALA B 115 -4.45 -8.59 1.26
N MET B 116 -3.56 -7.65 1.56
CA MET B 116 -4.01 -6.38 2.11
C MET B 116 -4.95 -5.58 1.20
N ARG B 117 -5.01 -5.95 -0.09
CA ARG B 117 -5.92 -5.34 -1.05
C ARG B 117 -7.39 -5.62 -0.67
N TYR B 118 -7.64 -6.80 -0.11
CA TYR B 118 -9.00 -7.24 0.27
C TYR B 118 -9.52 -6.75 1.63
N THR B 119 -8.64 -6.66 2.63
CA THR B 119 -9.08 -6.34 3.99
C THR B 119 -9.19 -4.83 4.26
N GLU B 120 -10.08 -4.45 5.18
CA GLU B 120 -10.13 -3.09 5.72
C GLU B 120 -10.08 -3.22 7.23
N ALA B 121 -9.69 -2.16 7.93
CA ALA B 121 -9.39 -2.23 9.36
C ALA B 121 -9.54 -0.90 10.10
N ARG B 122 -9.45 -0.95 11.42
CA ARG B 122 -9.54 0.22 12.31
C ARG B 122 -9.11 -0.18 13.72
N LEU B 123 -8.76 0.79 14.55
CA LEU B 123 -8.35 0.47 15.92
C LEU B 123 -9.54 -0.08 16.71
N SER B 124 -9.27 -0.87 17.73
CA SER B 124 -10.32 -1.38 18.61
C SER B 124 -10.66 -0.28 19.60
N GLU B 125 -11.78 -0.37 20.29
CA GLU B 125 -12.05 0.65 21.28
C GLU B 125 -10.93 0.75 22.31
N ILE B 126 -10.39 -0.39 22.72
CA ILE B 126 -9.41 -0.43 23.80
C ILE B 126 -8.05 0.06 23.34
N ALA B 127 -7.74 -0.11 22.04
CA ALA B 127 -6.48 0.41 21.49
C ALA B 127 -6.48 1.92 21.67
N GLY B 128 -7.69 2.47 21.53
CA GLY B 128 -7.94 3.86 21.85
C GLY B 128 -7.29 4.21 23.17
N TYR B 129 -7.41 3.33 24.15
CA TYR B 129 -6.95 3.64 25.49
C TYR B 129 -5.44 3.63 25.60
N LEU B 130 -4.77 2.83 24.78
CA LEU B 130 -3.30 2.83 24.76
C LEU B 130 -2.78 4.19 24.33
N LEU B 131 -3.60 4.90 23.57
CA LEU B 131 -3.22 6.12 22.87
C LEU B 131 -3.74 7.40 23.56
N GLN B 132 -4.58 7.19 24.57
CA GLN B 132 -5.26 8.23 25.32
C GLN B 132 -4.31 9.32 25.83
N ASP B 133 -4.67 10.58 25.59
CA ASP B 133 -3.90 11.71 26.11
C ASP B 133 -2.59 11.95 25.38
N ILE B 134 -2.45 11.39 24.18
CA ILE B 134 -1.17 11.48 23.46
C ILE B 134 -0.93 12.84 22.83
N GLU B 135 -2.02 13.52 22.49
CA GLU B 135 -1.92 14.90 22.02
C GLU B 135 -1.39 15.82 23.12
N LYS B 136 -1.74 15.51 24.36
CA LYS B 136 -1.42 16.33 25.53
C LYS B 136 0.04 16.26 26.00
N LYS B 137 0.97 16.07 25.06
CA LYS B 137 2.39 16.20 25.36
C LYS B 137 2.73 15.39 26.63
N THR B 138 2.57 14.07 26.52
CA THR B 138 2.66 13.20 27.68
C THR B 138 3.68 12.09 27.51
N VAL B 139 4.35 12.06 26.37
CA VAL B 139 5.32 11.01 26.08
C VAL B 139 6.39 11.55 25.15
N PRO B 140 7.64 11.16 25.39
CA PRO B 140 8.80 11.63 24.61
C PRO B 140 8.75 11.28 23.11
N PHE B 141 8.77 12.29 22.25
CA PHE B 141 8.77 12.08 20.79
C PHE B 141 10.16 12.25 20.20
N ALA B 142 10.42 11.53 19.11
CA ALA B 142 11.62 11.76 18.31
C ALA B 142 11.23 11.95 16.87
N TRP B 143 12.19 12.34 16.04
CA TRP B 143 11.94 12.47 14.61
C TRP B 143 11.85 11.10 13.94
N ASN B 144 11.04 11.02 12.87
CA ASN B 144 10.91 9.81 12.05
C ASN B 144 12.16 9.65 11.19
N PHE B 145 12.39 8.46 10.64
CA PHE B 145 13.54 8.28 9.74
C PHE B 145 13.71 9.45 8.72
N ASP B 146 12.61 10.13 8.41
CA ASP B 146 12.53 11.14 7.38
C ASP B 146 13.10 12.48 7.81
N ASP B 147 13.04 12.77 9.11
CA ASP B 147 13.24 14.13 9.63
C ASP B 147 12.11 15.02 9.17
N THR B 148 10.90 14.47 9.09
CA THR B 148 9.76 15.21 8.55
C THR B 148 8.56 15.22 9.49
N GLU B 149 8.57 14.33 10.48
CA GLU B 149 7.44 14.14 11.36
C GLU B 149 7.90 13.47 12.66
N LYS B 150 7.29 13.87 13.78
CA LYS B 150 7.68 13.31 15.08
C LYS B 150 6.92 12.02 15.39
N GLU B 151 7.61 11.03 15.99
CA GLU B 151 6.93 9.81 16.41
C GLU B 151 7.00 9.55 17.91
N PRO B 152 5.96 8.94 18.46
CA PRO B 152 6.07 8.55 19.85
C PRO B 152 7.08 7.41 19.99
N THR B 153 7.75 7.33 21.13
CA THR B 153 8.78 6.33 21.40
C THR B 153 8.20 5.28 22.30
N VAL B 154 7.09 5.65 22.93
CA VAL B 154 6.28 4.84 23.84
C VAL B 154 4.88 5.48 23.88
N LEU B 155 3.82 4.68 23.97
CA LEU B 155 2.48 5.25 24.11
C LEU B 155 2.06 5.41 25.57
N PRO B 156 1.19 6.37 25.88
CA PRO B 156 0.66 6.58 27.24
C PRO B 156 0.23 5.33 28.02
N ALA B 157 -0.36 4.36 27.34
CA ALA B 157 -0.74 3.07 27.95
C ALA B 157 -1.71 3.17 29.12
N ALA B 158 -2.97 3.49 28.84
CA ALA B 158 -3.96 3.62 29.89
C ALA B 158 -4.31 2.27 30.54
N PHE B 159 -3.87 1.18 29.94
CA PHE B 159 -3.79 -0.11 30.63
C PHE B 159 -2.41 -0.74 30.34
N PRO B 160 -2.02 -1.77 31.13
CA PRO B 160 -0.66 -2.36 31.13
C PRO B 160 -0.48 -3.47 30.09
N ASN B 161 -0.32 -3.04 28.86
CA ASN B 161 -0.37 -3.89 27.71
C ASN B 161 0.62 -5.06 27.77
N LEU B 162 1.79 -4.85 28.38
CA LEU B 162 2.86 -5.83 28.25
C LEU B 162 2.42 -7.20 28.77
N LEU B 163 1.69 -7.21 29.87
CA LEU B 163 1.28 -8.47 30.45
C LEU B 163 -0.01 -8.92 29.83
N VAL B 164 -0.87 -7.97 29.50
CA VAL B 164 -2.22 -8.27 29.05
C VAL B 164 -2.29 -8.97 27.71
N ASN B 165 -1.41 -8.58 26.78
CA ASN B 165 -1.39 -9.19 25.46
C ASN B 165 -0.12 -9.97 25.15
N GLY B 166 0.89 -9.85 26.01
CA GLY B 166 2.10 -10.61 25.87
C GLY B 166 2.94 -10.19 24.68
N SER B 167 4.10 -10.84 24.52
CA SER B 167 5.01 -10.55 23.43
C SER B 167 5.75 -11.81 23.06
N THR B 168 6.65 -11.69 22.10
CA THR B 168 7.30 -12.85 21.47
C THR B 168 7.65 -12.45 20.04
N GLY B 169 8.92 -12.29 19.70
CA GLY B 169 10.04 -12.39 20.62
C GLY B 169 11.22 -13.19 20.07
N ILE B 170 11.98 -12.63 19.11
CA ILE B 170 13.30 -13.19 18.77
C ILE B 170 14.36 -12.19 18.29
N SER B 171 15.16 -11.69 19.21
CA SER B 171 16.17 -10.70 18.89
C SER B 171 17.48 -11.38 18.52
N ALA B 172 18.59 -10.85 19.03
CA ALA B 172 19.89 -11.49 18.94
C ALA B 172 20.59 -11.32 20.30
N GLY B 173 21.16 -12.41 20.81
CA GLY B 173 21.68 -12.41 22.16
C GLY B 173 20.56 -12.58 23.17
N TYR B 174 19.39 -12.03 22.85
CA TYR B 174 18.21 -12.18 23.70
C TYR B 174 17.01 -12.61 22.88
N ALA B 175 15.99 -13.10 23.56
CA ALA B 175 14.69 -13.32 22.93
C ALA B 175 13.65 -13.20 24.02
N THR B 176 12.37 -13.15 23.64
CA THR B 176 11.31 -12.98 24.64
C THR B 176 10.10 -13.87 24.42
N ASP B 177 9.39 -14.14 25.50
CA ASP B 177 8.11 -14.83 25.46
C ASP B 177 7.33 -14.49 26.72
N ILE B 178 6.22 -13.78 26.54
CA ILE B 178 5.38 -13.37 27.64
C ILE B 178 3.93 -13.73 27.32
N PRO B 179 3.28 -14.49 28.19
CA PRO B 179 1.93 -14.90 27.82
C PRO B 179 0.91 -13.83 28.15
N PRO B 180 -0.22 -13.86 27.43
CA PRO B 180 -1.36 -12.99 27.69
C PRO B 180 -1.79 -13.13 29.15
N HIS B 181 -2.51 -12.13 29.65
CA HIS B 181 -3.08 -12.17 30.97
C HIS B 181 -4.44 -11.52 31.00
N ASN B 182 -5.32 -12.02 31.85
CA ASN B 182 -6.64 -11.40 32.02
C ASN B 182 -6.58 -9.90 32.40
N LEU B 183 -7.13 -9.03 31.54
CA LEU B 183 -7.05 -7.58 31.78
C LEU B 183 -7.45 -7.16 33.21
N ALA B 184 -8.60 -7.64 33.67
CA ALA B 184 -9.13 -7.32 35.01
C ALA B 184 -8.16 -7.62 36.16
N GLU B 185 -7.59 -8.83 36.15
CA GLU B 185 -6.60 -9.26 37.13
C GLU B 185 -5.26 -8.49 37.11
N VAL B 186 -4.65 -8.34 35.93
CA VAL B 186 -3.43 -7.54 35.86
C VAL B 186 -3.68 -6.18 36.51
N ILE B 187 -4.85 -5.61 36.27
CA ILE B 187 -5.17 -4.32 36.85
C ILE B 187 -5.27 -4.40 38.38
N ASP B 188 -5.96 -5.40 38.88
CA ASP B 188 -6.06 -5.58 40.33
C ASP B 188 -4.68 -5.62 40.97
N ALA B 189 -3.78 -6.38 40.35
CA ALA B 189 -2.37 -6.46 40.78
C ALA B 189 -1.68 -5.09 40.84
N ALA B 190 -1.81 -4.31 39.77
CA ALA B 190 -1.16 -3.01 39.72
C ALA B 190 -1.76 -2.06 40.74
N VAL B 191 -3.06 -2.17 40.97
CA VAL B 191 -3.69 -1.32 41.96
C VAL B 191 -3.06 -1.59 43.32
N TYR B 192 -2.97 -2.87 43.68
CA TYR B 192 -2.38 -3.24 44.97
C TYR B 192 -0.98 -2.69 45.11
N MET B 193 -0.14 -2.94 44.10
CA MET B 193 1.24 -2.50 44.14
C MET B 193 1.39 -0.97 44.15
N ILE B 194 0.29 -0.26 43.92
CA ILE B 194 0.34 1.19 43.90
C ILE B 194 0.26 1.64 45.32
N ASP B 195 -0.60 0.97 46.09
CA ASP B 195 -0.75 1.15 47.54
C ASP B 195 0.43 0.57 48.34
N HIS B 196 0.79 -0.66 48.02
CA HIS B 196 1.87 -1.35 48.71
C HIS B 196 3.06 -1.60 47.80
N PRO B 197 3.83 -0.54 47.52
CA PRO B 197 5.03 -0.54 46.67
C PRO B 197 5.88 -1.78 46.81
N THR B 198 6.00 -2.24 48.04
CA THR B 198 6.93 -3.31 48.36
C THR B 198 6.32 -4.70 48.27
N ALA B 199 5.15 -4.81 47.65
CA ALA B 199 4.44 -6.09 47.63
C ALA B 199 5.38 -7.14 47.11
N LYS B 200 5.19 -8.37 47.59
CA LYS B 200 6.03 -9.47 47.12
C LYS B 200 5.17 -10.43 46.33
N ILE B 201 5.80 -11.33 45.59
CA ILE B 201 5.09 -12.12 44.59
C ILE B 201 3.86 -12.84 45.12
N ASP B 202 3.97 -13.35 46.34
CA ASP B 202 2.92 -14.17 46.90
C ASP B 202 1.64 -13.38 47.10
N LYS B 203 1.74 -12.18 47.66
CA LYS B 203 0.55 -11.35 47.80
C LYS B 203 0.05 -11.04 46.40
N LEU B 204 0.99 -10.72 45.51
CA LEU B 204 0.65 -10.32 44.14
C LEU B 204 -0.15 -11.39 43.39
N MET B 205 0.19 -12.66 43.61
CA MET B 205 -0.47 -13.74 42.88
C MET B 205 -1.88 -14.00 43.41
N GLU B 206 -2.29 -13.28 44.44
CA GLU B 206 -3.64 -13.43 44.94
C GLU B 206 -4.59 -12.64 44.05
N PHE B 207 -4.02 -11.69 43.31
CA PHE B 207 -4.79 -10.94 42.33
C PHE B 207 -4.46 -11.38 40.90
N LEU B 208 -3.20 -11.77 40.69
CA LEU B 208 -2.70 -12.15 39.38
C LEU B 208 -2.17 -13.57 39.43
N PRO B 209 -3.06 -14.56 39.53
CA PRO B 209 -2.77 -15.99 39.67
C PRO B 209 -1.93 -16.57 38.55
N GLY B 210 -2.06 -16.01 37.35
CA GLY B 210 -1.29 -16.51 36.23
C GLY B 210 -1.94 -16.26 34.88
N PRO B 211 -1.26 -16.69 33.82
CA PRO B 211 -1.64 -16.49 32.43
C PRO B 211 -3.13 -16.71 32.18
N ASP B 212 -3.66 -16.05 31.14
CA ASP B 212 -5.03 -16.26 30.66
C ASP B 212 -5.07 -16.21 29.15
N PHE B 213 -4.66 -17.29 28.50
CA PHE B 213 -4.67 -17.43 27.04
C PHE B 213 -6.05 -17.21 26.38
N PRO B 214 -6.09 -16.50 25.24
CA PRO B 214 -7.40 -16.26 24.61
C PRO B 214 -7.94 -17.56 24.06
N THR B 215 -7.02 -18.48 23.80
CA THR B 215 -7.35 -19.82 23.36
C THR B 215 -8.02 -20.62 24.48
N GLY B 216 -7.84 -20.15 25.71
CA GLY B 216 -8.42 -20.80 26.87
C GLY B 216 -7.57 -21.97 27.28
N ALA B 217 -8.20 -22.96 27.90
CA ALA B 217 -7.61 -24.27 28.22
C ALA B 217 -7.37 -24.49 29.69
N ILE B 218 -6.29 -25.21 29.99
CA ILE B 218 -5.93 -25.56 31.35
C ILE B 218 -4.43 -25.41 31.53
N ILE B 219 -4.05 -24.68 32.57
CA ILE B 219 -2.66 -24.42 32.86
C ILE B 219 -2.30 -25.09 34.16
N GLN B 220 -1.41 -26.07 34.11
CA GLN B 220 -0.92 -26.75 35.32
C GLN B 220 0.47 -26.20 35.67
N GLY B 221 0.69 -25.87 36.94
CA GLY B 221 2.05 -25.58 37.41
C GLY B 221 2.23 -24.33 38.26
N ARG B 222 1.41 -24.18 39.29
CA ARG B 222 1.42 -23.01 40.16
C ARG B 222 2.83 -22.66 40.67
N ASP B 223 3.65 -23.68 40.88
CA ASP B 223 5.01 -23.46 41.37
C ASP B 223 5.93 -22.76 40.34
N GLU B 224 5.83 -23.17 39.07
CA GLU B 224 6.66 -22.59 38.03
C GLU B 224 6.14 -21.22 37.57
N ILE B 225 4.85 -20.99 37.77
CA ILE B 225 4.30 -19.66 37.58
C ILE B 225 4.98 -18.64 38.50
N LYS B 226 5.10 -18.97 39.78
CA LYS B 226 5.85 -18.14 40.71
C LYS B 226 7.33 -18.02 40.26
N LYS B 227 7.98 -19.14 39.99
CA LYS B 227 9.37 -19.11 39.53
C LYS B 227 9.48 -18.10 38.39
N ALA B 228 8.50 -18.17 37.50
CA ALA B 228 8.46 -17.26 36.38
C ALA B 228 8.24 -15.82 36.86
N TYR B 229 7.18 -15.61 37.63
CA TYR B 229 6.86 -14.26 38.08
C TYR B 229 7.99 -13.72 38.91
N GLU B 230 8.93 -14.60 39.23
CA GLU B 230 10.01 -14.27 40.16
C GLU B 230 11.33 -14.01 39.42
N THR B 231 11.77 -14.95 38.61
CA THR B 231 12.97 -14.72 37.81
C THR B 231 12.70 -14.31 36.36
N GLY B 232 11.51 -14.62 35.86
CA GLY B 232 11.18 -14.31 34.49
C GLY B 232 11.12 -15.52 33.59
N LYS B 233 11.94 -16.54 33.89
CA LYS B 233 11.84 -17.81 33.17
C LYS B 233 11.01 -18.79 34.02
N GLY B 234 10.64 -19.91 33.40
CA GLY B 234 9.79 -20.90 34.04
C GLY B 234 8.98 -21.68 33.01
N ARG B 235 8.61 -22.90 33.36
CA ARG B 235 7.98 -23.84 32.43
C ARG B 235 6.66 -24.34 33.05
N VAL B 236 5.54 -23.79 32.60
CA VAL B 236 4.23 -24.27 33.01
C VAL B 236 3.74 -25.34 32.02
N VAL B 237 2.55 -25.90 32.24
CA VAL B 237 2.02 -26.92 31.34
C VAL B 237 0.65 -26.52 30.87
N VAL B 238 0.40 -26.71 29.58
CA VAL B 238 -0.88 -26.29 29.01
C VAL B 238 -1.59 -27.46 28.35
N ARG B 239 -2.75 -27.81 28.92
CA ARG B 239 -3.50 -28.98 28.50
C ARG B 239 -4.87 -28.65 27.94
N SER B 240 -5.24 -29.37 26.90
CA SER B 240 -6.50 -29.12 26.22
C SER B 240 -7.70 -29.39 27.14
N LYS B 241 -8.71 -28.53 27.08
CA LYS B 241 -10.00 -28.81 27.71
C LYS B 241 -10.71 -29.92 26.96
N THR B 242 -10.82 -31.09 27.60
CA THR B 242 -11.44 -32.25 26.97
C THR B 242 -12.87 -32.45 27.51
N GLU B 243 -13.46 -33.59 27.20
CA GLU B 243 -14.79 -33.95 27.68
C GLU B 243 -15.13 -35.30 27.06
N ILE B 244 -16.13 -35.98 27.62
CA ILE B 244 -16.60 -37.23 27.01
C ILE B 244 -18.08 -37.28 26.74
N GLU B 245 -18.43 -37.51 25.48
CA GLU B 245 -19.80 -37.78 25.11
C GLU B 245 -19.95 -39.30 25.03
N LYS B 246 -21.18 -39.79 25.14
CA LYS B 246 -21.45 -41.22 24.96
C LYS B 246 -22.17 -41.43 23.63
N LEU B 247 -22.10 -42.64 23.08
CA LEU B 247 -22.75 -42.92 21.81
C LEU B 247 -23.40 -44.29 21.74
N LYS B 248 -23.97 -44.61 20.57
CA LYS B 248 -24.65 -45.88 20.33
C LYS B 248 -23.67 -47.03 20.18
N GLY B 249 -24.06 -48.19 20.71
CA GLY B 249 -23.18 -49.35 20.73
C GLY B 249 -22.19 -49.27 21.88
N GLY B 250 -22.43 -48.33 22.79
CA GLY B 250 -21.52 -48.09 23.89
C GLY B 250 -20.18 -47.62 23.36
N LYS B 251 -20.23 -46.66 22.44
CA LYS B 251 -19.04 -46.10 21.82
C LYS B 251 -18.75 -44.69 22.36
N GLU B 252 -17.83 -44.60 23.33
CA GLU B 252 -17.43 -43.33 23.91
C GLU B 252 -16.72 -42.40 22.88
N GLN B 253 -16.64 -41.11 23.18
CA GLN B 253 -16.08 -40.13 22.25
C GLN B 253 -15.29 -39.09 23.02
N ILE B 254 -14.16 -38.68 22.49
CA ILE B 254 -13.42 -37.57 23.09
C ILE B 254 -13.67 -36.27 22.32
N VAL B 255 -14.25 -35.29 23.00
CA VAL B 255 -14.51 -34.00 22.38
C VAL B 255 -13.61 -32.93 22.98
N ILE B 256 -12.84 -32.26 22.14
CA ILE B 256 -11.96 -31.19 22.58
C ILE B 256 -12.61 -29.85 22.30
N THR B 257 -12.61 -28.94 23.28
CA THR B 257 -13.21 -27.62 23.04
C THR B 257 -12.26 -26.45 23.20
N GLU B 258 -11.16 -26.64 23.91
CA GLU B 258 -10.14 -25.59 24.00
C GLU B 258 -8.81 -26.24 23.69
N ILE B 259 -7.82 -25.43 23.30
CA ILE B 259 -6.49 -25.98 23.04
C ILE B 259 -5.34 -25.02 23.39
N PRO B 260 -4.14 -25.55 23.37
CA PRO B 260 -2.95 -24.83 23.85
C PRO B 260 -2.65 -23.62 23.01
N TYR B 261 -2.55 -22.47 23.68
CA TYR B 261 -2.08 -21.25 23.04
C TYR B 261 -0.93 -21.51 22.09
N GLU B 262 -1.06 -21.03 20.85
CA GLU B 262 0.01 -21.00 19.84
C GLU B 262 -0.01 -22.25 19.03
N ILE B 263 -1.09 -23.02 19.15
CA ILE B 263 -1.14 -24.28 18.44
C ILE B 263 -2.02 -24.22 17.20
N ASN B 264 -1.54 -24.82 16.11
CA ASN B 264 -2.28 -24.87 14.87
C ASN B 264 -3.34 -25.98 14.82
N LYS B 265 -4.59 -25.63 15.08
CA LYS B 265 -5.68 -26.61 15.16
C LYS B 265 -5.60 -27.71 14.10
N ALA B 266 -5.17 -27.33 12.90
CA ALA B 266 -5.13 -28.24 11.76
C ALA B 266 -4.08 -29.30 11.95
N ASN B 267 -2.86 -28.87 12.25
CA ASN B 267 -1.76 -29.79 12.44
C ASN B 267 -2.03 -30.66 13.63
N LEU B 268 -2.63 -30.06 14.65
CA LEU B 268 -2.98 -30.81 15.84
C LEU B 268 -3.92 -31.93 15.43
N VAL B 269 -4.92 -31.60 14.62
CA VAL B 269 -5.83 -32.63 14.14
C VAL B 269 -5.13 -33.69 13.30
N LYS B 270 -4.37 -33.30 12.27
CA LYS B 270 -3.64 -34.31 11.49
C LYS B 270 -2.73 -35.16 12.40
N LYS B 271 -1.84 -34.52 13.16
CA LYS B 271 -0.93 -35.23 14.05
C LYS B 271 -1.67 -36.25 14.95
N ILE B 272 -2.82 -35.88 15.49
CA ILE B 272 -3.67 -36.84 16.20
C ILE B 272 -4.00 -37.95 15.23
N ASP B 273 -4.80 -37.65 14.21
CA ASP B 273 -5.20 -38.65 13.22
C ASP B 273 -4.05 -39.55 12.77
N ASP B 274 -2.84 -39.00 12.70
CA ASP B 274 -1.68 -39.83 12.42
C ASP B 274 -1.52 -40.90 13.48
N VAL B 275 -1.67 -40.51 14.74
CA VAL B 275 -1.65 -41.49 15.83
C VAL B 275 -2.66 -42.60 15.63
N ARG B 276 -3.80 -42.28 15.03
CA ARG B 276 -4.76 -43.30 14.64
C ARG B 276 -4.16 -44.19 13.57
N VAL B 277 -3.86 -43.61 12.42
CA VAL B 277 -3.32 -44.37 11.30
C VAL B 277 -2.20 -45.30 11.75
N ASN B 278 -1.17 -44.73 12.37
CA ASN B 278 -0.03 -45.50 12.80
C ASN B 278 -0.37 -46.44 13.95
N ASN B 279 -1.53 -46.23 14.57
CA ASN B 279 -1.99 -47.11 15.63
C ASN B 279 -1.01 -47.09 16.79
N LYS B 280 -0.41 -45.93 17.04
CA LYS B 280 0.57 -45.78 18.11
C LYS B 280 -0.05 -46.04 19.48
N VAL B 281 -1.37 -45.89 19.58
CA VAL B 281 -2.11 -46.35 20.76
C VAL B 281 -3.42 -47.04 20.37
N ALA B 282 -3.78 -48.03 21.18
CA ALA B 282 -4.86 -48.96 20.86
C ALA B 282 -6.22 -48.31 20.59
N GLY B 283 -6.77 -48.55 19.40
CA GLY B 283 -8.19 -48.31 19.14
C GLY B 283 -8.80 -46.91 19.04
N ILE B 284 -8.34 -46.11 18.08
CA ILE B 284 -9.07 -44.91 17.70
C ILE B 284 -9.90 -45.15 16.44
N ALA B 285 -11.08 -44.54 16.39
CA ALA B 285 -12.01 -44.80 15.30
C ALA B 285 -11.79 -43.87 14.13
N GLU B 286 -11.87 -42.58 14.41
CA GLU B 286 -11.86 -41.57 13.37
C GLU B 286 -11.71 -40.20 14.00
N VAL B 287 -10.72 -39.44 13.56
CA VAL B 287 -10.60 -38.07 14.05
C VAL B 287 -11.45 -37.21 13.13
N ARG B 288 -11.97 -36.11 13.67
CA ARG B 288 -12.81 -35.20 12.89
C ARG B 288 -12.82 -33.82 13.48
N ASP B 289 -12.46 -32.82 12.69
CA ASP B 289 -12.63 -31.45 13.12
C ASP B 289 -14.03 -31.00 12.72
N GLU B 290 -14.86 -30.69 13.72
CA GLU B 290 -16.25 -30.32 13.46
C GLU B 290 -16.47 -28.89 13.90
N SER B 291 -15.37 -28.17 14.06
CA SER B 291 -15.42 -26.74 14.36
C SER B 291 -16.09 -26.00 13.21
N ASP B 292 -17.11 -25.22 13.54
CA ASP B 292 -17.69 -24.31 12.57
C ASP B 292 -17.60 -22.89 13.13
N ARG B 293 -18.18 -21.92 12.43
CA ARG B 293 -17.91 -20.52 12.72
C ARG B 293 -18.16 -20.06 14.18
N ASP B 294 -18.97 -20.81 14.93
CA ASP B 294 -19.22 -20.40 16.32
C ASP B 294 -18.91 -21.46 17.39
N GLY B 295 -17.83 -22.21 17.17
CA GLY B 295 -17.41 -23.21 18.14
C GLY B 295 -16.22 -24.04 17.68
N LEU B 296 -15.35 -24.37 18.61
CA LEU B 296 -14.27 -25.31 18.34
C LEU B 296 -14.65 -26.71 18.81
N ARG B 297 -14.46 -27.70 17.95
CA ARG B 297 -14.87 -29.05 18.26
C ARG B 297 -14.08 -30.06 17.47
N ILE B 298 -13.07 -30.65 18.09
CA ILE B 298 -12.44 -31.82 17.53
C ILE B 298 -12.98 -33.04 18.28
N ALA B 299 -13.80 -33.84 17.60
CA ALA B 299 -14.30 -35.08 18.19
C ALA B 299 -13.42 -36.25 17.78
N ILE B 300 -12.91 -36.97 18.78
CA ILE B 300 -12.12 -38.19 18.56
C ILE B 300 -12.89 -39.44 18.93
N GLU B 301 -13.50 -40.08 17.94
CA GLU B 301 -14.35 -41.25 18.15
C GLU B 301 -13.54 -42.51 18.39
N LEU B 302 -13.94 -43.31 19.38
CA LEU B 302 -13.17 -44.49 19.79
C LEU B 302 -13.86 -45.81 19.42
N LYS B 303 -13.23 -46.93 19.75
CA LYS B 303 -13.77 -48.23 19.37
C LYS B 303 -14.63 -48.88 20.47
N LYS B 304 -15.39 -49.93 20.11
CA LYS B 304 -16.43 -50.53 20.97
C LYS B 304 -15.92 -50.94 22.36
N ASP B 305 -14.80 -51.65 22.39
CA ASP B 305 -14.17 -52.01 23.64
C ASP B 305 -12.89 -51.19 23.77
N ALA B 306 -13.04 -49.87 23.80
CA ALA B 306 -11.88 -48.97 23.78
C ALA B 306 -11.65 -48.26 25.13
N ASN B 307 -10.43 -48.37 25.63
CA ASN B 307 -10.07 -47.78 26.91
C ASN B 307 -9.76 -46.27 26.86
N THR B 308 -10.78 -45.45 27.08
CA THR B 308 -10.64 -44.01 26.82
C THR B 308 -9.51 -43.32 27.60
N GLU B 309 -9.20 -43.80 28.80
CA GLU B 309 -8.21 -43.10 29.62
C GLU B 309 -6.75 -43.37 29.21
N LEU B 310 -6.54 -44.23 28.22
CA LEU B 310 -5.17 -44.45 27.74
C LEU B 310 -4.96 -43.69 26.46
N VAL B 311 -5.96 -43.75 25.57
CA VAL B 311 -5.99 -42.91 24.38
C VAL B 311 -5.67 -41.48 24.77
N LEU B 312 -6.48 -40.94 25.67
CA LEU B 312 -6.36 -39.55 26.08
C LEU B 312 -4.98 -39.23 26.62
N ASN B 313 -4.43 -40.13 27.43
CA ASN B 313 -3.13 -39.92 28.02
C ASN B 313 -1.98 -40.01 27.02
N TYR B 314 -2.15 -40.84 26.00
CA TYR B 314 -1.15 -40.92 24.96
C TYR B 314 -1.20 -39.64 24.15
N LEU B 315 -2.42 -39.18 23.86
CA LEU B 315 -2.58 -37.96 23.11
C LEU B 315 -1.91 -36.80 23.83
N PHE B 316 -2.10 -36.71 25.15
CA PHE B 316 -1.44 -35.67 25.93
C PHE B 316 0.09 -35.77 25.88
N LYS B 317 0.62 -36.97 26.02
CA LYS B 317 2.07 -37.10 26.07
C LYS B 317 2.69 -36.86 24.70
N TYR B 318 2.15 -37.54 23.68
CA TYR B 318 2.77 -37.61 22.34
C TYR B 318 2.18 -36.67 21.25
N THR B 319 1.22 -35.83 21.63
CA THR B 319 0.86 -34.73 20.75
C THR B 319 0.97 -33.37 21.43
N ASP B 320 0.48 -32.36 20.72
CA ASP B 320 0.44 -31.00 21.23
C ASP B 320 -0.91 -30.80 21.88
N LEU B 321 -1.63 -31.90 22.12
CA LEU B 321 -2.91 -31.82 22.81
C LEU B 321 -2.64 -31.22 24.17
N GLN B 322 -1.37 -31.26 24.54
CA GLN B 322 -0.86 -30.68 25.77
C GLN B 322 0.63 -30.47 25.59
N ILE B 323 1.10 -29.29 26.01
CA ILE B 323 2.43 -28.83 25.69
C ILE B 323 3.03 -28.10 26.86
N ASN B 324 4.28 -27.68 26.70
CA ASN B 324 4.97 -26.83 27.68
C ASN B 324 5.08 -25.39 27.21
N TYR B 325 4.41 -24.47 27.92
CA TYR B 325 4.67 -23.05 27.71
C TYR B 325 5.82 -22.59 28.61
N ASN B 326 6.87 -22.03 28.02
CA ASN B 326 7.97 -21.47 28.80
C ASN B 326 7.91 -19.96 28.82
N PHE B 327 7.91 -19.39 30.03
CA PHE B 327 8.06 -17.97 30.17
C PHE B 327 9.50 -17.68 29.76
N ASN B 328 9.73 -16.50 29.19
CA ASN B 328 11.08 -15.96 29.10
C ASN B 328 10.95 -14.46 28.99
N MET B 329 10.39 -13.86 30.02
CA MET B 329 10.01 -12.47 29.98
C MET B 329 11.17 -11.50 29.84
N VAL B 330 11.53 -11.21 28.59
CA VAL B 330 12.45 -10.11 28.29
C VAL B 330 11.77 -8.90 27.65
N ALA B 331 12.21 -7.71 28.06
CA ALA B 331 11.62 -6.44 27.63
C ALA B 331 12.70 -5.40 27.65
N ILE B 332 12.35 -4.17 27.28
CA ILE B 332 13.37 -3.16 27.13
C ILE B 332 13.13 -2.06 28.13
N ASP B 333 13.85 -2.15 29.24
CA ASP B 333 13.84 -1.13 30.27
C ASP B 333 15.05 -0.23 30.08
N ASN B 334 14.90 1.05 30.43
CA ASN B 334 15.91 2.06 30.13
C ASN B 334 16.82 1.72 28.96
N PHE B 335 16.22 1.46 27.81
CA PHE B 335 16.97 1.37 26.55
C PHE B 335 17.76 0.09 26.31
N THR B 336 17.66 -0.86 27.24
CA THR B 336 18.42 -2.09 27.12
C THR B 336 17.55 -3.29 27.49
N PRO B 337 17.98 -4.50 27.09
CA PRO B 337 17.20 -5.71 27.36
C PRO B 337 17.29 -6.17 28.82
N ARG B 338 16.15 -6.58 29.39
CA ARG B 338 16.11 -7.01 30.80
C ARG B 338 15.24 -8.27 31.01
N GLN B 339 15.82 -9.26 31.68
CA GLN B 339 15.02 -10.38 32.14
C GLN B 339 14.27 -9.84 33.33
N VAL B 340 12.95 -9.90 33.30
CA VAL B 340 12.17 -9.23 34.32
C VAL B 340 11.02 -10.08 34.75
N GLY B 341 10.68 -9.95 36.02
CA GLY B 341 9.60 -10.69 36.60
C GLY B 341 8.38 -9.80 36.81
N ILE B 342 7.35 -10.41 37.38
CA ILE B 342 6.08 -9.77 37.59
C ILE B 342 6.18 -8.41 38.25
N VAL B 343 7.30 -8.13 38.91
CA VAL B 343 7.44 -6.91 39.71
C VAL B 343 8.06 -5.76 38.93
N PRO B 344 9.27 -5.96 38.39
CA PRO B 344 9.86 -4.93 37.53
C PRO B 344 8.87 -4.47 36.47
N ILE B 345 8.06 -5.40 35.97
CA ILE B 345 7.07 -5.07 34.97
C ILE B 345 6.05 -4.12 35.58
N LEU B 346 5.27 -4.62 36.52
CA LEU B 346 4.20 -3.86 37.15
C LEU B 346 4.67 -2.54 37.74
N SER B 347 5.96 -2.44 38.03
CA SER B 347 6.50 -1.23 38.62
C SER B 347 6.69 -0.18 37.53
N SER B 348 7.46 -0.53 36.51
CA SER B 348 7.73 0.35 35.38
C SER B 348 6.43 0.89 34.82
N TYR B 349 5.39 0.07 34.90
CA TYR B 349 4.10 0.49 34.40
C TYR B 349 3.56 1.62 35.24
N ILE B 350 3.56 1.45 36.55
CA ILE B 350 3.15 2.52 37.47
C ILE B 350 4.06 3.74 37.28
N ALA B 351 5.35 3.49 37.14
CA ALA B 351 6.35 4.53 37.00
C ALA B 351 5.98 5.45 35.89
N HIS B 352 5.63 4.79 34.78
CA HIS B 352 5.26 5.40 33.51
C HIS B 352 3.94 6.12 33.62
N ARG B 353 2.88 5.36 33.87
CA ARG B 353 1.59 5.96 34.15
C ARG B 353 1.76 7.23 34.98
N ARG B 354 2.76 7.24 35.86
CA ARG B 354 3.05 8.43 36.67
C ARG B 354 3.55 9.60 35.85
N GLU B 355 4.64 9.42 35.13
CA GLU B 355 5.14 10.45 34.21
C GLU B 355 4.04 10.94 33.28
N VAL B 356 3.23 9.99 32.82
CA VAL B 356 2.11 10.31 31.95
C VAL B 356 1.07 11.20 32.63
N ILE B 357 0.64 10.84 33.83
CA ILE B 357 -0.39 11.62 34.49
C ILE B 357 0.12 13.01 34.91
N LEU B 358 1.41 13.12 35.16
CA LEU B 358 1.96 14.41 35.51
C LEU B 358 2.02 15.32 34.30
N ALA B 359 2.70 14.85 33.26
CA ALA B 359 2.68 15.53 31.97
C ALA B 359 1.28 15.96 31.53
N ARG B 360 0.36 15.02 31.47
CA ARG B 360 -0.99 15.38 31.09
C ARG B 360 -1.52 16.50 31.96
N SER B 361 -1.34 16.38 33.26
CA SER B 361 -1.87 17.37 34.18
C SER B 361 -1.22 18.76 34.05
N ARG B 362 0.06 18.81 33.74
CA ARG B 362 0.73 20.09 33.52
C ARG B 362 0.11 20.72 32.29
N PHE B 363 -0.04 19.91 31.25
CA PHE B 363 -0.56 20.36 29.98
C PHE B 363 -1.93 20.99 30.15
N ASP B 364 -2.85 20.25 30.75
CA ASP B 364 -4.21 20.74 30.93
C ASP B 364 -4.20 21.98 31.80
N LYS B 365 -3.32 21.97 32.80
CA LYS B 365 -3.22 23.09 33.73
C LYS B 365 -2.83 24.37 33.00
N GLU B 366 -1.80 24.30 32.16
CA GLU B 366 -1.33 25.48 31.45
C GLU B 366 -2.41 25.98 30.51
N LYS B 367 -3.08 25.04 29.85
CA LYS B 367 -4.22 25.34 29.00
C LYS B 367 -5.26 26.17 29.75
N ALA B 368 -5.75 25.64 30.87
CA ALA B 368 -6.75 26.32 31.66
C ALA B 368 -6.27 27.69 32.14
N GLU B 369 -4.97 27.80 32.38
CA GLU B 369 -4.38 29.02 32.93
C GLU B 369 -4.39 30.12 31.91
N LYS B 370 -3.88 29.80 30.72
CA LYS B 370 -3.82 30.75 29.61
C LYS B 370 -5.23 31.25 29.35
N ARG B 371 -6.18 30.34 29.50
CA ARG B 371 -7.57 30.65 29.24
C ARG B 371 -8.21 31.47 30.33
N LEU B 372 -7.96 31.06 31.58
CA LEU B 372 -8.47 31.78 32.73
C LEU B 372 -8.04 33.23 32.53
N HIS B 373 -6.79 33.39 32.12
CA HIS B 373 -6.22 34.71 31.91
C HIS B 373 -7.03 35.57 30.94
N ILE B 374 -7.44 34.98 29.83
CA ILE B 374 -8.22 35.68 28.80
C ILE B 374 -9.58 36.08 29.35
N VAL B 375 -10.16 35.17 30.13
CA VAL B 375 -11.48 35.35 30.66
C VAL B 375 -11.50 36.49 31.67
N GLU B 376 -10.43 36.57 32.46
CA GLU B 376 -10.28 37.65 33.43
C GLU B 376 -10.29 38.94 32.66
N GLY B 377 -9.53 38.93 31.57
CA GLY B 377 -9.52 40.02 30.61
C GLY B 377 -10.92 40.43 30.21
N LEU B 378 -11.69 39.50 29.66
CA LEU B 378 -13.01 39.85 29.13
C LEU B 378 -13.99 40.38 30.19
N ILE B 379 -13.91 39.84 31.38
CA ILE B 379 -14.81 40.32 32.41
C ILE B 379 -14.56 41.82 32.71
N ARG B 380 -13.30 42.23 32.71
CA ARG B 380 -12.97 43.63 32.87
C ARG B 380 -13.53 44.47 31.73
N VAL B 381 -13.23 44.04 30.51
CA VAL B 381 -13.66 44.79 29.33
C VAL B 381 -15.10 45.20 29.48
N ILE B 382 -15.99 44.21 29.48
CA ILE B 382 -17.43 44.42 29.59
C ILE B 382 -17.84 45.63 30.42
N SER B 383 -17.15 45.88 31.52
CA SER B 383 -17.49 47.03 32.35
C SER B 383 -17.01 48.35 31.72
N ILE B 384 -16.09 48.25 30.77
CA ILE B 384 -15.62 49.43 30.06
C ILE B 384 -15.71 49.31 28.54
N LEU B 385 -16.75 48.62 28.08
CA LEU B 385 -16.92 48.29 26.67
C LEU B 385 -16.91 49.52 25.76
N ASP B 386 -17.80 50.46 26.04
CA ASP B 386 -17.86 51.71 25.27
C ASP B 386 -16.47 52.32 25.12
N GLU B 387 -15.85 52.59 26.26
CA GLU B 387 -14.50 53.13 26.34
C GLU B 387 -13.48 52.36 25.49
N VAL B 388 -13.54 51.03 25.52
CA VAL B 388 -12.55 50.23 24.80
C VAL B 388 -12.82 50.29 23.31
N ILE B 389 -14.09 50.21 22.93
CA ILE B 389 -14.46 50.46 21.55
C ILE B 389 -13.96 51.84 21.13
N ALA B 390 -14.51 52.89 21.72
CA ALA B 390 -13.98 54.25 21.55
C ALA B 390 -12.46 54.31 21.37
N LEU B 391 -11.72 53.64 22.24
CA LEU B 391 -10.26 53.69 22.22
C LEU B 391 -9.64 52.94 21.04
N ILE B 392 -10.13 51.76 20.73
CA ILE B 392 -9.74 51.11 19.49
C ILE B 392 -9.97 52.04 18.29
N ARG B 393 -11.21 52.50 18.11
CA ARG B 393 -11.52 53.42 17.00
C ARG B 393 -10.49 54.52 16.87
N ALA B 394 -10.03 55.08 17.99
CA ALA B 394 -9.09 56.17 17.94
C ALA B 394 -7.66 55.69 17.64
N SER B 395 -7.40 54.42 17.88
CA SER B 395 -6.11 53.82 17.53
C SER B 395 -5.84 53.89 16.03
N GLU B 396 -4.65 53.49 15.59
CA GLU B 396 -4.23 53.73 14.21
C GLU B 396 -4.23 52.47 13.35
N ASN B 397 -3.43 51.48 13.75
CA ASN B 397 -3.56 50.14 13.19
C ASN B 397 -3.88 49.15 14.30
N LYS B 398 -3.70 47.86 14.04
CA LYS B 398 -3.96 46.87 15.09
C LYS B 398 -2.97 46.95 16.26
N ALA B 399 -1.68 47.03 15.97
CA ALA B 399 -0.66 47.08 17.01
C ALA B 399 -0.89 48.26 17.93
N ASP B 400 -1.22 49.40 17.35
CA ASP B 400 -1.48 50.58 18.17
C ASP B 400 -2.66 50.35 19.12
N ALA B 401 -3.71 49.73 18.64
CA ALA B 401 -4.82 49.40 19.52
C ALA B 401 -4.30 48.66 20.78
N LYS B 402 -3.61 47.55 20.57
CA LYS B 402 -3.05 46.78 21.68
C LYS B 402 -2.20 47.61 22.65
N GLU B 403 -1.19 48.32 22.16
CA GLU B 403 -0.45 49.16 23.08
C GLU B 403 -1.41 50.11 23.84
N ASN B 404 -2.37 50.69 23.13
CA ASN B 404 -3.28 51.61 23.79
C ASN B 404 -4.05 50.90 24.91
N LEU B 405 -4.55 49.69 24.62
CA LEU B 405 -5.23 48.90 25.63
C LEU B 405 -4.33 48.66 26.86
N LYS B 406 -3.09 48.26 26.61
CA LYS B 406 -2.12 48.01 27.68
C LYS B 406 -1.98 49.26 28.55
N VAL B 407 -1.44 50.29 27.94
CA VAL B 407 -1.14 51.51 28.65
C VAL B 407 -2.33 52.17 29.37
N SER B 408 -3.52 51.96 28.87
CA SER B 408 -4.61 52.76 29.37
C SER B 408 -5.49 52.01 30.34
N TYR B 409 -5.37 50.68 30.34
CA TYR B 409 -6.25 49.87 31.17
C TYR B 409 -5.49 48.69 31.74
N ASP B 410 -4.18 48.70 31.57
CA ASP B 410 -3.35 47.70 32.19
C ASP B 410 -3.72 46.29 31.75
N PHE B 411 -4.26 46.13 30.55
CA PHE B 411 -4.42 44.79 30.02
C PHE B 411 -3.05 44.28 29.61
N THR B 412 -2.95 42.98 29.42
CA THR B 412 -1.67 42.37 29.11
C THR B 412 -1.64 41.98 27.64
N GLU B 413 -0.44 41.99 27.06
CA GLU B 413 -0.23 41.52 25.70
C GLU B 413 -1.26 40.46 25.28
N GLU B 414 -1.32 39.35 26.02
CA GLU B 414 -2.22 38.25 25.68
C GLU B 414 -3.70 38.62 25.75
N GLN B 415 -4.06 39.47 26.68
CA GLN B 415 -5.44 39.92 26.78
C GLN B 415 -5.75 40.92 25.67
N ALA B 416 -4.81 41.81 25.37
CA ALA B 416 -5.02 42.81 24.34
C ALA B 416 -5.27 42.13 23.01
N GLU B 417 -4.40 41.20 22.67
CA GLU B 417 -4.59 40.39 21.49
C GLU B 417 -5.99 39.80 21.50
N ALA B 418 -6.35 39.11 22.58
CA ALA B 418 -7.66 38.45 22.64
C ALA B 418 -8.79 39.42 22.34
N ILE B 419 -8.76 40.55 23.02
CA ILE B 419 -9.82 41.54 22.96
C ILE B 419 -9.94 42.03 21.54
N VAL B 420 -8.86 42.66 21.10
CA VAL B 420 -8.76 43.30 19.80
C VAL B 420 -9.11 42.40 18.59
N THR B 421 -9.06 41.09 18.76
CA THR B 421 -9.38 40.21 17.65
C THR B 421 -10.75 39.51 17.78
N LEU B 422 -11.60 40.07 18.63
CA LEU B 422 -12.98 39.59 18.75
C LEU B 422 -13.79 40.11 17.58
N GLN B 423 -14.64 39.27 17.01
CA GLN B 423 -15.50 39.69 15.92
C GLN B 423 -16.66 40.55 16.41
N LEU B 424 -17.04 41.55 15.63
CA LEU B 424 -18.07 42.50 16.04
C LEU B 424 -19.27 41.90 16.75
N TYR B 425 -19.85 40.84 16.18
CA TYR B 425 -21.05 40.26 16.75
C TYR B 425 -20.88 39.83 18.21
N ARG B 426 -19.65 39.62 18.64
CA ARG B 426 -19.41 39.34 20.05
C ARG B 426 -19.98 40.46 20.92
N LEU B 427 -19.90 41.70 20.45
CA LEU B 427 -20.44 42.83 21.20
C LEU B 427 -21.96 42.77 21.45
N THR B 428 -22.58 41.62 21.15
CA THR B 428 -24.01 41.40 21.41
C THR B 428 -24.21 40.55 22.66
N ASN B 429 -23.70 39.33 22.63
CA ASN B 429 -23.66 38.44 23.80
C ASN B 429 -22.67 38.97 24.84
N THR B 430 -23.14 39.91 25.66
CA THR B 430 -22.23 40.61 26.56
C THR B 430 -22.61 40.35 28.03
N ASP B 431 -22.97 39.11 28.32
CA ASP B 431 -23.39 38.65 29.64
C ASP B 431 -22.21 38.15 30.49
N VAL B 432 -21.92 38.85 31.59
CA VAL B 432 -20.76 38.53 32.42
C VAL B 432 -20.97 37.35 33.39
N VAL B 433 -22.13 37.30 34.05
CA VAL B 433 -22.49 36.18 34.91
C VAL B 433 -22.14 34.82 34.28
N VAL B 434 -22.13 34.76 32.96
CA VAL B 434 -21.81 33.53 32.27
C VAL B 434 -20.29 33.35 32.25
N LEU B 435 -19.59 34.47 32.14
CA LEU B 435 -18.15 34.47 32.11
C LEU B 435 -17.60 34.16 33.47
N GLN B 436 -18.26 34.70 34.49
CA GLN B 436 -17.87 34.43 35.86
C GLN B 436 -18.00 32.95 36.16
N GLU B 437 -19.04 32.32 35.65
CA GLU B 437 -19.21 30.88 35.82
C GLU B 437 -17.96 30.16 35.31
N GLU B 438 -17.57 30.45 34.07
CA GLU B 438 -16.40 29.82 33.46
C GLU B 438 -15.11 30.14 34.23
N GLU B 439 -14.97 31.39 34.68
CA GLU B 439 -13.83 31.76 35.51
C GLU B 439 -13.68 30.75 36.65
N ALA B 440 -14.79 30.40 37.28
CA ALA B 440 -14.77 29.50 38.42
C ALA B 440 -14.50 28.06 38.01
N GLU B 441 -15.36 27.52 37.16
CA GLU B 441 -15.16 26.18 36.65
C GLU B 441 -13.65 25.97 36.42
N LEU B 442 -12.97 27.06 36.04
CA LEU B 442 -11.57 27.03 35.62
C LEU B 442 -10.58 27.05 36.77
N ARG B 443 -10.91 27.81 37.80
CA ARG B 443 -10.07 27.83 39.00
C ARG B 443 -10.16 26.49 39.69
N GLU B 444 -11.39 26.04 39.97
CA GLU B 444 -11.62 24.68 40.43
C GLU B 444 -10.72 23.71 39.64
N LYS B 445 -10.85 23.72 38.32
CA LYS B 445 -10.00 22.88 37.46
C LYS B 445 -8.52 23.10 37.70
N ILE B 446 -8.05 24.35 37.62
CA ILE B 446 -6.65 24.61 37.87
C ILE B 446 -6.23 24.03 39.23
N ALA B 447 -7.12 24.14 40.22
CA ALA B 447 -6.85 23.69 41.58
C ALA B 447 -6.63 22.18 41.65
N MET B 448 -7.64 21.44 41.17
CA MET B 448 -7.65 19.98 41.20
C MET B 448 -6.39 19.44 40.54
N LEU B 449 -5.90 20.16 39.56
CA LEU B 449 -4.73 19.75 38.79
C LEU B 449 -3.45 20.11 39.51
N ALA B 450 -3.45 21.24 40.20
CA ALA B 450 -2.25 21.63 40.91
C ALA B 450 -1.99 20.64 42.06
N ALA B 451 -3.07 20.26 42.77
CA ALA B 451 -3.04 19.18 43.73
C ALA B 451 -2.26 17.99 43.20
N ILE B 452 -2.78 17.38 42.14
CA ILE B 452 -2.08 16.28 41.48
C ILE B 452 -0.59 16.51 41.28
N ILE B 453 -0.20 17.70 40.85
CA ILE B 453 1.20 17.91 40.58
C ILE B 453 2.04 17.97 41.86
N GLY B 454 1.45 18.50 42.93
CA GLY B 454 2.20 18.78 44.14
C GLY B 454 2.20 17.69 45.21
N ASP B 455 1.53 16.59 44.93
CA ASP B 455 1.27 15.59 45.95
C ASP B 455 1.16 14.17 45.37
N GLU B 456 2.29 13.48 45.32
CA GLU B 456 2.37 12.09 44.90
C GLU B 456 1.13 11.22 45.26
N ARG B 457 0.64 11.33 46.49
CA ARG B 457 -0.53 10.52 46.89
C ARG B 457 -1.80 10.85 46.09
N THR B 458 -2.07 12.13 45.86
CA THR B 458 -3.18 12.54 45.00
C THR B 458 -3.02 12.05 43.53
N MET B 459 -1.78 12.04 43.03
CA MET B 459 -1.49 11.48 41.72
C MET B 459 -1.74 9.97 41.65
N TYR B 460 -1.24 9.23 42.64
CA TYR B 460 -1.48 7.79 42.65
C TYR B 460 -2.97 7.48 42.83
N ASN B 461 -3.70 8.38 43.47
CA ASN B 461 -5.12 8.18 43.64
C ASN B 461 -5.87 8.28 42.35
N LEU B 462 -5.35 9.07 41.42
CA LEU B 462 -5.87 9.09 40.05
C LEU B 462 -5.49 7.80 39.38
N MET B 463 -4.19 7.56 39.23
CA MET B 463 -3.70 6.31 38.66
C MET B 463 -4.62 5.15 38.98
N LYS B 464 -5.17 5.15 40.19
CA LYS B 464 -6.05 4.10 40.64
C LYS B 464 -7.46 4.29 40.10
N LYS B 465 -8.06 5.46 40.36
CA LYS B 465 -9.40 5.78 39.81
C LYS B 465 -9.49 5.32 38.37
N GLU B 466 -8.49 5.71 37.59
CA GLU B 466 -8.44 5.47 36.16
C GLU B 466 -8.25 4.01 35.83
N LEU B 467 -7.34 3.35 36.54
CA LEU B 467 -7.10 1.95 36.26
C LEU B 467 -8.34 1.10 36.48
N ARG B 468 -9.27 1.62 37.29
CA ARG B 468 -10.49 0.89 37.56
C ARG B 468 -11.52 1.06 36.46
N GLU B 469 -11.75 2.30 36.05
CA GLU B 469 -12.62 2.60 34.92
C GLU B 469 -12.29 1.71 33.72
N VAL B 470 -11.00 1.67 33.35
CA VAL B 470 -10.52 0.78 32.30
C VAL B 470 -11.00 -0.63 32.57
N LYS B 471 -10.73 -1.10 33.79
CA LYS B 471 -11.15 -2.42 34.24
C LYS B 471 -12.66 -2.59 34.15
N LYS B 472 -13.43 -1.67 34.71
CA LYS B 472 -14.88 -1.79 34.64
C LYS B 472 -15.30 -1.92 33.19
N LYS B 473 -14.70 -1.09 32.35
CA LYS B 473 -15.13 -0.94 30.96
C LYS B 473 -14.78 -2.09 30.04
N PHE B 474 -13.69 -2.80 30.33
CA PHE B 474 -13.22 -3.83 29.40
C PHE B 474 -13.07 -5.19 30.05
N ALA B 475 -13.30 -5.26 31.36
CA ALA B 475 -13.05 -6.49 32.09
C ALA B 475 -13.78 -7.67 31.48
N THR B 476 -13.16 -8.83 31.53
CA THR B 476 -13.87 -10.07 31.17
C THR B 476 -13.41 -11.26 32.01
N PRO B 477 -14.14 -12.37 31.90
CA PRO B 477 -13.86 -13.59 32.66
C PRO B 477 -12.56 -14.22 32.23
N ARG B 478 -11.99 -15.07 33.07
CA ARG B 478 -10.90 -15.91 32.64
C ARG B 478 -11.39 -16.81 31.54
N LEU B 479 -10.44 -17.36 30.80
CA LEU B 479 -10.76 -18.37 29.82
C LEU B 479 -9.94 -19.62 30.16
N SER B 480 -8.73 -19.38 30.60
CA SER B 480 -7.86 -20.46 31.04
C SER B 480 -8.05 -20.70 32.54
N SER B 481 -8.11 -21.98 32.91
CA SER B 481 -8.31 -22.39 34.28
C SER B 481 -6.99 -22.86 34.86
N LEU B 482 -6.80 -22.66 36.15
CA LEU B 482 -5.53 -22.96 36.80
C LEU B 482 -5.57 -24.19 37.71
N GLU B 483 -4.50 -24.97 37.64
CA GLU B 483 -4.31 -26.16 38.48
C GLU B 483 -2.85 -26.20 38.94
N ASP B 484 -2.63 -26.43 40.23
CA ASP B 484 -1.27 -26.55 40.77
C ASP B 484 -0.79 -28.01 40.77
N GLY C 35 -3.38 -31.24 -3.38
CA GLY C 35 -4.77 -30.83 -3.48
C GLY C 35 -4.99 -29.34 -3.31
N LYS C 36 -5.42 -28.67 -4.38
CA LYS C 36 -5.79 -27.25 -4.33
C LYS C 36 -7.14 -27.11 -3.62
N LEU C 37 -7.99 -28.12 -3.77
CA LEU C 37 -9.36 -28.15 -3.23
C LEU C 37 -9.49 -28.50 -1.75
N THR C 38 -10.51 -27.95 -1.12
CA THR C 38 -10.87 -28.28 0.27
C THR C 38 -12.17 -29.06 0.26
N PRO C 39 -12.12 -30.34 0.68
CA PRO C 39 -13.19 -31.34 0.55
C PRO C 39 -14.29 -31.31 1.62
N ALA C 40 -15.44 -31.90 1.28
CA ALA C 40 -16.51 -32.10 2.25
C ALA C 40 -16.17 -33.26 3.22
N GLN C 41 -16.72 -33.22 4.42
CA GLN C 41 -16.35 -34.19 5.44
C GLN C 41 -16.83 -35.60 5.05
N SER C 42 -18.10 -35.72 4.70
CA SER C 42 -18.69 -37.02 4.38
C SER C 42 -19.15 -37.10 2.93
N LYS C 43 -18.78 -38.19 2.25
CA LYS C 43 -18.92 -38.31 0.79
C LYS C 43 -20.32 -38.70 0.30
N ASN C 44 -21.27 -37.79 0.46
CA ASN C 44 -22.64 -38.02 0.00
C ASN C 44 -23.01 -37.17 -1.23
N PRO C 45 -22.73 -37.69 -2.43
CA PRO C 45 -23.11 -37.00 -3.68
C PRO C 45 -24.61 -36.76 -3.82
N ALA C 46 -25.36 -36.79 -2.73
CA ALA C 46 -26.81 -36.57 -2.77
C ALA C 46 -27.21 -35.17 -2.31
N LYS C 47 -26.39 -34.58 -1.42
CA LYS C 47 -26.60 -33.20 -0.96
C LYS C 47 -25.30 -32.41 -1.05
N ASN C 48 -24.18 -33.10 -1.30
CA ASN C 48 -22.87 -32.48 -1.45
C ASN C 48 -22.81 -31.38 -2.52
N GLU C 49 -22.37 -30.19 -2.13
CA GLU C 49 -22.27 -29.05 -3.04
C GLU C 49 -20.81 -28.65 -3.28
N LEU C 50 -20.48 -28.37 -4.53
CA LEU C 50 -19.14 -27.93 -4.91
C LEU C 50 -19.16 -26.43 -5.14
N TYR C 51 -18.29 -25.70 -4.43
CA TYR C 51 -18.29 -24.23 -4.50
C TYR C 51 -17.12 -23.69 -5.34
N LEU C 52 -17.46 -23.00 -6.42
CA LEU C 52 -16.47 -22.40 -7.30
C LEU C 52 -16.31 -20.93 -6.96
N VAL C 53 -15.31 -20.63 -6.12
CA VAL C 53 -15.16 -19.29 -5.60
C VAL C 53 -14.05 -18.51 -6.31
N GLU C 54 -14.32 -17.25 -6.58
CA GLU C 54 -13.36 -16.39 -7.24
C GLU C 54 -12.30 -15.91 -6.24
N GLY C 55 -11.08 -16.42 -6.39
CA GLY C 55 -9.95 -15.95 -5.60
C GLY C 55 -9.72 -16.68 -4.27
N ASP C 56 -8.47 -16.68 -3.81
CA ASP C 56 -8.16 -17.29 -2.53
C ASP C 56 -8.60 -16.39 -1.39
N SER C 57 -8.63 -15.07 -1.64
CA SER C 57 -9.20 -14.15 -0.68
C SER C 57 -10.54 -14.70 -0.21
N ALA C 58 -11.58 -14.53 -1.04
CA ALA C 58 -12.87 -15.14 -0.74
C ALA C 58 -12.78 -16.67 -0.63
N GLY C 59 -11.83 -17.26 -1.34
CA GLY C 59 -11.60 -18.70 -1.24
C GLY C 59 -11.59 -19.17 0.20
N GLY C 60 -10.69 -18.60 1.00
CA GLY C 60 -10.61 -18.89 2.42
C GLY C 60 -11.82 -18.41 3.20
N SER C 61 -12.21 -17.15 3.01
CA SER C 61 -13.38 -16.60 3.69
C SER C 61 -14.58 -17.51 3.47
N ALA C 62 -14.45 -18.43 2.51
CA ALA C 62 -15.50 -19.39 2.18
C ALA C 62 -15.33 -20.70 2.92
N LYS C 63 -14.08 -21.18 3.05
CA LYS C 63 -13.81 -22.37 3.86
C LYS C 63 -14.38 -22.21 5.29
N GLN C 64 -13.92 -21.15 5.95
CA GLN C 64 -14.33 -20.76 7.30
C GLN C 64 -15.86 -20.69 7.48
N GLY C 65 -16.55 -19.98 6.61
CA GLY C 65 -17.97 -19.78 6.78
C GLY C 65 -18.89 -20.95 6.44
N ARG C 66 -18.33 -22.10 6.08
CA ARG C 66 -19.13 -23.17 5.49
C ARG C 66 -19.66 -24.18 6.50
N ASP C 67 -20.62 -24.98 6.05
CA ASP C 67 -21.01 -26.20 6.76
C ASP C 67 -20.16 -27.33 6.22
N ARG C 68 -19.10 -27.67 6.96
CA ARG C 68 -18.10 -28.62 6.47
C ARG C 68 -18.59 -30.04 6.17
N LYS C 69 -19.72 -30.45 6.74
CA LYS C 69 -20.16 -31.82 6.52
C LYS C 69 -20.53 -32.09 5.04
N PHE C 70 -21.13 -31.11 4.36
CA PHE C 70 -21.57 -31.36 2.97
C PHE C 70 -21.11 -30.34 1.91
N GLN C 71 -20.24 -29.40 2.28
CA GLN C 71 -19.83 -28.32 1.38
C GLN C 71 -18.33 -28.29 1.16
N ALA C 72 -17.92 -28.39 -0.09
CA ALA C 72 -16.51 -28.31 -0.43
C ALA C 72 -16.20 -26.95 -1.06
N ILE C 73 -14.92 -26.58 -1.09
CA ILE C 73 -14.54 -25.29 -1.62
C ILE C 73 -13.42 -25.47 -2.63
N LEU C 74 -13.57 -24.84 -3.78
CA LEU C 74 -12.53 -24.84 -4.80
C LEU C 74 -12.25 -23.39 -5.20
N PRO C 75 -11.17 -22.83 -4.66
CA PRO C 75 -10.75 -21.50 -5.08
C PRO C 75 -10.31 -21.50 -6.54
N LEU C 76 -10.85 -20.57 -7.32
CA LEU C 76 -10.44 -20.35 -8.70
C LEU C 76 -9.44 -19.20 -8.76
N ARG C 77 -8.17 -19.56 -8.82
CA ARG C 77 -7.10 -18.59 -8.84
C ARG C 77 -6.86 -18.07 -10.25
N GLY C 78 -7.42 -16.89 -10.55
CA GLY C 78 -7.19 -16.24 -11.84
C GLY C 78 -8.48 -15.92 -12.58
N LYS C 79 -8.40 -15.82 -13.90
CA LYS C 79 -9.61 -15.71 -14.72
C LYS C 79 -9.75 -17.04 -15.45
N VAL C 80 -10.86 -17.73 -15.21
CA VAL C 80 -11.09 -19.04 -15.82
C VAL C 80 -10.96 -18.97 -17.35
N ILE C 81 -10.21 -19.90 -17.92
CA ILE C 81 -9.94 -19.92 -19.35
C ILE C 81 -11.20 -19.95 -20.23
N ASN C 82 -11.14 -19.29 -21.38
CA ASN C 82 -12.24 -19.31 -22.34
C ASN C 82 -12.24 -20.60 -23.17
N THR C 83 -13.19 -21.47 -22.85
CA THR C 83 -13.28 -22.77 -23.52
C THR C 83 -13.76 -22.67 -24.95
N ALA C 84 -14.46 -21.58 -25.28
CA ALA C 84 -14.97 -21.42 -26.64
C ALA C 84 -13.91 -20.86 -27.60
N LYS C 85 -12.90 -20.21 -27.05
CA LYS C 85 -11.87 -19.56 -27.86
C LYS C 85 -10.63 -20.42 -28.12
N ALA C 86 -10.29 -21.30 -27.16
CA ALA C 86 -9.00 -21.98 -27.21
C ALA C 86 -9.06 -23.43 -27.71
N LYS C 87 -7.88 -24.02 -27.90
CA LYS C 87 -7.74 -25.38 -28.42
C LYS C 87 -8.08 -26.44 -27.35
N MET C 88 -8.85 -27.46 -27.74
CA MET C 88 -9.17 -28.56 -26.82
C MET C 88 -7.92 -29.31 -26.39
N ALA C 89 -6.79 -28.93 -27.00
CA ALA C 89 -5.47 -29.40 -26.59
C ALA C 89 -5.05 -28.61 -25.36
N ASP C 90 -4.92 -27.30 -25.56
CA ASP C 90 -4.52 -26.37 -24.50
C ASP C 90 -5.53 -26.32 -23.33
N ILE C 91 -6.82 -26.48 -23.63
CA ILE C 91 -7.86 -26.44 -22.60
C ILE C 91 -7.63 -27.49 -21.52
N LEU C 92 -7.17 -28.67 -21.92
CA LEU C 92 -6.98 -29.76 -20.98
C LEU C 92 -5.71 -29.56 -20.15
N LYS C 93 -4.67 -29.02 -20.77
CA LYS C 93 -3.44 -28.71 -20.02
C LYS C 93 -3.55 -27.40 -19.22
N ASN C 94 -4.72 -27.15 -18.63
CA ASN C 94 -4.94 -25.95 -17.80
C ASN C 94 -5.34 -26.26 -16.35
N GLU C 95 -4.38 -26.15 -15.43
CA GLU C 95 -4.59 -26.55 -14.04
C GLU C 95 -5.98 -26.22 -13.49
N GLU C 96 -6.48 -25.02 -13.76
CA GLU C 96 -7.75 -24.60 -13.18
C GLU C 96 -8.93 -25.43 -13.69
N ILE C 97 -8.76 -26.04 -14.86
CA ILE C 97 -9.79 -26.87 -15.48
C ILE C 97 -9.62 -28.34 -15.05
N ASN C 98 -8.38 -28.82 -15.04
CA ASN C 98 -8.07 -30.16 -14.58
C ASN C 98 -8.70 -30.45 -13.23
N THR C 99 -8.28 -29.68 -12.23
CA THR C 99 -8.70 -29.90 -10.86
C THR C 99 -10.20 -29.72 -10.71
N MET C 100 -10.86 -29.31 -11.80
CA MET C 100 -12.32 -29.32 -11.87
C MET C 100 -12.82 -30.62 -12.52
N ILE C 101 -12.09 -31.11 -13.52
CA ILE C 101 -12.42 -32.39 -14.12
C ILE C 101 -12.21 -33.50 -13.08
N TYR C 102 -11.15 -33.38 -12.26
CA TYR C 102 -10.88 -34.33 -11.18
C TYR C 102 -11.80 -34.16 -9.97
N THR C 103 -12.02 -32.91 -9.55
CA THR C 103 -12.89 -32.63 -8.40
C THR C 103 -14.37 -32.88 -8.69
N ILE C 104 -14.76 -32.79 -9.96
CA ILE C 104 -16.16 -33.03 -10.29
C ILE C 104 -16.39 -34.53 -10.37
N GLY C 105 -15.37 -35.25 -10.85
CA GLY C 105 -15.36 -36.70 -10.85
C GLY C 105 -16.22 -37.38 -11.90
N ALA C 106 -16.36 -36.76 -13.08
CA ALA C 106 -17.18 -37.31 -14.15
C ALA C 106 -16.46 -37.38 -15.50
N GLY C 107 -15.38 -36.60 -15.64
CA GLY C 107 -14.66 -36.52 -16.90
C GLY C 107 -15.44 -35.67 -17.89
N VAL C 108 -14.74 -35.01 -18.80
CA VAL C 108 -15.39 -34.08 -19.72
C VAL C 108 -15.63 -34.70 -21.10
N GLY C 109 -16.25 -33.93 -21.99
CA GLY C 109 -16.51 -34.38 -23.35
C GLY C 109 -17.78 -35.19 -23.46
N ALA C 110 -17.70 -36.29 -24.21
CA ALA C 110 -18.78 -37.27 -24.24
C ALA C 110 -18.47 -38.36 -23.22
N ASP C 111 -17.20 -38.42 -22.83
CA ASP C 111 -16.77 -39.34 -21.79
C ASP C 111 -17.31 -38.85 -20.44
N PHE C 112 -18.48 -38.20 -20.48
CA PHE C 112 -19.11 -37.60 -19.30
C PHE C 112 -20.28 -38.43 -18.77
N SER C 113 -20.04 -39.07 -17.62
CA SER C 113 -21.03 -39.89 -16.92
C SER C 113 -21.76 -39.07 -15.85
N ILE C 114 -22.89 -38.47 -16.22
CA ILE C 114 -23.60 -37.55 -15.33
C ILE C 114 -24.06 -38.15 -14.00
N GLU C 115 -23.94 -39.47 -13.86
CA GLU C 115 -24.40 -40.15 -12.66
C GLU C 115 -23.25 -40.47 -11.70
N ASP C 116 -22.07 -40.72 -12.27
CA ASP C 116 -20.87 -41.02 -11.47
C ASP C 116 -20.19 -39.72 -11.01
N ALA C 117 -20.97 -38.64 -10.95
CA ALA C 117 -20.48 -37.33 -10.48
C ALA C 117 -20.22 -37.38 -8.98
N ASN C 118 -20.06 -36.22 -8.36
CA ASN C 118 -19.79 -36.18 -6.92
C ASN C 118 -20.53 -35.13 -6.12
N TYR C 119 -21.41 -34.39 -6.78
CA TYR C 119 -22.14 -33.32 -6.12
C TYR C 119 -23.53 -33.14 -6.73
N ASP C 120 -24.51 -32.88 -5.87
CA ASP C 120 -25.87 -32.61 -6.33
C ASP C 120 -25.96 -31.25 -7.01
N LYS C 121 -25.50 -30.23 -6.29
CA LYS C 121 -25.53 -28.87 -6.78
C LYS C 121 -24.09 -28.35 -6.92
N ILE C 122 -23.78 -27.69 -8.03
CA ILE C 122 -22.49 -27.01 -8.20
C ILE C 122 -22.69 -25.50 -8.26
N ILE C 123 -22.24 -24.79 -7.23
CA ILE C 123 -22.54 -23.38 -7.10
C ILE C 123 -21.35 -22.47 -7.42
N ILE C 124 -21.59 -21.46 -8.25
CA ILE C 124 -20.55 -20.53 -8.65
C ILE C 124 -20.62 -19.26 -7.82
N MET C 125 -19.63 -19.08 -6.96
CA MET C 125 -19.61 -17.97 -6.02
C MET C 125 -18.55 -16.91 -6.38
N THR C 126 -19.03 -15.73 -6.76
CA THR C 126 -18.14 -14.66 -7.22
C THR C 126 -18.52 -13.31 -6.62
N ASP C 127 -17.54 -12.41 -6.62
CA ASP C 127 -17.75 -11.02 -6.23
C ASP C 127 -18.98 -10.53 -6.95
N ALA C 128 -19.75 -9.66 -6.30
CA ALA C 128 -20.85 -9.02 -6.97
C ALA C 128 -20.29 -7.86 -7.77
N ASP C 129 -19.20 -8.12 -8.51
CA ASP C 129 -18.63 -7.09 -9.37
C ASP C 129 -18.59 -7.47 -10.86
N THR C 130 -18.10 -6.52 -11.65
CA THR C 130 -17.99 -6.66 -13.09
C THR C 130 -17.23 -7.91 -13.43
N ASP C 131 -16.01 -7.99 -12.92
CA ASP C 131 -15.14 -9.13 -13.17
C ASP C 131 -15.73 -10.45 -12.68
N GLY C 132 -16.47 -10.39 -11.57
CA GLY C 132 -17.10 -11.57 -11.04
C GLY C 132 -18.09 -12.07 -12.07
N ALA C 133 -18.76 -11.11 -12.69
CA ALA C 133 -19.68 -11.37 -13.77
C ALA C 133 -18.93 -12.06 -14.92
N HIS C 134 -17.81 -11.47 -15.33
CA HIS C 134 -17.00 -12.02 -16.41
C HIS C 134 -16.73 -13.48 -16.11
N ILE C 135 -16.35 -13.75 -14.87
CA ILE C 135 -16.05 -15.12 -14.46
C ILE C 135 -17.30 -16.00 -14.53
N GLN C 136 -18.40 -15.54 -13.96
CA GLN C 136 -19.63 -16.30 -14.03
C GLN C 136 -19.80 -16.75 -15.48
N THR C 137 -19.42 -15.89 -16.40
CA THR C 137 -19.51 -16.19 -17.82
C THR C 137 -18.61 -17.36 -18.24
N LEU C 138 -17.31 -17.11 -18.28
CA LEU C 138 -16.33 -18.11 -18.70
C LEU C 138 -16.62 -19.48 -18.11
N LEU C 139 -17.10 -19.51 -16.87
CA LEU C 139 -17.41 -20.79 -16.24
C LEU C 139 -18.57 -21.44 -16.96
N LEU C 140 -19.70 -20.73 -17.00
CA LEU C 140 -20.87 -21.22 -17.72
C LEU C 140 -20.50 -21.85 -19.06
N THR C 141 -19.81 -21.09 -19.92
CA THR C 141 -19.45 -21.61 -21.23
C THR C 141 -18.71 -22.95 -21.15
N PHE C 142 -17.96 -23.16 -20.08
CA PHE C 142 -17.32 -24.46 -19.86
C PHE C 142 -18.33 -25.54 -19.45
N PHE C 143 -19.24 -25.17 -18.56
CA PHE C 143 -20.28 -26.10 -18.06
C PHE C 143 -21.37 -26.36 -19.10
N TYR C 144 -21.11 -25.98 -20.33
CA TYR C 144 -22.06 -26.12 -21.40
C TYR C 144 -21.32 -26.75 -22.56
N ARG C 145 -20.20 -26.14 -22.93
CA ARG C 145 -19.35 -26.70 -23.96
C ARG C 145 -19.00 -28.13 -23.63
N TYR C 146 -18.56 -28.36 -22.39
CA TYR C 146 -17.93 -29.63 -22.04
C TYR C 146 -18.60 -30.40 -20.90
N MET C 147 -19.81 -29.99 -20.52
CA MET C 147 -20.56 -30.68 -19.47
C MET C 147 -22.04 -30.35 -19.57
N ARG C 148 -22.54 -30.32 -20.80
CA ARG C 148 -23.93 -29.94 -21.07
C ARG C 148 -24.88 -30.59 -20.06
N PRO C 149 -24.77 -31.91 -19.86
CA PRO C 149 -25.64 -32.61 -18.90
C PRO C 149 -25.76 -31.90 -17.57
N LEU C 150 -24.65 -31.72 -16.84
CA LEU C 150 -24.71 -31.11 -15.52
C LEU C 150 -25.57 -29.85 -15.56
N VAL C 151 -25.50 -29.12 -16.68
CA VAL C 151 -26.27 -27.88 -16.82
C VAL C 151 -27.75 -28.16 -17.10
N GLU C 152 -28.03 -29.12 -17.97
CA GLU C 152 -29.43 -29.45 -18.32
C GLU C 152 -30.15 -30.10 -17.15
N ALA C 153 -29.38 -30.76 -16.28
CA ALA C 153 -29.94 -31.41 -15.10
C ALA C 153 -30.21 -30.43 -13.96
N GLY C 154 -30.26 -29.13 -14.30
CA GLY C 154 -30.53 -28.09 -13.32
C GLY C 154 -29.64 -28.09 -12.09
N HIS C 155 -28.43 -28.64 -12.26
CA HIS C 155 -27.50 -28.85 -11.16
C HIS C 155 -26.60 -27.64 -10.87
N VAL C 156 -26.28 -26.86 -11.91
CA VAL C 156 -25.41 -25.70 -11.73
C VAL C 156 -26.18 -24.48 -11.22
N TYR C 157 -25.65 -23.82 -10.19
CA TYR C 157 -26.27 -22.62 -9.65
C TYR C 157 -25.31 -21.45 -9.64
N ILE C 158 -25.74 -20.36 -9.04
CA ILE C 158 -24.98 -19.13 -9.02
C ILE C 158 -25.40 -18.40 -7.76
N ALA C 159 -24.47 -18.26 -6.81
CA ALA C 159 -24.81 -17.66 -5.51
C ALA C 159 -25.17 -16.19 -5.67
N LEU C 160 -25.72 -15.60 -4.63
CA LEU C 160 -26.18 -14.24 -4.75
C LEU C 160 -25.80 -13.38 -3.55
N PRO C 161 -24.50 -13.04 -3.44
CA PRO C 161 -24.06 -12.25 -2.28
C PRO C 161 -24.75 -10.88 -2.27
N PRO C 162 -24.72 -10.21 -1.11
CA PRO C 162 -25.43 -8.95 -0.89
C PRO C 162 -24.61 -7.72 -1.24
N LEU C 163 -25.31 -6.61 -1.45
CA LEU C 163 -24.70 -5.34 -1.82
C LEU C 163 -24.53 -4.41 -0.63
N TYR C 164 -25.44 -4.48 0.35
CA TYR C 164 -25.51 -3.46 1.40
C TYR C 164 -25.81 -3.98 2.83
N LYS C 165 -25.59 -3.11 3.82
CA LYS C 165 -25.88 -3.42 5.23
C LYS C 165 -26.39 -2.17 5.99
N ALA C 177 -29.18 -6.39 8.57
CA ALA C 177 -30.04 -5.59 7.71
C ALA C 177 -29.53 -5.49 6.27
N TYR C 178 -29.32 -6.64 5.63
CA TYR C 178 -28.77 -6.70 4.27
C TYR C 178 -29.83 -6.60 3.17
N ALA C 179 -29.43 -6.07 2.02
CA ALA C 179 -30.30 -5.96 0.85
C ALA C 179 -29.56 -6.44 -0.40
N TRP C 180 -30.26 -6.59 -1.51
CA TRP C 180 -29.66 -7.07 -2.75
C TRP C 180 -29.78 -6.11 -3.94
N THR C 181 -30.82 -5.28 -3.92
CA THR C 181 -31.05 -4.27 -4.96
C THR C 181 -31.20 -2.87 -4.35
N ASP C 182 -30.78 -1.84 -5.09
CA ASP C 182 -30.80 -0.46 -4.60
C ASP C 182 -32.18 -0.01 -4.10
N GLY C 183 -33.21 -0.82 -4.40
CA GLY C 183 -34.56 -0.56 -3.95
C GLY C 183 -34.82 -1.16 -2.58
N GLU C 184 -34.20 -2.32 -2.31
CA GLU C 184 -34.34 -3.00 -1.03
C GLU C 184 -33.57 -2.29 0.08
N LEU C 185 -32.74 -1.32 -0.31
CA LEU C 185 -32.00 -0.51 0.64
C LEU C 185 -32.88 0.62 1.19
N GLU C 186 -33.70 1.22 0.31
CA GLU C 186 -34.60 2.29 0.72
C GLU C 186 -35.62 1.81 1.77
N GLU C 187 -35.92 0.50 1.75
CA GLU C 187 -36.87 -0.10 2.68
C GLU C 187 -36.25 -0.31 4.07
N LEU C 188 -34.93 -0.47 4.10
CA LEU C 188 -34.19 -0.64 5.35
C LEU C 188 -33.86 0.71 5.98
N ARG C 189 -33.87 1.76 5.16
CA ARG C 189 -33.66 3.13 5.63
C ARG C 189 -34.74 3.52 6.64
N LYS C 190 -35.80 2.72 6.69
CA LYS C 190 -36.88 2.86 7.67
C LYS C 190 -36.57 2.04 8.94
N LEU C 198 -24.49 1.51 7.32
CA LEU C 198 -24.93 1.47 5.93
C LEU C 198 -23.83 0.98 4.97
N GLN C 199 -23.03 0.01 5.43
CA GLN C 199 -21.88 -0.51 4.67
C GLN C 199 -22.19 -0.96 3.22
N ARG C 200 -21.20 -0.80 2.34
CA ARG C 200 -21.34 -1.20 0.93
C ARG C 200 -20.28 -2.22 0.52
N TYR C 201 -20.71 -3.47 0.34
CA TYR C 201 -19.80 -4.57 0.03
C TYR C 201 -19.15 -4.44 -1.35
N LYS C 202 -17.82 -4.27 -1.36
CA LYS C 202 -17.06 -4.20 -2.60
C LYS C 202 -16.67 -5.59 -3.08
N GLY C 203 -17.33 -6.62 -2.56
CA GLY C 203 -17.05 -7.98 -2.98
C GLY C 203 -16.98 -8.97 -1.84
N LEU C 204 -16.83 -10.25 -2.17
CA LEU C 204 -16.86 -11.32 -1.18
C LEU C 204 -15.70 -11.22 -0.18
N GLY C 205 -14.55 -10.73 -0.65
CA GLY C 205 -13.33 -10.67 0.13
C GLY C 205 -13.35 -9.78 1.36
N GLU C 206 -14.09 -8.67 1.27
CA GLU C 206 -14.24 -7.74 2.38
C GLU C 206 -15.43 -8.12 3.25
N MET C 207 -15.79 -9.40 3.21
CA MET C 207 -16.90 -9.93 4.00
C MET C 207 -16.38 -10.91 5.05
N ASN C 208 -17.05 -10.98 6.20
CA ASN C 208 -16.60 -11.84 7.31
C ASN C 208 -17.17 -13.25 7.27
N ALA C 209 -16.35 -14.24 7.63
CA ALA C 209 -16.70 -15.64 7.46
C ALA C 209 -18.07 -16.04 8.05
N ASP C 210 -18.50 -15.37 9.11
CA ASP C 210 -19.81 -15.66 9.69
C ASP C 210 -20.90 -14.98 8.87
N GLN C 211 -20.63 -13.76 8.41
CA GLN C 211 -21.61 -13.01 7.64
C GLN C 211 -21.91 -13.67 6.29
N LEU C 212 -20.88 -14.16 5.58
CA LEU C 212 -21.07 -14.79 4.26
C LEU C 212 -21.97 -16.00 4.34
N TRP C 213 -22.11 -16.55 5.54
CA TRP C 213 -22.93 -17.74 5.73
C TRP C 213 -24.40 -17.37 5.81
N GLU C 214 -24.77 -16.64 6.86
CA GLU C 214 -26.15 -16.28 7.08
C GLU C 214 -26.77 -15.66 5.83
N THR C 215 -25.90 -15.16 4.94
CA THR C 215 -26.34 -14.33 3.82
C THR C 215 -26.34 -15.00 2.44
N THR C 216 -25.37 -15.86 2.18
CA THR C 216 -25.27 -16.47 0.84
C THR C 216 -24.88 -17.96 0.77
N MET C 217 -24.39 -18.52 1.87
CA MET C 217 -24.00 -19.93 1.89
C MET C 217 -24.98 -20.85 2.63
N ASN C 218 -25.76 -20.28 3.55
CA ASN C 218 -26.73 -21.06 4.30
C ASN C 218 -27.88 -21.51 3.42
N PRO C 219 -28.05 -22.84 3.29
CA PRO C 219 -29.10 -23.44 2.45
C PRO C 219 -30.50 -23.08 2.93
N GLU C 220 -30.61 -22.12 3.84
CA GLU C 220 -31.91 -21.64 4.32
C GLU C 220 -32.06 -20.14 4.07
N THR C 221 -31.01 -19.38 4.34
CA THR C 221 -31.07 -17.92 4.22
C THR C 221 -30.66 -17.42 2.83
N ARG C 222 -30.21 -18.31 1.95
CA ARG C 222 -29.62 -17.91 0.67
C ARG C 222 -30.62 -17.87 -0.49
N THR C 223 -30.20 -17.25 -1.59
CA THR C 223 -30.98 -17.27 -2.83
C THR C 223 -30.04 -17.63 -3.98
N LEU C 224 -30.29 -18.76 -4.65
CA LEU C 224 -29.44 -19.25 -5.73
C LEU C 224 -30.10 -19.18 -7.13
N ILE C 225 -29.51 -18.43 -8.05
CA ILE C 225 -29.96 -18.47 -9.44
C ILE C 225 -29.65 -19.86 -10.01
N ARG C 226 -30.68 -20.51 -10.56
CA ARG C 226 -30.55 -21.87 -11.09
C ARG C 226 -30.47 -21.92 -12.63
N VAL C 227 -29.28 -22.21 -13.14
CA VAL C 227 -29.03 -22.23 -14.58
C VAL C 227 -29.78 -23.35 -15.28
N THR C 228 -30.60 -22.97 -16.26
CA THR C 228 -31.31 -23.93 -17.14
C THR C 228 -31.15 -23.55 -18.61
N ILE C 229 -30.73 -24.50 -19.44
CA ILE C 229 -30.71 -24.28 -20.88
C ILE C 229 -32.12 -24.45 -21.44
N GLU C 230 -32.93 -23.40 -21.35
CA GLU C 230 -34.34 -23.44 -21.76
C GLU C 230 -34.54 -23.86 -23.23
N ASP C 231 -33.96 -23.08 -24.15
CA ASP C 231 -34.06 -23.36 -25.59
C ASP C 231 -32.68 -23.65 -26.18
N LEU C 232 -32.28 -24.92 -26.14
CA LEU C 232 -30.95 -25.36 -26.54
C LEU C 232 -30.36 -24.63 -27.77
N ALA C 233 -31.23 -24.09 -28.61
CA ALA C 233 -30.80 -23.42 -29.84
C ALA C 233 -30.51 -21.92 -29.64
N ARG C 234 -31.49 -21.18 -29.12
CA ARG C 234 -31.33 -19.74 -28.92
C ARG C 234 -30.29 -19.49 -27.83
N ALA C 235 -29.79 -20.57 -27.24
CA ALA C 235 -28.75 -20.47 -26.23
C ALA C 235 -27.38 -20.72 -26.87
N GLU C 236 -27.29 -21.74 -27.71
CA GLU C 236 -26.04 -22.04 -28.43
C GLU C 236 -25.51 -20.82 -29.19
N ARG C 237 -26.42 -20.04 -29.76
CA ARG C 237 -26.08 -18.82 -30.48
C ARG C 237 -25.49 -17.74 -29.56
N ARG C 238 -26.04 -17.63 -28.35
CA ARG C 238 -25.58 -16.60 -27.42
C ARG C 238 -24.21 -16.88 -26.84
N VAL C 239 -24.00 -18.10 -26.34
CA VAL C 239 -22.67 -18.49 -25.89
C VAL C 239 -21.68 -18.45 -27.06
N ASN C 240 -22.12 -18.89 -28.25
CA ASN C 240 -21.23 -18.91 -29.43
C ASN C 240 -20.74 -17.53 -29.90
N VAL C 241 -21.56 -16.49 -29.70
CA VAL C 241 -21.22 -15.14 -30.16
C VAL C 241 -20.45 -14.32 -29.13
N LEU C 242 -20.96 -14.28 -27.90
CA LEU C 242 -20.29 -13.55 -26.83
C LEU C 242 -18.87 -14.06 -26.63
N MET C 243 -18.74 -15.36 -26.42
CA MET C 243 -17.46 -15.97 -26.07
C MET C 243 -16.72 -16.61 -27.25
N GLY C 244 -17.19 -16.38 -28.48
CA GLY C 244 -16.62 -17.00 -29.67
C GLY C 244 -15.31 -16.42 -30.19
N ASP C 245 -14.80 -17.00 -31.28
CA ASP C 245 -13.57 -16.52 -31.91
C ASP C 245 -13.84 -15.23 -32.69
N LYS C 246 -15.03 -15.11 -33.26
CA LYS C 246 -15.36 -13.99 -34.15
C LYS C 246 -15.65 -12.70 -33.40
N VAL C 247 -14.80 -11.69 -33.62
CA VAL C 247 -14.89 -10.40 -32.92
C VAL C 247 -16.05 -9.51 -33.37
N GLU C 248 -16.33 -9.52 -34.68
CA GLU C 248 -17.26 -8.56 -35.28
C GLU C 248 -18.74 -8.75 -34.88
N PRO C 249 -19.15 -10.01 -34.63
CA PRO C 249 -20.48 -10.33 -34.10
C PRO C 249 -20.65 -9.86 -32.64
N ARG C 250 -19.60 -10.02 -31.86
CA ARG C 250 -19.59 -9.52 -30.50
C ARG C 250 -19.79 -8.02 -30.52
N ARG C 251 -18.95 -7.33 -31.30
CA ARG C 251 -19.02 -5.88 -31.42
C ARG C 251 -20.45 -5.45 -31.70
N LYS C 252 -21.06 -6.03 -32.73
CA LYS C 252 -22.41 -5.67 -33.16
C LYS C 252 -23.40 -5.97 -32.05
N TRP C 253 -23.20 -7.08 -31.35
CA TRP C 253 -24.08 -7.48 -30.25
C TRP C 253 -24.05 -6.44 -29.15
N ILE C 254 -22.86 -5.97 -28.79
CA ILE C 254 -22.72 -4.92 -27.79
C ILE C 254 -23.42 -3.64 -28.26
N GLU C 255 -23.27 -3.33 -29.54
CA GLU C 255 -23.80 -2.08 -30.10
C GLU C 255 -25.33 -2.08 -30.10
N ASP C 256 -25.92 -3.25 -30.37
CA ASP C 256 -27.37 -3.37 -30.44
C ASP C 256 -28.02 -3.57 -29.07
N ASN C 257 -27.28 -4.14 -28.12
CA ASN C 257 -27.82 -4.52 -26.80
C ASN C 257 -27.36 -3.71 -25.58
N VAL C 258 -26.14 -3.18 -25.63
CA VAL C 258 -25.60 -2.41 -24.52
C VAL C 258 -25.94 -0.93 -24.65
N LYS C 259 -26.61 -0.37 -23.65
CA LYS C 259 -26.97 1.06 -23.69
C LYS C 259 -25.94 1.97 -22.98
N PHE C 260 -25.19 2.72 -23.78
CA PHE C 260 -24.12 3.57 -23.28
C PHE C 260 -24.62 4.89 -22.66
N THR C 261 -25.75 5.37 -23.18
CA THR C 261 -26.33 6.65 -22.79
C THR C 261 -25.75 7.74 -23.68
N LYS D 36 20.02 -16.33 -12.76
CA LYS D 36 20.26 -15.50 -11.57
C LYS D 36 21.31 -14.43 -11.84
N LEU D 37 22.54 -14.88 -12.08
CA LEU D 37 23.69 -14.02 -12.39
C LEU D 37 23.60 -13.27 -13.74
N THR D 38 24.23 -12.09 -13.78
CA THR D 38 24.43 -11.35 -15.01
C THR D 38 25.93 -11.26 -15.27
N PRO D 39 26.40 -11.91 -16.36
CA PRO D 39 27.84 -12.01 -16.57
C PRO D 39 28.46 -10.65 -16.91
N ALA D 40 29.78 -10.62 -17.04
CA ALA D 40 30.43 -9.51 -17.71
C ALA D 40 30.57 -9.88 -19.20
N GLN D 41 30.43 -8.89 -20.07
CA GLN D 41 30.43 -9.15 -21.52
C GLN D 41 31.73 -9.79 -22.01
N SER D 42 32.70 -9.96 -21.11
CA SER D 42 34.00 -10.50 -21.50
C SER D 42 34.78 -11.16 -20.35
N LYS D 43 34.96 -12.48 -20.44
CA LYS D 43 35.73 -13.24 -19.46
C LYS D 43 37.20 -12.78 -19.41
N ASN D 44 37.71 -12.62 -18.19
CA ASN D 44 39.03 -12.05 -17.94
C ASN D 44 39.34 -12.05 -16.45
N PRO D 45 39.59 -13.22 -15.88
CA PRO D 45 39.80 -13.47 -14.45
C PRO D 45 40.78 -12.51 -13.73
N ALA D 46 41.31 -11.53 -14.45
CA ALA D 46 42.29 -10.63 -13.85
C ALA D 46 41.77 -9.20 -13.65
N LYS D 47 40.73 -8.83 -14.38
CA LYS D 47 40.20 -7.45 -14.31
C LYS D 47 38.73 -7.39 -13.82
N ASN D 48 37.99 -8.47 -14.04
CA ASN D 48 36.55 -8.52 -13.76
C ASN D 48 36.14 -8.47 -12.28
N GLU D 49 35.04 -7.79 -12.01
CA GLU D 49 34.52 -7.60 -10.66
C GLU D 49 33.15 -8.26 -10.50
N LEU D 50 32.99 -9.02 -9.42
CA LEU D 50 31.72 -9.66 -9.13
C LEU D 50 30.99 -8.91 -8.01
N TYR D 51 29.84 -8.34 -8.34
CA TYR D 51 29.06 -7.57 -7.38
C TYR D 51 27.99 -8.41 -6.67
N LEU D 52 28.22 -8.69 -5.39
CA LEU D 52 27.27 -9.40 -4.53
C LEU D 52 26.27 -8.44 -3.88
N VAL D 53 25.08 -8.36 -4.47
CA VAL D 53 24.13 -7.31 -4.17
C VAL D 53 23.01 -7.81 -3.26
N GLU D 54 22.39 -6.89 -2.52
CA GLU D 54 21.31 -7.26 -1.60
C GLU D 54 19.93 -7.13 -2.24
N GLY D 55 19.36 -8.26 -2.64
CA GLY D 55 18.01 -8.27 -3.19
C GLY D 55 17.90 -7.82 -4.64
N ASP D 56 16.96 -8.41 -5.37
CA ASP D 56 16.83 -8.18 -6.80
C ASP D 56 16.66 -6.72 -7.20
N SER D 57 15.94 -5.96 -6.38
CA SER D 57 15.67 -4.57 -6.72
C SER D 57 16.94 -3.72 -6.75
N ALA D 58 17.79 -3.86 -5.74
CA ALA D 58 19.09 -3.22 -5.81
C ALA D 58 19.92 -3.88 -6.91
N GLY D 59 19.97 -5.21 -6.91
CA GLY D 59 20.67 -5.93 -7.96
C GLY D 59 20.26 -5.55 -9.36
N GLY D 60 19.13 -4.85 -9.47
CA GLY D 60 18.61 -4.41 -10.76
C GLY D 60 19.08 -3.03 -11.12
N SER D 61 19.19 -2.14 -10.12
CA SER D 61 19.77 -0.84 -10.35
C SER D 61 21.21 -1.02 -10.74
N ALA D 62 21.82 -2.09 -10.24
CA ALA D 62 23.21 -2.37 -10.52
C ALA D 62 23.40 -2.88 -11.94
N LYS D 63 22.52 -3.77 -12.37
CA LYS D 63 22.57 -4.32 -13.73
C LYS D 63 22.46 -3.21 -14.78
N GLN D 64 22.07 -2.02 -14.33
CA GLN D 64 21.87 -0.89 -15.22
C GLN D 64 23.04 0.09 -15.17
N GLY D 65 23.73 0.13 -14.03
CA GLY D 65 24.82 1.06 -13.83
C GLY D 65 26.19 0.53 -14.19
N ARG D 66 26.34 -0.79 -14.15
CA ARG D 66 27.60 -1.46 -14.39
C ARG D 66 28.29 -0.97 -15.68
N ASP D 67 29.58 -1.31 -15.80
CA ASP D 67 30.29 -1.23 -17.07
C ASP D 67 30.32 -2.65 -17.61
N ARG D 68 29.24 -3.06 -18.27
CA ARG D 68 29.02 -4.47 -18.61
C ARG D 68 30.23 -5.22 -19.16
N LYS D 69 31.25 -4.50 -19.61
CA LYS D 69 32.45 -5.13 -20.17
C LYS D 69 33.25 -5.92 -19.12
N PHE D 70 33.17 -5.52 -17.85
CA PHE D 70 33.99 -6.14 -16.81
C PHE D 70 33.34 -6.23 -15.42
N GLN D 71 32.04 -5.94 -15.34
CA GLN D 71 31.33 -6.01 -14.06
C GLN D 71 30.13 -6.95 -14.13
N ALA D 72 30.20 -8.07 -13.40
CA ALA D 72 29.06 -8.97 -13.30
C ALA D 72 28.21 -8.60 -12.09
N ILE D 73 26.99 -9.12 -12.04
CA ILE D 73 26.08 -8.81 -10.95
C ILE D 73 25.39 -10.10 -10.48
N LEU D 74 25.70 -10.53 -9.26
CA LEU D 74 24.96 -11.65 -8.67
C LEU D 74 24.17 -11.18 -7.45
N PRO D 75 22.84 -11.13 -7.59
CA PRO D 75 21.94 -10.62 -6.54
C PRO D 75 21.65 -11.71 -5.52
N LEU D 76 21.69 -11.34 -4.23
CA LEU D 76 21.39 -12.26 -3.15
C LEU D 76 19.99 -12.00 -2.63
N ARG D 77 19.18 -13.05 -2.60
CA ARG D 77 17.76 -12.90 -2.30
C ARG D 77 17.45 -13.25 -0.85
N GLY D 78 17.37 -12.24 0.01
CA GLY D 78 17.09 -12.41 1.42
C GLY D 78 18.34 -12.56 2.30
N LYS D 79 18.13 -12.67 3.61
CA LYS D 79 19.25 -12.89 4.54
C LYS D 79 20.00 -14.17 4.13
N VAL D 80 21.33 -14.12 4.17
CA VAL D 80 22.14 -15.25 3.70
C VAL D 80 22.43 -16.27 4.81
N ILE D 81 22.57 -17.53 4.42
CA ILE D 81 22.69 -18.62 5.39
C ILE D 81 23.94 -18.54 6.24
N ASN D 82 23.78 -18.65 7.55
CA ASN D 82 24.92 -18.57 8.46
C ASN D 82 25.80 -19.80 8.36
N THR D 83 26.83 -19.73 7.52
CA THR D 83 27.71 -20.87 7.26
C THR D 83 28.41 -21.39 8.50
N ALA D 84 28.37 -20.60 9.57
CA ALA D 84 29.00 -20.97 10.84
C ALA D 84 28.06 -21.74 11.80
N LYS D 85 26.78 -21.38 11.79
CA LYS D 85 25.80 -22.02 12.67
C LYS D 85 25.30 -23.35 12.11
N ALA D 86 25.15 -23.43 10.79
CA ALA D 86 24.51 -24.58 10.16
C ALA D 86 25.50 -25.66 9.65
N LYS D 87 24.93 -26.81 9.29
CA LYS D 87 25.71 -27.99 8.92
C LYS D 87 26.20 -27.94 7.48
N MET D 88 27.49 -28.15 7.24
CA MET D 88 28.05 -28.12 5.86
C MET D 88 27.23 -29.02 4.94
N ALA D 89 26.34 -29.80 5.55
CA ALA D 89 25.33 -30.58 4.83
C ALA D 89 24.29 -29.65 4.20
N ASP D 90 23.41 -29.10 5.03
CA ASP D 90 22.38 -28.14 4.60
C ASP D 90 22.98 -26.89 3.95
N ILE D 91 24.28 -26.66 4.13
CA ILE D 91 24.97 -25.50 3.55
C ILE D 91 25.12 -25.63 2.04
N LEU D 92 25.43 -26.83 1.55
CA LEU D 92 25.58 -27.09 0.12
C LEU D 92 24.23 -27.21 -0.58
N LYS D 93 23.16 -27.09 0.21
CA LYS D 93 21.80 -27.20 -0.28
C LYS D 93 21.14 -25.84 -0.45
N ASN D 94 21.81 -24.79 0.04
CA ASN D 94 21.33 -23.42 -0.11
C ASN D 94 21.69 -22.85 -1.50
N GLU D 95 20.66 -22.62 -2.32
CA GLU D 95 20.83 -22.16 -3.71
C GLU D 95 21.72 -20.93 -3.82
N GLU D 96 21.48 -19.97 -2.94
CA GLU D 96 22.31 -18.77 -2.87
C GLU D 96 23.81 -19.11 -2.82
N ILE D 97 24.15 -20.09 -1.98
CA ILE D 97 25.54 -20.49 -1.80
C ILE D 97 26.08 -21.27 -2.99
N ASN D 98 25.31 -22.24 -3.48
CA ASN D 98 25.73 -23.01 -4.65
C ASN D 98 25.99 -22.07 -5.82
N THR D 99 25.03 -21.18 -6.12
CA THR D 99 25.19 -20.28 -7.26
C THR D 99 26.26 -19.23 -6.98
N MET D 100 27.02 -19.43 -5.92
CA MET D 100 28.12 -18.55 -5.57
C MET D 100 29.44 -19.27 -5.71
N ILE D 101 29.50 -20.50 -5.20
CA ILE D 101 30.70 -21.32 -5.34
C ILE D 101 30.96 -21.60 -6.82
N TYR D 102 29.88 -21.73 -7.60
CA TYR D 102 29.97 -22.08 -9.04
C TYR D 102 30.35 -20.92 -9.95
N THR D 103 29.87 -19.72 -9.63
CA THR D 103 30.19 -18.55 -10.44
C THR D 103 31.53 -17.94 -10.04
N ILE D 104 31.88 -18.02 -8.74
CA ILE D 104 33.21 -17.63 -8.29
C ILE D 104 34.21 -18.65 -8.86
N GLY D 105 33.67 -19.76 -9.35
CA GLY D 105 34.38 -20.72 -10.17
C GLY D 105 35.71 -21.21 -9.63
N ALA D 106 35.69 -21.71 -8.40
CA ALA D 106 36.88 -22.30 -7.77
C ALA D 106 36.55 -23.31 -6.67
N GLY D 107 35.28 -23.73 -6.60
CA GLY D 107 34.84 -24.67 -5.59
C GLY D 107 34.98 -24.09 -4.20
N VAL D 108 34.59 -24.85 -3.18
CA VAL D 108 34.62 -24.35 -1.80
C VAL D 108 35.40 -25.28 -0.86
N GLY D 109 36.00 -24.69 0.17
CA GLY D 109 36.64 -25.44 1.23
C GLY D 109 38.09 -25.75 0.97
N ALA D 110 38.43 -27.04 1.13
CA ALA D 110 39.78 -27.52 0.90
C ALA D 110 40.05 -27.77 -0.59
N ASP D 111 39.00 -28.11 -1.34
CA ASP D 111 39.12 -28.33 -2.78
C ASP D 111 39.17 -26.99 -3.54
N PHE D 112 39.49 -25.92 -2.82
CA PHE D 112 39.45 -24.54 -3.34
C PHE D 112 40.71 -24.10 -4.10
N SER D 113 40.62 -24.11 -5.43
CA SER D 113 41.72 -23.66 -6.29
C SER D 113 41.79 -22.12 -6.41
N ILE D 114 42.53 -21.48 -5.51
CA ILE D 114 42.67 -20.02 -5.51
C ILE D 114 42.96 -19.44 -6.90
N GLU D 115 43.74 -20.18 -7.69
CA GLU D 115 44.19 -19.72 -8.99
C GLU D 115 43.08 -19.77 -10.05
N ASP D 116 42.23 -20.79 -9.98
CA ASP D 116 41.15 -20.94 -10.96
C ASP D 116 40.05 -19.89 -10.79
N ALA D 117 40.30 -18.93 -9.89
CA ALA D 117 39.35 -17.85 -9.61
C ALA D 117 38.75 -17.25 -10.88
N ASN D 118 37.60 -16.60 -10.76
CA ASN D 118 36.94 -16.02 -11.92
C ASN D 118 37.04 -14.50 -11.98
N TYR D 119 37.09 -13.87 -10.81
CA TYR D 119 37.08 -12.42 -10.73
C TYR D 119 38.27 -11.94 -9.91
N ASP D 120 38.72 -10.74 -10.24
CA ASP D 120 39.85 -10.13 -9.54
C ASP D 120 39.41 -9.48 -8.23
N LYS D 121 38.28 -8.80 -8.27
CA LYS D 121 37.71 -8.17 -7.08
C LYS D 121 36.27 -8.66 -6.82
N ILE D 122 36.03 -9.21 -5.64
CA ILE D 122 34.67 -9.58 -5.19
C ILE D 122 34.11 -8.54 -4.22
N ILE D 123 33.06 -7.85 -4.64
CA ILE D 123 32.54 -6.69 -3.93
C ILE D 123 31.18 -6.96 -3.30
N ILE D 124 31.01 -6.58 -2.03
CA ILE D 124 29.74 -6.76 -1.35
C ILE D 124 29.00 -5.44 -1.27
N MET D 125 27.86 -5.35 -1.94
CA MET D 125 27.04 -4.14 -1.97
C MET D 125 25.71 -4.35 -1.23
N THR D 126 25.61 -3.78 -0.03
CA THR D 126 24.37 -3.86 0.70
C THR D 126 23.92 -2.46 1.06
N ASP D 127 22.64 -2.34 1.43
CA ASP D 127 22.08 -1.07 1.87
C ASP D 127 22.96 -0.49 2.97
N ALA D 128 22.86 0.81 3.20
CA ALA D 128 23.54 1.44 4.32
C ALA D 128 22.90 1.04 5.64
N ASP D 129 21.67 0.50 5.59
CA ASP D 129 20.91 0.13 6.79
C ASP D 129 21.49 -1.08 7.55
N THR D 130 20.87 -1.40 8.69
CA THR D 130 21.44 -2.39 9.61
C THR D 130 21.42 -3.79 9.02
N ASP D 131 20.27 -4.20 8.48
CA ASP D 131 20.18 -5.50 7.82
C ASP D 131 21.19 -5.67 6.68
N GLY D 132 21.63 -4.56 6.09
CA GLY D 132 22.67 -4.62 5.09
C GLY D 132 23.93 -5.01 5.82
N ALA D 133 24.14 -4.34 6.94
CA ALA D 133 25.26 -4.62 7.80
C ALA D 133 25.23 -6.08 8.19
N HIS D 134 24.06 -6.59 8.56
CA HIS D 134 23.91 -7.98 8.98
C HIS D 134 24.42 -8.97 7.92
N ILE D 135 23.98 -8.75 6.69
CA ILE D 135 24.39 -9.57 5.56
C ILE D 135 25.91 -9.56 5.37
N GLN D 136 26.50 -8.38 5.33
CA GLN D 136 27.94 -8.28 5.24
C GLN D 136 28.57 -9.29 6.17
N THR D 137 28.05 -9.35 7.39
CA THR D 137 28.48 -10.30 8.40
C THR D 137 28.36 -11.76 7.93
N LEU D 138 27.14 -12.15 7.60
CA LEU D 138 26.84 -13.48 7.08
C LEU D 138 27.71 -13.89 5.89
N LEU D 139 28.01 -12.95 5.01
CA LEU D 139 28.84 -13.26 3.85
C LEU D 139 30.28 -13.44 4.26
N LEU D 140 30.83 -12.43 4.93
CA LEU D 140 32.22 -12.49 5.39
C LEU D 140 32.52 -13.78 6.15
N THR D 141 31.58 -14.22 6.98
CA THR D 141 31.78 -15.48 7.68
C THR D 141 31.91 -16.63 6.68
N PHE D 142 31.14 -16.60 5.59
CA PHE D 142 31.28 -17.63 4.55
C PHE D 142 32.65 -17.57 3.89
N PHE D 143 33.01 -16.38 3.42
CA PHE D 143 34.27 -16.19 2.70
C PHE D 143 35.46 -16.40 3.61
N TYR D 144 35.25 -16.24 4.91
CA TYR D 144 36.29 -16.48 5.86
C TYR D 144 36.40 -17.97 6.16
N ARG D 145 35.27 -18.64 6.21
CA ARG D 145 35.22 -20.04 6.62
C ARG D 145 35.40 -21.04 5.47
N TYR D 146 34.74 -20.81 4.35
CA TYR D 146 34.76 -21.79 3.27
C TYR D 146 35.50 -21.31 2.02
N MET D 147 36.31 -20.27 2.20
CA MET D 147 37.12 -19.76 1.11
C MET D 147 38.22 -18.86 1.66
N ARG D 148 38.81 -19.27 2.78
CA ARG D 148 39.86 -18.49 3.44
C ARG D 148 40.81 -17.81 2.44
N PRO D 149 41.38 -18.59 1.49
CA PRO D 149 42.31 -18.11 0.45
C PRO D 149 41.90 -16.78 -0.23
N LEU D 150 40.64 -16.65 -0.66
CA LEU D 150 40.20 -15.43 -1.35
C LEU D 150 40.12 -14.23 -0.40
N VAL D 151 39.96 -14.50 0.89
CA VAL D 151 39.94 -13.44 1.92
C VAL D 151 41.36 -12.98 2.32
N GLU D 152 42.25 -13.93 2.62
CA GLU D 152 43.65 -13.61 2.99
C GLU D 152 44.42 -13.02 1.79
N ALA D 153 43.76 -12.99 0.63
CA ALA D 153 44.38 -12.49 -0.58
C ALA D 153 43.95 -11.07 -0.89
N GLY D 154 43.13 -10.51 -0.01
CA GLY D 154 42.64 -9.14 -0.14
C GLY D 154 41.82 -8.91 -1.40
N HIS D 155 41.11 -9.96 -1.81
CA HIS D 155 40.26 -9.94 -3.00
C HIS D 155 38.82 -9.58 -2.64
N VAL D 156 38.51 -9.59 -1.35
CA VAL D 156 37.15 -9.36 -0.92
C VAL D 156 36.94 -7.94 -0.41
N TYR D 157 36.07 -7.21 -1.08
CA TYR D 157 35.83 -5.79 -0.84
C TYR D 157 34.40 -5.52 -0.38
N ILE D 158 34.13 -4.29 0.04
CA ILE D 158 32.81 -3.90 0.50
C ILE D 158 32.46 -2.49 0.07
N ALA D 159 31.53 -2.37 -0.87
CA ALA D 159 31.14 -1.06 -1.39
C ALA D 159 30.62 -0.13 -0.31
N LEU D 160 30.85 1.16 -0.48
CA LEU D 160 30.35 2.14 0.47
C LEU D 160 29.40 3.12 -0.20
N PRO D 161 28.12 2.76 -0.31
CA PRO D 161 27.13 3.67 -0.87
C PRO D 161 27.07 4.95 -0.05
N PRO D 162 26.44 5.99 -0.59
CA PRO D 162 26.30 7.28 0.11
C PRO D 162 25.07 7.34 1.00
N LEU D 163 25.21 7.97 2.16
CA LEU D 163 24.09 8.09 3.09
C LEU D 163 23.18 9.22 2.64
N TYR D 164 23.78 10.34 2.24
CA TYR D 164 23.01 11.55 1.94
C TYR D 164 23.36 12.07 0.55
N LYS D 165 22.53 12.96 0.03
CA LYS D 165 22.76 13.57 -1.28
C LYS D 165 22.17 14.98 -1.37
N TYR D 178 26.83 15.14 -2.33
CA TYR D 178 27.19 13.73 -2.14
C TYR D 178 28.13 13.54 -0.95
N ALA D 179 27.58 13.08 0.17
CA ALA D 179 28.35 12.91 1.40
C ALA D 179 28.09 11.55 2.05
N TRP D 180 29.17 10.94 2.53
CA TRP D 180 29.13 9.58 3.10
C TRP D 180 28.91 9.56 4.61
N THR D 181 29.74 10.29 5.34
CA THR D 181 29.64 10.35 6.80
C THR D 181 28.87 11.59 7.26
N ASP D 182 28.25 11.49 8.43
CA ASP D 182 27.43 12.57 8.98
C ASP D 182 28.16 13.92 8.95
N GLY D 183 29.49 13.86 9.06
CA GLY D 183 30.32 15.05 8.97
C GLY D 183 30.44 15.56 7.55
N GLU D 184 30.69 14.65 6.60
CA GLU D 184 30.75 15.02 5.19
C GLU D 184 29.43 15.65 4.74
N LEU D 185 28.43 15.60 5.63
CA LEU D 185 27.12 16.24 5.37
C LEU D 185 27.15 17.72 5.76
N GLU D 186 27.52 18.00 7.01
CA GLU D 186 27.59 19.37 7.52
C GLU D 186 28.41 20.28 6.60
N GLU D 187 29.38 19.70 5.91
CA GLU D 187 30.21 20.44 4.97
C GLU D 187 29.40 20.90 3.75
N LEU D 188 28.60 20.00 3.19
CA LEU D 188 27.86 20.29 1.95
C LEU D 188 26.77 21.36 2.12
N ARG D 189 26.45 21.70 3.36
CA ARG D 189 25.45 22.73 3.67
C ARG D 189 26.02 24.14 3.53
N LYS D 190 27.32 24.27 3.73
CA LYS D 190 28.02 25.52 3.46
C LYS D 190 27.94 25.84 1.96
N GLN D 191 28.97 25.46 1.21
CA GLN D 191 29.04 25.72 -0.22
C GLN D 191 27.80 25.17 -0.95
N LEU D 198 17.14 18.03 1.93
CA LEU D 198 18.11 16.97 1.62
C LEU D 198 17.45 15.60 1.45
N GLN D 199 18.10 14.75 0.64
CA GLN D 199 17.63 13.40 0.37
C GLN D 199 18.54 12.37 1.05
N ARG D 200 18.02 11.70 2.07
CA ARG D 200 18.76 10.63 2.74
C ARG D 200 18.40 9.28 2.11
N TYR D 201 19.40 8.40 2.00
CA TYR D 201 19.19 7.15 1.30
C TYR D 201 18.92 5.98 2.24
N LYS D 202 17.73 5.38 2.07
CA LYS D 202 17.24 4.29 2.92
C LYS D 202 17.70 2.93 2.38
N GLY D 203 18.47 2.95 1.31
CA GLY D 203 18.99 1.73 0.70
C GLY D 203 19.43 1.94 -0.74
N LEU D 204 20.25 1.02 -1.26
CA LEU D 204 20.76 1.13 -2.62
C LEU D 204 19.60 1.24 -3.64
N GLY D 205 18.43 0.69 -3.27
CA GLY D 205 17.28 0.62 -4.14
C GLY D 205 16.51 1.93 -4.41
N GLU D 206 16.64 2.90 -3.51
CA GLU D 206 16.00 4.19 -3.68
C GLU D 206 16.89 5.16 -4.46
N MET D 207 18.03 4.64 -4.94
CA MET D 207 18.98 5.40 -5.75
C MET D 207 18.80 5.07 -7.24
N ASN D 208 18.97 6.09 -8.11
CA ASN D 208 18.83 5.91 -9.56
C ASN D 208 20.09 5.31 -10.20
N ALA D 209 19.92 4.60 -11.31
CA ALA D 209 21.02 3.87 -11.96
C ALA D 209 22.31 4.69 -12.20
N ASP D 210 22.20 5.83 -12.84
CA ASP D 210 23.38 6.65 -13.15
C ASP D 210 23.98 7.28 -11.89
N GLN D 211 23.16 7.51 -10.87
CA GLN D 211 23.66 7.97 -9.56
C GLN D 211 24.51 6.88 -8.91
N LEU D 212 23.99 5.66 -8.92
CA LEU D 212 24.65 4.48 -8.39
C LEU D 212 26.07 4.32 -8.93
N TRP D 213 26.18 4.38 -10.25
CA TRP D 213 27.44 4.20 -10.95
C TRP D 213 28.50 5.15 -10.43
N GLU D 214 28.22 6.45 -10.58
CA GLU D 214 29.17 7.51 -10.25
C GLU D 214 29.65 7.44 -8.81
N THR D 215 28.80 6.97 -7.90
CA THR D 215 29.09 7.07 -6.47
C THR D 215 29.71 5.82 -5.85
N THR D 216 29.36 4.65 -6.36
CA THR D 216 29.82 3.40 -5.74
C THR D 216 30.46 2.37 -6.69
N MET D 217 29.97 2.30 -7.93
CA MET D 217 30.45 1.27 -8.84
C MET D 217 31.60 1.71 -9.77
N ASN D 218 31.61 3.00 -10.14
CA ASN D 218 32.69 3.55 -10.94
C ASN D 218 34.06 3.47 -10.26
N PRO D 219 35.01 2.80 -10.90
CA PRO D 219 36.35 2.62 -10.30
C PRO D 219 37.01 3.96 -10.01
N GLU D 220 36.94 4.87 -10.98
CA GLU D 220 37.58 6.19 -10.86
C GLU D 220 37.04 7.02 -9.69
N THR D 221 35.78 6.78 -9.32
CA THR D 221 35.06 7.68 -8.40
C THR D 221 34.54 7.03 -7.09
N ARG D 222 34.86 5.76 -6.86
CA ARG D 222 34.28 5.00 -5.74
C ARG D 222 35.26 4.75 -4.60
N THR D 223 34.72 4.61 -3.39
CA THR D 223 35.52 4.30 -2.20
C THR D 223 35.21 2.88 -1.74
N LEU D 224 36.25 2.08 -1.50
CA LEU D 224 36.07 0.67 -1.12
C LEU D 224 36.77 0.35 0.18
N ILE D 225 36.22 -0.58 0.95
CA ILE D 225 36.94 -1.18 2.08
C ILE D 225 37.49 -2.50 1.57
N ARG D 226 38.58 -2.98 2.16
CA ARG D 226 39.14 -4.27 1.77
C ARG D 226 39.40 -5.14 3.00
N VAL D 227 38.59 -6.19 3.18
CA VAL D 227 38.72 -7.03 4.38
C VAL D 227 40.04 -7.78 4.39
N THR D 228 40.96 -7.31 5.22
CA THR D 228 42.27 -7.92 5.40
C THR D 228 42.30 -8.63 6.76
N ILE D 229 42.56 -9.93 6.76
CA ILE D 229 42.71 -10.69 8.00
C ILE D 229 44.12 -10.46 8.58
N GLU D 230 44.23 -9.44 9.43
CA GLU D 230 45.54 -9.05 9.99
C GLU D 230 45.78 -9.69 11.37
N ASP D 231 45.39 -10.96 11.49
CA ASP D 231 45.53 -11.75 12.72
C ASP D 231 44.57 -12.95 12.66
N LEU D 232 45.09 -14.14 12.36
CA LEU D 232 44.23 -15.32 12.19
C LEU D 232 43.65 -15.82 13.52
N ALA D 233 44.18 -15.31 14.62
CA ALA D 233 43.69 -15.66 15.96
C ALA D 233 42.59 -14.72 16.49
N ARG D 234 42.89 -13.42 16.51
CA ARG D 234 41.92 -12.39 16.93
C ARG D 234 40.85 -12.11 15.86
N ALA D 235 40.90 -12.86 14.76
CA ALA D 235 39.89 -12.78 13.70
C ALA D 235 39.17 -14.12 13.54
N GLU D 236 39.50 -15.07 14.41
CA GLU D 236 38.74 -16.31 14.52
C GLU D 236 37.82 -16.21 15.74
N ARG D 237 38.40 -15.88 16.89
CA ARG D 237 37.63 -15.69 18.11
C ARG D 237 36.60 -14.57 17.93
N ARG D 238 36.68 -13.88 16.80
CA ARG D 238 35.71 -12.83 16.54
C ARG D 238 34.52 -13.37 15.78
N VAL D 239 34.77 -14.29 14.85
CA VAL D 239 33.67 -14.89 14.09
C VAL D 239 32.88 -15.88 14.96
N ASN D 240 33.59 -16.73 15.70
CA ASN D 240 32.91 -17.76 16.49
C ASN D 240 32.07 -17.24 17.64
N VAL D 241 32.50 -16.14 18.27
CA VAL D 241 31.71 -15.51 19.32
C VAL D 241 30.41 -14.97 18.75
N LEU D 242 30.53 -14.23 17.64
CA LEU D 242 29.40 -13.52 17.03
C LEU D 242 28.49 -14.38 16.14
N MET D 243 29.04 -15.39 15.48
CA MET D 243 28.22 -16.21 14.58
C MET D 243 28.15 -17.67 15.02
N GLY D 244 28.75 -17.98 16.17
CA GLY D 244 28.83 -19.33 16.67
C GLY D 244 27.51 -19.98 17.04
N ASP D 245 27.51 -21.31 17.12
CA ASP D 245 26.35 -22.05 17.57
C ASP D 245 25.96 -21.59 18.97
N LYS D 246 26.97 -21.25 19.79
CA LYS D 246 26.76 -20.99 21.22
C LYS D 246 26.31 -19.55 21.50
N VAL D 247 25.22 -19.42 22.25
CA VAL D 247 24.55 -18.13 22.49
C VAL D 247 25.10 -17.31 23.67
N GLU D 248 25.61 -17.97 24.70
CA GLU D 248 26.05 -17.25 25.90
C GLU D 248 27.21 -16.28 25.59
N PRO D 249 28.31 -16.81 25.03
CA PRO D 249 29.45 -15.97 24.64
C PRO D 249 28.96 -14.68 24.02
N ARG D 250 28.24 -14.80 22.90
CA ARG D 250 27.63 -13.67 22.22
C ARG D 250 26.80 -12.76 23.11
N ARG D 251 25.92 -13.33 23.94
CA ARG D 251 25.11 -12.47 24.81
C ARG D 251 26.05 -11.60 25.61
N LYS D 252 27.20 -12.17 26.00
CA LYS D 252 28.22 -11.45 26.76
C LYS D 252 28.90 -10.38 25.91
N TRP D 253 29.47 -10.80 24.78
CA TRP D 253 30.10 -9.87 23.85
C TRP D 253 29.20 -8.66 23.61
N ILE D 254 27.92 -8.90 23.38
CA ILE D 254 26.97 -7.80 23.21
C ILE D 254 27.00 -6.95 24.45
N GLU D 255 26.82 -7.58 25.61
CA GLU D 255 26.79 -6.90 26.91
C GLU D 255 28.06 -6.10 27.22
N ASP D 256 29.20 -6.55 26.70
CA ASP D 256 30.48 -5.89 26.95
C ASP D 256 30.80 -4.75 25.95
N ASN D 257 30.60 -4.99 24.65
CA ASN D 257 30.93 -3.98 23.64
C ASN D 257 29.80 -3.03 23.16
N VAL D 258 28.55 -3.47 23.21
CA VAL D 258 27.44 -2.64 22.74
C VAL D 258 26.95 -1.63 23.78
N LYS D 259 27.32 -0.37 23.62
CA LYS D 259 26.80 0.66 24.51
C LYS D 259 25.35 1.01 24.12
N PHE D 260 24.42 0.82 25.05
CA PHE D 260 23.01 1.11 24.84
C PHE D 260 22.64 2.55 25.25
N THR D 261 23.65 3.38 25.50
CA THR D 261 23.46 4.77 25.96
C THR D 261 22.62 4.87 27.23
#